data_1LS3
#
_entry.id   1LS3
#
_cell.length_a   114.084
_cell.length_b   114.084
_cell.length_c   156.719
_cell.angle_alpha   90.00
_cell.angle_beta   90.00
_cell.angle_gamma   90.00
#
_symmetry.space_group_name_H-M   'P 41'
#
loop_
_entity.id
_entity.type
_entity.pdbx_description
1 polymer 'Serine Hydroxymethyltransferase'
2 non-polymer "PYRIDOXAL-5'-PHOSPHATE"
3 non-polymer GLYCINE
4 non-polymer '2-[4-(4-{4-[(2-AMINO-5-FORMYL-4-OXO-3,4,5,6,7,8-HEXAHYDRO-PTERIDIN-6-YLMETHYL)-AMINO]-BENZOYLAMINO}-4-CARBOXY-BUTYRYLAM INO)-4-CARBOXY-BUTYRYLAMINO]-PENTANEDIOIC ACID'
5 non-polymer GLYCEROL
6 water water
#
_entity_poly.entity_id   1
_entity_poly.type   'polypeptide(L)'
_entity_poly.pdbx_seq_one_letter_code
;ATAVNGAPRDAALWSSHEQMLAQPLKDSDAEVYDIIKKESNRQRVGLELIASENFASRAVLEALGSCLNNKYSEGYPGQR
YYGGTEHIDELETLCQKRALQAYGLDPQCWGVNVQPYSGSPANFAVYTALVEPHGRIMGLDLPDGGHLTHGFMTDKKKIS
ATSIFFESMAYKVNPDTGYIDYDRLEENARLFHPKLIIAGTSCYSRNLDYGRLRKIADENGAYLMADMAHISGLVVAGVV
PSPFEHCHVVTTTTHKTLRGCRAGMIFYRRGVRSVDPKTGKEILYNLESLINSAVFPGLQGGPHNHAIAGVAVALKQAMT
PEFKEYQRQVVANCRALSAALVELGYKIVTGGSDNHLILVDLRSKGTDGGRAEKVLEACSIACNKNTCPGDKSALRPSGL
RLGTPALTSRGLLEKDFQKVAHFIHRGIELTVQIQDDTGPRATLKEFKEKLAGDEKHQRAVRALRQEVESFAALFPLPGL
PGF
;
_entity_poly.pdbx_strand_id   A,B,C,D
#
# COMPACT_ATOMS: atom_id res chain seq x y z
N ALA A 12 -3.94 -52.38 13.90
CA ALA A 12 -3.16 -53.02 12.80
C ALA A 12 -1.81 -53.48 13.32
N LEU A 13 -1.47 -54.75 13.05
CA LEU A 13 -0.20 -55.32 13.48
C LEU A 13 0.90 -54.31 13.18
N TRP A 14 1.50 -53.76 14.23
CA TRP A 14 2.55 -52.78 14.05
C TRP A 14 3.71 -53.26 13.19
N SER A 15 3.57 -54.44 12.59
CA SER A 15 4.63 -54.95 11.70
C SER A 15 4.28 -54.54 10.28
N SER A 16 2.98 -54.38 10.03
CA SER A 16 2.52 -53.94 8.72
C SER A 16 2.83 -52.46 8.65
N HIS A 17 2.60 -51.75 9.75
CA HIS A 17 2.89 -50.32 9.81
C HIS A 17 4.38 -50.08 9.64
N GLU A 18 5.18 -50.81 10.41
CA GLU A 18 6.62 -50.67 10.34
C GLU A 18 7.15 -51.04 8.96
N GLN A 19 6.49 -51.98 8.29
CA GLN A 19 6.93 -52.42 6.97
C GLN A 19 6.47 -51.50 5.84
N MET A 20 5.27 -50.90 5.99
CA MET A 20 4.74 -49.98 5.00
C MET A 20 5.76 -48.86 4.85
N LEU A 21 6.29 -48.44 5.99
CA LEU A 21 7.27 -47.35 6.05
C LEU A 21 8.64 -47.88 5.66
N ALA A 22 8.69 -49.15 5.28
CA ALA A 22 9.96 -49.78 4.93
C ALA A 22 10.02 -50.31 3.50
N GLN A 23 8.87 -50.53 2.88
CA GLN A 23 8.83 -51.04 1.51
C GLN A 23 9.39 -50.11 0.46
N PRO A 24 10.04 -50.66 -0.56
CA PRO A 24 10.60 -49.84 -1.63
C PRO A 24 9.36 -49.34 -2.37
N LEU A 25 9.45 -48.19 -3.02
CA LEU A 25 8.30 -47.62 -3.72
C LEU A 25 7.60 -48.58 -4.68
N LYS A 26 8.38 -49.30 -5.48
CA LYS A 26 7.83 -50.26 -6.45
C LYS A 26 6.67 -51.05 -5.88
N ASP A 27 6.79 -51.44 -4.61
CA ASP A 27 5.76 -52.22 -3.94
C ASP A 27 4.73 -51.42 -3.18
N SER A 28 5.17 -50.34 -2.53
CA SER A 28 4.29 -49.51 -1.72
C SER A 28 3.22 -48.80 -2.54
N ASP A 29 3.54 -48.45 -3.79
CA ASP A 29 2.60 -47.76 -4.65
C ASP A 29 2.89 -48.11 -6.10
N ALA A 30 1.99 -48.85 -6.73
CA ALA A 30 2.18 -49.24 -8.11
C ALA A 30 1.89 -48.09 -9.04
N GLU A 31 0.70 -47.51 -8.95
CA GLU A 31 0.31 -46.40 -9.81
C GLU A 31 1.49 -45.43 -9.99
N VAL A 32 1.93 -44.84 -8.88
CA VAL A 32 3.01 -43.88 -8.93
C VAL A 32 4.29 -44.47 -9.52
N TYR A 33 4.81 -45.53 -8.93
CA TYR A 33 6.04 -46.13 -9.47
C TYR A 33 5.95 -46.35 -11.00
N ASP A 34 4.73 -46.56 -11.49
CA ASP A 34 4.50 -46.80 -12.91
C ASP A 34 4.57 -45.48 -13.68
N ILE A 35 4.03 -44.43 -13.09
CA ILE A 35 4.07 -43.13 -13.71
C ILE A 35 5.54 -42.79 -13.94
N ILE A 36 6.30 -42.81 -12.85
CA ILE A 36 7.71 -42.51 -12.88
C ILE A 36 8.41 -43.27 -14.00
N LYS A 37 8.15 -44.57 -14.11
CA LYS A 37 8.78 -45.37 -15.15
C LYS A 37 8.45 -44.90 -16.57
N LYS A 38 7.22 -44.43 -16.79
CA LYS A 38 6.82 -43.96 -18.13
C LYS A 38 7.40 -42.60 -18.44
N GLU A 39 7.73 -41.86 -17.38
CA GLU A 39 8.31 -40.55 -17.55
C GLU A 39 9.76 -40.72 -17.98
N SER A 40 10.43 -41.67 -17.34
CA SER A 40 11.82 -41.95 -17.65
C SER A 40 11.94 -42.45 -19.07
N ASN A 41 10.99 -43.24 -19.52
CA ASN A 41 11.04 -43.75 -20.89
C ASN A 41 10.87 -42.56 -21.83
N ARG A 42 9.89 -41.73 -21.52
CA ARG A 42 9.63 -40.53 -22.30
C ARG A 42 10.89 -39.66 -22.43
N GLN A 43 11.53 -39.37 -21.31
CA GLN A 43 12.74 -38.53 -21.31
C GLN A 43 13.88 -39.17 -22.09
N ARG A 44 13.87 -40.49 -22.17
CA ARG A 44 14.93 -41.24 -22.86
C ARG A 44 14.87 -41.20 -24.39
N VAL A 45 13.67 -41.38 -24.95
CA VAL A 45 13.49 -41.40 -26.41
C VAL A 45 13.20 -40.06 -27.04
N GLY A 46 13.08 -39.01 -26.23
CA GLY A 46 12.79 -37.70 -26.77
C GLY A 46 14.00 -36.79 -26.86
N LEU A 47 13.90 -35.77 -27.69
CA LEU A 47 14.97 -34.81 -27.83
C LEU A 47 14.59 -33.58 -27.01
N GLU A 48 15.14 -33.51 -25.80
CA GLU A 48 14.84 -32.41 -24.89
C GLU A 48 15.63 -31.14 -25.23
N LEU A 49 14.93 -30.17 -25.81
CA LEU A 49 15.54 -28.90 -26.22
C LEU A 49 15.07 -27.65 -25.47
N ILE A 50 14.16 -27.81 -24.53
CA ILE A 50 13.70 -26.67 -23.77
C ILE A 50 14.88 -26.13 -22.92
N ALA A 51 15.26 -24.89 -23.19
CA ALA A 51 16.37 -24.24 -22.53
C ALA A 51 16.48 -24.34 -21.02
N SER A 52 15.36 -24.53 -20.33
CA SER A 52 15.41 -24.59 -18.87
C SER A 52 15.51 -25.98 -18.30
N GLU A 53 15.55 -26.96 -19.18
CA GLU A 53 15.63 -28.37 -18.80
C GLU A 53 17.05 -28.91 -18.80
N ASN A 54 17.31 -29.86 -17.89
CA ASN A 54 18.61 -30.53 -17.75
C ASN A 54 18.34 -31.86 -17.06
N PHE A 55 19.40 -32.64 -16.83
CA PHE A 55 19.25 -33.93 -16.16
C PHE A 55 20.18 -33.99 -14.96
N ALA A 56 19.60 -34.04 -13.76
CA ALA A 56 20.38 -34.09 -12.53
C ALA A 56 21.11 -35.41 -12.37
N SER A 57 22.33 -35.33 -11.85
CA SER A 57 23.15 -36.52 -11.65
C SER A 57 22.56 -37.46 -10.61
N ARG A 58 23.08 -38.68 -10.60
CA ARG A 58 22.62 -39.70 -9.68
C ARG A 58 22.92 -39.30 -8.24
N ALA A 59 24.12 -38.75 -8.04
CA ALA A 59 24.57 -38.33 -6.74
C ALA A 59 23.60 -37.33 -6.13
N VAL A 60 23.16 -36.37 -6.94
CA VAL A 60 22.23 -35.35 -6.50
C VAL A 60 20.91 -36.00 -6.10
N LEU A 61 20.27 -36.71 -7.03
CA LEU A 61 19.00 -37.37 -6.74
C LEU A 61 19.12 -38.28 -5.51
N GLU A 62 20.25 -38.95 -5.39
CA GLU A 62 20.46 -39.85 -4.25
C GLU A 62 20.35 -39.08 -2.94
N ALA A 63 20.81 -37.83 -2.94
CA ALA A 63 20.76 -37.00 -1.75
C ALA A 63 19.31 -36.62 -1.39
N LEU A 64 18.50 -36.30 -2.40
CA LEU A 64 17.11 -35.91 -2.15
C LEU A 64 16.35 -36.89 -1.26
N GLY A 65 16.52 -38.19 -1.51
CA GLY A 65 15.82 -39.18 -0.72
C GLY A 65 16.36 -39.51 0.66
N SER A 66 17.40 -38.81 1.10
CA SER A 66 17.98 -39.08 2.42
C SER A 66 17.06 -38.71 3.58
N CYS A 67 17.47 -39.07 4.80
CA CYS A 67 16.69 -38.77 5.99
C CYS A 67 16.70 -37.28 6.31
N LEU A 68 17.46 -36.50 5.55
CA LEU A 68 17.53 -35.06 5.75
C LEU A 68 16.14 -34.44 5.62
N ASN A 69 15.23 -35.16 4.99
CA ASN A 69 13.84 -34.73 4.82
C ASN A 69 13.17 -34.51 6.18
N ASN A 70 13.53 -35.34 7.14
CA ASN A 70 12.94 -35.32 8.45
C ASN A 70 13.23 -34.18 9.41
N LYS A 71 14.40 -33.55 9.30
CA LYS A 71 14.77 -32.50 10.24
C LYS A 71 14.28 -31.08 9.98
N TYR A 72 13.71 -30.48 11.02
CA TYR A 72 13.24 -29.10 10.98
C TYR A 72 14.42 -28.26 11.51
N SER A 73 14.89 -27.31 10.73
CA SER A 73 15.99 -26.47 11.17
C SER A 73 15.76 -24.98 10.89
N GLU A 74 14.63 -24.44 11.35
CA GLU A 74 14.31 -23.02 11.13
C GLU A 74 15.38 -22.10 11.71
N GLY A 75 15.80 -21.12 10.91
CA GLY A 75 16.84 -20.21 11.36
C GLY A 75 18.12 -20.42 10.56
N TYR A 76 19.26 -20.26 11.22
CA TYR A 76 20.55 -20.46 10.54
C TYR A 76 21.59 -21.11 11.44
N PRO A 77 22.69 -21.61 10.86
CA PRO A 77 23.72 -22.24 11.68
C PRO A 77 24.16 -21.29 12.79
N GLY A 78 24.17 -21.77 14.02
CA GLY A 78 24.53 -20.95 15.14
C GLY A 78 23.28 -20.39 15.82
N GLN A 79 22.24 -20.11 15.02
CA GLN A 79 21.00 -19.56 15.55
C GLN A 79 19.74 -20.30 15.06
N ARG A 80 19.56 -21.52 15.54
CA ARG A 80 18.40 -22.34 15.16
C ARG A 80 17.28 -22.24 16.22
N TYR A 81 16.08 -22.71 15.87
CA TYR A 81 14.95 -22.69 16.82
C TYR A 81 14.60 -24.08 17.33
N TYR A 82 15.28 -25.10 16.80
CA TYR A 82 15.06 -26.48 17.18
C TYR A 82 16.35 -27.11 17.67
N GLY A 83 16.23 -28.23 18.37
CA GLY A 83 17.40 -28.90 18.88
C GLY A 83 17.77 -30.18 18.16
N GLY A 84 19.04 -30.32 17.81
CA GLY A 84 19.51 -31.51 17.13
C GLY A 84 19.91 -31.18 15.71
N THR A 85 20.38 -29.96 15.48
CA THR A 85 20.77 -29.54 14.14
C THR A 85 22.27 -29.66 13.82
N GLU A 86 23.01 -30.34 14.69
N GLU A 86 23.01 -30.32 14.69
CA GLU A 86 24.45 -30.52 14.52
CA GLU A 86 24.46 -30.48 14.50
C GLU A 86 24.86 -30.87 13.10
C GLU A 86 24.86 -30.86 13.08
N HIS A 87 24.21 -31.87 12.52
CA HIS A 87 24.53 -32.30 11.18
C HIS A 87 23.96 -31.40 10.11
N ILE A 88 22.77 -30.87 10.33
CA ILE A 88 22.17 -29.95 9.35
C ILE A 88 23.06 -28.71 9.32
N ASP A 89 23.66 -28.36 10.46
CA ASP A 89 24.53 -27.20 10.50
C ASP A 89 25.79 -27.44 9.68
N GLU A 90 26.34 -28.67 9.70
CA GLU A 90 27.52 -28.96 8.89
C GLU A 90 27.06 -28.84 7.43
N LEU A 91 25.88 -29.39 7.15
CA LEU A 91 25.33 -29.36 5.79
C LEU A 91 25.14 -27.95 5.23
N GLU A 92 24.28 -27.16 5.85
CA GLU A 92 24.05 -25.80 5.35
C GLU A 92 25.36 -25.02 5.24
N THR A 93 26.18 -25.08 6.28
CA THR A 93 27.46 -24.40 6.26
C THR A 93 28.30 -24.92 5.10
N LEU A 94 28.46 -26.23 5.00
CA LEU A 94 29.22 -26.83 3.91
C LEU A 94 28.74 -26.32 2.56
N CYS A 95 27.41 -26.29 2.39
CA CYS A 95 26.83 -25.84 1.13
C CYS A 95 27.15 -24.38 0.82
N GLN A 96 27.12 -23.53 1.83
CA GLN A 96 27.43 -22.12 1.62
C GLN A 96 28.89 -21.97 1.20
N LYS A 97 29.77 -22.75 1.81
CA LYS A 97 31.19 -22.69 1.49
C LYS A 97 31.41 -22.99 0.02
N ARG A 98 30.80 -24.08 -0.44
CA ARG A 98 30.92 -24.50 -1.83
C ARG A 98 30.27 -23.51 -2.79
N ALA A 99 29.14 -22.93 -2.40
CA ALA A 99 28.43 -21.97 -3.25
C ALA A 99 29.32 -20.75 -3.46
N LEU A 100 29.93 -20.25 -2.39
CA LEU A 100 30.82 -19.10 -2.50
C LEU A 100 32.08 -19.49 -3.27
N GLN A 101 32.48 -20.74 -3.15
CA GLN A 101 33.68 -21.24 -3.81
C GLN A 101 33.46 -21.40 -5.31
N ALA A 102 32.45 -22.19 -5.67
CA ALA A 102 32.14 -22.43 -7.07
C ALA A 102 32.21 -21.18 -7.94
N TYR A 103 31.81 -20.03 -7.40
CA TYR A 103 31.81 -18.80 -8.17
C TYR A 103 33.01 -17.91 -7.93
N GLY A 104 33.99 -18.46 -7.22
CA GLY A 104 35.22 -17.74 -6.93
C GLY A 104 35.00 -16.50 -6.07
N LEU A 105 34.07 -16.60 -5.12
CA LEU A 105 33.75 -15.48 -4.25
C LEU A 105 34.50 -15.52 -2.92
N ASP A 106 34.93 -14.35 -2.47
CA ASP A 106 35.67 -14.21 -1.21
C ASP A 106 34.65 -13.94 -0.10
N PRO A 107 34.65 -14.76 0.94
CA PRO A 107 33.73 -14.62 2.09
C PRO A 107 33.82 -13.28 2.78
N GLN A 108 34.91 -12.56 2.58
CA GLN A 108 35.09 -11.26 3.21
C GLN A 108 34.22 -10.25 2.46
N CYS A 109 33.87 -10.58 1.22
CA CYS A 109 33.08 -9.69 0.40
C CYS A 109 31.73 -10.22 -0.01
N TRP A 110 31.51 -11.52 0.10
CA TRP A 110 30.23 -12.12 -0.24
C TRP A 110 29.71 -13.14 0.77
N GLY A 111 28.39 -13.21 0.87
CA GLY A 111 27.77 -14.18 1.75
C GLY A 111 26.70 -14.85 0.92
N VAL A 112 26.15 -15.96 1.39
CA VAL A 112 25.09 -16.62 0.63
C VAL A 112 24.09 -17.41 1.45
N ASN A 113 22.84 -17.29 1.05
CA ASN A 113 21.74 -17.98 1.72
C ASN A 113 21.32 -19.13 0.80
N VAL A 114 21.26 -20.34 1.33
CA VAL A 114 20.92 -21.49 0.51
C VAL A 114 19.56 -22.12 0.78
N GLN A 115 18.69 -21.43 1.52
CA GLN A 115 17.38 -21.98 1.85
C GLN A 115 16.22 -21.72 0.90
N PRO A 116 16.39 -20.86 -0.12
CA PRO A 116 15.22 -20.65 -0.99
C PRO A 116 14.71 -21.94 -1.62
N TYR A 117 13.40 -22.13 -1.55
CA TYR A 117 12.73 -23.33 -2.08
C TYR A 117 12.83 -23.50 -3.58
N SER A 118 12.98 -22.40 -4.31
CA SER A 118 13.07 -22.47 -5.76
C SER A 118 13.63 -21.16 -6.28
N GLY A 119 13.44 -20.91 -7.57
CA GLY A 119 13.93 -19.66 -8.13
C GLY A 119 13.04 -18.46 -7.82
N SER A 120 11.75 -18.61 -8.08
CA SER A 120 10.80 -17.55 -7.82
C SER A 120 10.80 -17.16 -6.34
N PRO A 121 10.98 -18.13 -5.44
CA PRO A 121 10.98 -17.75 -4.03
C PRO A 121 12.21 -16.93 -3.69
N ALA A 122 13.35 -17.22 -4.31
CA ALA A 122 14.56 -16.47 -4.02
C ALA A 122 14.40 -15.02 -4.42
N ASN A 123 13.89 -14.79 -5.62
CA ASN A 123 13.71 -13.42 -6.09
C ASN A 123 12.78 -12.65 -5.16
N PHE A 124 11.62 -13.23 -4.86
CA PHE A 124 10.65 -12.57 -4.01
C PHE A 124 11.26 -12.23 -2.67
N ALA A 125 12.11 -13.10 -2.18
CA ALA A 125 12.72 -12.87 -0.89
C ALA A 125 13.63 -11.63 -0.98
N VAL A 126 14.34 -11.50 -2.10
CA VAL A 126 15.22 -10.35 -2.25
C VAL A 126 14.43 -9.05 -2.40
N TYR A 127 13.26 -9.12 -3.02
CA TYR A 127 12.46 -7.92 -3.16
C TYR A 127 11.97 -7.53 -1.77
N THR A 128 11.45 -8.51 -1.04
CA THR A 128 10.95 -8.26 0.31
C THR A 128 12.01 -7.69 1.25
N ALA A 129 13.24 -8.14 1.11
CA ALA A 129 14.28 -7.67 2.01
C ALA A 129 14.81 -6.27 1.71
N LEU A 130 14.97 -5.96 0.43
CA LEU A 130 15.53 -4.67 0.03
C LEU A 130 14.57 -3.62 -0.49
N VAL A 131 13.40 -4.07 -0.96
CA VAL A 131 12.38 -3.17 -1.48
C VAL A 131 11.10 -3.33 -0.68
N GLU A 132 10.79 -2.35 0.15
CA GLU A 132 9.58 -2.44 0.95
C GLU A 132 8.39 -2.59 0.00
N PRO A 133 7.18 -2.79 0.55
CA PRO A 133 5.98 -2.94 -0.29
C PRO A 133 5.76 -1.70 -1.15
N HIS A 134 5.38 -1.94 -2.41
CA HIS A 134 5.18 -0.87 -3.36
C HIS A 134 6.47 -0.21 -3.87
N GLY A 135 7.63 -0.72 -3.45
CA GLY A 135 8.91 -0.16 -3.90
C GLY A 135 9.00 -0.40 -5.40
N ARG A 136 9.74 0.43 -6.10
CA ARG A 136 9.81 0.24 -7.56
C ARG A 136 10.90 -0.69 -8.05
N ILE A 137 10.50 -1.61 -8.91
CA ILE A 137 11.40 -2.58 -9.48
C ILE A 137 11.38 -2.51 -11.01
N MET A 138 12.57 -2.58 -11.62
CA MET A 138 12.66 -2.54 -13.07
C MET A 138 13.29 -3.81 -13.63
N GLY A 139 12.63 -4.39 -14.62
CA GLY A 139 13.11 -5.61 -15.22
C GLY A 139 12.79 -5.74 -16.71
N LEU A 140 13.58 -6.58 -17.39
CA LEU A 140 13.40 -6.81 -18.81
C LEU A 140 11.97 -7.21 -19.06
N ASP A 141 11.31 -6.56 -20.02
CA ASP A 141 9.92 -6.89 -20.34
C ASP A 141 9.77 -8.38 -20.67
N LEU A 142 8.65 -8.98 -20.27
CA LEU A 142 8.43 -10.41 -20.51
C LEU A 142 8.56 -10.83 -21.97
N PRO A 143 7.82 -10.16 -22.87
CA PRO A 143 7.88 -10.49 -24.30
C PRO A 143 9.29 -10.36 -24.89
N ASP A 144 10.17 -9.67 -24.18
CA ASP A 144 11.53 -9.47 -24.66
C ASP A 144 12.52 -10.44 -24.07
N GLY A 145 12.00 -11.42 -23.33
CA GLY A 145 12.87 -12.40 -22.70
C GLY A 145 12.96 -12.30 -21.18
N GLY A 146 12.12 -11.48 -20.57
CA GLY A 146 12.16 -11.35 -19.13
C GLY A 146 11.48 -12.52 -18.44
N HIS A 147 11.49 -12.54 -17.11
CA HIS A 147 10.83 -13.61 -16.36
C HIS A 147 9.69 -13.04 -15.50
N LEU A 148 8.66 -13.84 -15.25
CA LEU A 148 7.52 -13.40 -14.45
C LEU A 148 7.93 -12.67 -13.18
N THR A 149 8.82 -13.31 -12.41
CA THR A 149 9.29 -12.76 -11.14
C THR A 149 9.95 -11.40 -11.24
N HIS A 150 10.24 -10.96 -12.47
CA HIS A 150 10.85 -9.65 -12.64
C HIS A 150 9.74 -8.62 -12.80
N GLY A 151 8.50 -9.10 -12.72
CA GLY A 151 7.35 -8.23 -12.83
C GLY A 151 6.54 -8.45 -14.09
N PHE A 152 5.22 -8.53 -13.94
CA PHE A 152 4.36 -8.71 -15.08
C PHE A 152 2.98 -8.12 -14.86
N MET A 153 2.62 -7.16 -15.69
CA MET A 153 1.30 -6.53 -15.57
C MET A 153 0.81 -5.99 -16.90
N THR A 154 -0.50 -5.74 -16.97
CA THR A 154 -1.11 -5.20 -18.16
C THR A 154 -1.70 -3.83 -17.83
N ASP A 155 -2.46 -3.26 -18.77
CA ASP A 155 -3.05 -1.94 -18.56
C ASP A 155 -4.34 -2.01 -17.75
N LYS A 156 -4.55 -3.12 -17.05
CA LYS A 156 -5.76 -3.26 -16.27
C LYS A 156 -5.61 -4.21 -15.08
N LYS A 157 -4.49 -4.91 -14.98
CA LYS A 157 -4.28 -5.83 -13.86
C LYS A 157 -2.85 -6.32 -13.60
N LYS A 158 -2.50 -6.38 -12.33
CA LYS A 158 -1.18 -6.83 -11.87
C LYS A 158 -1.21 -8.36 -11.72
N ILE A 159 -0.51 -9.05 -12.62
CA ILE A 159 -0.49 -10.52 -12.62
C ILE A 159 0.58 -11.19 -11.80
N SER A 160 1.84 -10.95 -12.12
CA SER A 160 2.92 -11.56 -11.35
C SER A 160 2.88 -10.96 -9.95
N ALA A 161 3.13 -11.79 -8.94
CA ALA A 161 3.11 -11.32 -7.57
C ALA A 161 4.09 -10.18 -7.39
N THR A 162 5.16 -10.21 -8.17
CA THR A 162 6.16 -9.15 -8.07
C THR A 162 5.48 -7.81 -8.44
N SER A 163 4.50 -7.87 -9.34
CA SER A 163 3.77 -6.67 -9.76
C SER A 163 2.57 -6.34 -8.86
N ILE A 164 2.15 -7.33 -8.08
CA ILE A 164 1.05 -7.15 -7.17
C ILE A 164 1.49 -6.47 -5.88
N PHE A 165 2.58 -6.96 -5.27
CA PHE A 165 3.09 -6.39 -4.01
C PHE A 165 4.17 -5.33 -4.19
N PHE A 166 4.43 -4.95 -5.44
CA PHE A 166 5.44 -3.95 -5.71
C PHE A 166 5.11 -3.21 -6.99
N GLU A 167 5.77 -2.10 -7.21
CA GLU A 167 5.52 -1.33 -8.43
C GLU A 167 6.64 -1.64 -9.41
N SER A 168 6.27 -2.33 -10.48
CA SER A 168 7.24 -2.71 -11.48
C SER A 168 7.00 -2.02 -12.79
N MET A 169 8.10 -1.70 -13.47
CA MET A 169 8.07 -1.10 -14.79
C MET A 169 9.17 -1.79 -15.54
N ALA A 170 8.88 -2.20 -16.77
CA ALA A 170 9.83 -2.92 -17.59
C ALA A 170 10.69 -2.06 -18.51
N TYR A 171 11.84 -2.62 -18.90
CA TYR A 171 12.71 -1.97 -19.88
C TYR A 171 12.75 -2.99 -20.99
N LYS A 172 12.61 -2.54 -22.22
CA LYS A 172 12.58 -3.43 -23.36
C LYS A 172 13.88 -3.52 -24.12
N VAL A 173 13.88 -4.37 -25.15
CA VAL A 173 15.03 -4.54 -26.02
C VAL A 173 14.72 -3.76 -27.28
N ASN A 174 15.73 -3.49 -28.08
CA ASN A 174 15.53 -2.79 -29.33
C ASN A 174 14.84 -3.76 -30.28
N PRO A 175 13.73 -3.36 -30.90
CA PRO A 175 13.03 -4.26 -31.81
C PRO A 175 13.84 -4.54 -33.06
N ASP A 176 14.81 -3.67 -33.36
CA ASP A 176 15.64 -3.81 -34.55
C ASP A 176 16.99 -4.47 -34.36
N THR A 177 17.26 -4.98 -33.17
CA THR A 177 18.54 -5.64 -32.95
C THR A 177 18.37 -6.81 -32.00
N GLY A 178 17.31 -6.79 -31.22
CA GLY A 178 17.06 -7.85 -30.26
C GLY A 178 17.93 -7.61 -29.05
N TYR A 179 18.64 -6.50 -29.05
CA TYR A 179 19.50 -6.17 -27.93
C TYR A 179 18.76 -5.28 -26.93
N ILE A 180 19.12 -5.40 -25.67
CA ILE A 180 18.50 -4.58 -24.64
C ILE A 180 18.89 -3.15 -24.93
N ASP A 181 17.94 -2.25 -24.72
CA ASP A 181 18.16 -0.83 -24.96
C ASP A 181 18.66 -0.12 -23.71
N TYR A 182 19.93 -0.31 -23.38
CA TYR A 182 20.52 0.33 -22.20
C TYR A 182 20.36 1.85 -22.19
N ASP A 183 20.21 2.46 -23.36
CA ASP A 183 20.06 3.91 -23.38
C ASP A 183 18.69 4.33 -22.85
N ARG A 184 17.65 3.63 -23.29
CA ARG A 184 16.30 3.94 -22.87
C ARG A 184 16.07 3.56 -21.43
N LEU A 185 16.82 2.59 -20.92
CA LEU A 185 16.68 2.18 -19.53
C LEU A 185 17.24 3.29 -18.68
N GLU A 186 18.42 3.75 -19.05
CA GLU A 186 19.10 4.82 -18.32
C GLU A 186 18.18 6.03 -18.18
N GLU A 187 17.56 6.45 -19.28
CA GLU A 187 16.66 7.59 -19.28
C GLU A 187 15.41 7.39 -18.43
N ASN A 188 14.76 6.25 -18.61
CA ASN A 188 13.54 5.94 -17.85
C ASN A 188 13.80 5.74 -16.35
N ALA A 189 14.96 5.23 -15.99
CA ALA A 189 15.28 5.03 -14.59
C ALA A 189 15.18 6.38 -13.88
N ARG A 190 15.54 7.44 -14.58
CA ARG A 190 15.53 8.79 -13.98
C ARG A 190 14.14 9.30 -13.70
N LEU A 191 13.14 8.77 -14.40
CA LEU A 191 11.76 9.19 -14.21
C LEU A 191 11.00 8.25 -13.27
N PHE A 192 11.38 6.97 -13.26
CA PHE A 192 10.73 5.97 -12.43
C PHE A 192 11.31 5.87 -11.03
N HIS A 193 12.60 6.18 -10.88
CA HIS A 193 13.25 6.10 -9.58
C HIS A 193 13.16 4.68 -9.01
N PRO A 194 13.74 3.69 -9.71
CA PRO A 194 13.68 2.32 -9.22
C PRO A 194 14.54 2.10 -8.00
N LYS A 195 14.07 1.25 -7.08
CA LYS A 195 14.86 0.97 -5.89
C LYS A 195 15.77 -0.22 -6.16
N LEU A 196 15.40 -1.00 -7.18
CA LEU A 196 16.16 -2.18 -7.58
C LEU A 196 16.00 -2.52 -9.07
N ILE A 197 17.11 -2.80 -9.75
CA ILE A 197 17.07 -3.15 -11.16
C ILE A 197 17.53 -4.60 -11.36
N ILE A 198 16.80 -5.35 -12.17
CA ILE A 198 17.11 -6.77 -12.37
C ILE A 198 17.92 -7.10 -13.62
N ALA A 199 19.05 -7.77 -13.41
CA ALA A 199 19.91 -8.15 -14.52
C ALA A 199 19.81 -9.66 -14.72
N GLY A 200 18.76 -10.09 -15.41
CA GLY A 200 18.58 -11.51 -15.63
C GLY A 200 17.54 -11.80 -16.69
N THR A 201 17.77 -12.86 -17.47
CA THR A 201 16.86 -13.23 -18.56
C THR A 201 16.42 -14.69 -18.58
N SER A 202 15.35 -14.96 -19.31
CA SER A 202 14.81 -16.31 -19.45
C SER A 202 14.85 -16.71 -20.92
N CYS A 203 14.94 -15.72 -21.79
CA CYS A 203 15.04 -15.97 -23.23
C CYS A 203 15.82 -14.88 -23.90
N TYR A 204 17.13 -14.87 -23.67
CA TYR A 204 18.02 -13.86 -24.24
C TYR A 204 19.33 -14.59 -24.54
N SER A 205 19.73 -14.58 -25.81
CA SER A 205 20.95 -15.26 -26.21
C SER A 205 22.24 -14.48 -26.00
N ARG A 206 22.16 -13.30 -25.40
CA ARG A 206 23.38 -12.51 -25.24
C ARG A 206 23.77 -12.21 -23.81
N ASN A 207 25.00 -11.74 -23.63
CA ASN A 207 25.49 -11.39 -22.32
C ASN A 207 24.89 -10.06 -21.89
N LEU A 208 24.77 -9.87 -20.59
CA LEU A 208 24.22 -8.64 -20.06
C LEU A 208 25.36 -7.71 -19.68
N ASP A 209 25.21 -6.45 -20.08
CA ASP A 209 26.20 -5.44 -19.78
C ASP A 209 26.00 -5.07 -18.32
N TYR A 210 26.54 -5.88 -17.42
CA TYR A 210 26.42 -5.64 -15.98
C TYR A 210 27.07 -4.34 -15.56
N GLY A 211 28.21 -4.02 -16.18
CA GLY A 211 28.91 -2.79 -15.86
C GLY A 211 28.09 -1.55 -16.16
N ARG A 212 27.36 -1.60 -17.27
CA ARG A 212 26.52 -0.47 -17.66
C ARG A 212 25.33 -0.43 -16.72
N LEU A 213 24.71 -1.59 -16.48
CA LEU A 213 23.56 -1.63 -15.58
C LEU A 213 23.94 -1.13 -14.20
N ARG A 214 25.16 -1.46 -13.76
CA ARG A 214 25.63 -1.04 -12.45
C ARG A 214 25.75 0.47 -12.31
N LYS A 215 26.18 1.12 -13.39
CA LYS A 215 26.29 2.57 -13.34
C LYS A 215 24.89 3.14 -13.23
N ILE A 216 23.99 2.60 -14.05
CA ILE A 216 22.60 3.07 -14.04
C ILE A 216 22.01 2.94 -12.65
N ALA A 217 22.27 1.83 -11.96
CA ALA A 217 21.75 1.67 -10.61
C ALA A 217 22.32 2.78 -9.72
N ASP A 218 23.64 2.87 -9.66
CA ASP A 218 24.30 3.88 -8.83
C ASP A 218 23.82 5.31 -9.10
N GLU A 219 23.43 5.60 -10.33
CA GLU A 219 22.97 6.93 -10.67
C GLU A 219 21.65 7.27 -9.95
N ASN A 220 20.89 6.23 -9.62
CA ASN A 220 19.59 6.40 -8.96
C ASN A 220 19.55 5.86 -7.55
N GLY A 221 20.71 5.46 -7.03
CA GLY A 221 20.80 4.92 -5.68
C GLY A 221 20.13 3.57 -5.54
N ALA A 222 19.87 2.90 -6.66
CA ALA A 222 19.21 1.61 -6.67
C ALA A 222 20.16 0.44 -6.55
N TYR A 223 19.62 -0.71 -6.16
CA TYR A 223 20.42 -1.93 -6.04
C TYR A 223 20.38 -2.62 -7.38
N LEU A 224 21.49 -3.25 -7.76
CA LEU A 224 21.57 -3.99 -9.01
C LEU A 224 21.53 -5.47 -8.67
N MET A 225 20.38 -6.10 -8.92
CA MET A 225 20.21 -7.52 -8.64
C MET A 225 20.29 -8.31 -9.92
N ALA A 226 21.18 -9.30 -9.96
CA ALA A 226 21.29 -10.15 -11.14
C ALA A 226 20.56 -11.45 -10.81
N ASP A 227 19.94 -12.04 -11.82
CA ASP A 227 19.19 -13.29 -11.73
C ASP A 227 19.81 -14.22 -12.78
N MET A 228 20.87 -14.91 -12.39
CA MET A 228 21.60 -15.79 -13.29
C MET A 228 21.05 -17.22 -13.43
N ALA A 229 19.77 -17.41 -13.18
CA ALA A 229 19.21 -18.77 -13.26
C ALA A 229 19.57 -19.54 -14.52
N HIS A 230 19.48 -18.88 -15.66
CA HIS A 230 19.78 -19.53 -16.94
C HIS A 230 21.23 -19.75 -17.30
N ILE A 231 22.11 -18.90 -16.78
CA ILE A 231 23.52 -19.02 -17.08
C ILE A 231 24.35 -19.36 -15.85
N SER A 232 23.71 -19.69 -14.74
CA SER A 232 24.46 -20.01 -13.53
C SER A 232 25.60 -21.00 -13.78
N GLY A 233 25.32 -22.08 -14.51
CA GLY A 233 26.35 -23.05 -14.79
C GLY A 233 27.42 -22.53 -15.74
N LEU A 234 27.00 -21.66 -16.67
CA LEU A 234 27.94 -21.08 -17.63
C LEU A 234 28.92 -20.19 -16.88
N VAL A 235 28.42 -19.51 -15.85
CA VAL A 235 29.24 -18.61 -15.06
C VAL A 235 30.32 -19.38 -14.29
N VAL A 236 29.91 -20.40 -13.55
CA VAL A 236 30.84 -21.22 -12.76
C VAL A 236 31.99 -21.75 -13.60
N ALA A 237 31.69 -22.13 -14.84
CA ALA A 237 32.68 -22.69 -15.74
C ALA A 237 33.38 -21.60 -16.52
N GLY A 238 33.03 -20.36 -16.24
CA GLY A 238 33.66 -19.26 -16.96
C GLY A 238 33.51 -19.25 -18.48
N VAL A 239 32.32 -19.55 -19.00
CA VAL A 239 32.13 -19.49 -20.46
C VAL A 239 31.35 -18.22 -20.82
N VAL A 240 31.02 -17.44 -19.78
CA VAL A 240 30.32 -16.16 -19.93
C VAL A 240 30.76 -15.29 -18.75
N PRO A 241 30.88 -13.98 -18.97
CA PRO A 241 31.30 -13.09 -17.89
C PRO A 241 30.48 -13.30 -16.63
N SER A 242 31.08 -13.07 -15.47
CA SER A 242 30.39 -13.25 -14.20
C SER A 242 29.61 -12.02 -13.78
N PRO A 243 28.42 -12.21 -13.19
CA PRO A 243 27.61 -11.07 -12.76
C PRO A 243 28.10 -10.59 -11.39
N PHE A 244 28.89 -11.42 -10.72
CA PHE A 244 29.41 -11.08 -9.40
C PHE A 244 30.46 -9.98 -9.42
N GLU A 245 30.70 -9.43 -10.60
CA GLU A 245 31.70 -8.39 -10.70
C GLU A 245 31.08 -7.01 -10.62
N HIS A 246 29.78 -6.90 -10.88
CA HIS A 246 29.12 -5.61 -10.86
C HIS A 246 27.88 -5.52 -9.97
N CYS A 247 27.23 -6.64 -9.72
CA CYS A 247 25.99 -6.66 -8.94
C CYS A 247 26.14 -6.71 -7.43
N HIS A 248 25.14 -6.15 -6.73
CA HIS A 248 25.15 -6.12 -5.28
C HIS A 248 24.62 -7.44 -4.76
N VAL A 249 23.64 -7.96 -5.48
CA VAL A 249 23.02 -9.23 -5.12
C VAL A 249 22.83 -10.12 -6.33
N VAL A 250 23.06 -11.41 -6.16
CA VAL A 250 22.84 -12.36 -7.25
C VAL A 250 21.99 -13.53 -6.77
N THR A 251 20.86 -13.74 -7.45
CA THR A 251 19.98 -14.83 -7.11
C THR A 251 20.02 -15.81 -8.29
N THR A 252 19.66 -17.06 -8.03
CA THR A 252 19.67 -18.06 -9.08
C THR A 252 18.97 -19.33 -8.69
N THR A 253 18.65 -20.14 -9.67
CA THR A 253 18.03 -21.42 -9.43
C THR A 253 19.22 -22.35 -9.27
N THR A 254 18.99 -23.59 -8.86
CA THR A 254 20.08 -24.52 -8.70
C THR A 254 19.99 -25.64 -9.70
N HIS A 255 18.91 -25.63 -10.48
CA HIS A 255 18.71 -26.62 -11.53
C HIS A 255 19.16 -25.97 -12.84
N LYS A 256 18.50 -26.24 -13.95
CA LYS A 256 18.88 -25.66 -15.23
C LYS A 256 20.35 -25.93 -15.59
N THR A 257 21.11 -24.92 -16.02
CA THR A 257 22.50 -25.17 -16.39
C THR A 257 23.46 -25.58 -15.24
N LEU A 258 23.03 -25.40 -14.00
CA LEU A 258 23.86 -25.79 -12.86
C LEU A 258 23.64 -27.28 -12.61
N ARG A 259 22.59 -27.81 -13.22
CA ARG A 259 22.23 -29.23 -13.17
C ARG A 259 22.02 -29.85 -11.78
N GLY A 260 21.46 -29.09 -10.85
CA GLY A 260 21.22 -29.64 -9.52
C GLY A 260 19.74 -29.90 -9.37
N CYS A 261 19.28 -30.10 -8.14
CA CYS A 261 17.87 -30.33 -7.90
C CYS A 261 17.21 -28.96 -7.84
N ARG A 262 15.89 -28.91 -7.86
CA ARG A 262 15.20 -27.64 -7.83
C ARG A 262 15.35 -26.93 -6.49
N ALA A 263 15.86 -25.71 -6.53
CA ALA A 263 16.07 -24.88 -5.35
C ALA A 263 16.71 -23.60 -5.82
N GLY A 264 16.86 -22.64 -4.91
CA GLY A 264 17.48 -21.40 -5.29
C GLY A 264 18.42 -20.89 -4.24
N MET A 265 19.30 -19.96 -4.61
CA MET A 265 20.26 -19.37 -3.68
C MET A 265 20.26 -17.87 -3.85
N ILE A 266 20.70 -17.16 -2.82
CA ILE A 266 20.78 -15.71 -2.88
C ILE A 266 22.17 -15.31 -2.40
N PHE A 267 23.00 -14.80 -3.32
CA PHE A 267 24.35 -14.34 -2.97
C PHE A 267 24.24 -12.83 -2.70
N TYR A 268 24.98 -12.33 -1.73
CA TYR A 268 24.93 -10.92 -1.39
C TYR A 268 26.29 -10.36 -0.95
N ARG A 269 26.50 -9.07 -1.16
CA ARG A 269 27.74 -8.42 -0.78
C ARG A 269 27.88 -8.26 0.73
N ARG A 270 29.13 -8.20 1.18
CA ARG A 270 29.44 -7.99 2.58
C ARG A 270 30.61 -7.00 2.64
N GLY A 271 30.63 -6.18 3.69
CA GLY A 271 31.70 -5.21 3.84
C GLY A 271 31.28 -3.76 3.64
N VAL A 272 32.14 -3.02 2.93
CA VAL A 272 31.89 -1.61 2.68
C VAL A 272 31.39 -1.35 1.26
N ARG A 273 30.21 -0.75 1.18
CA ARG A 273 29.59 -0.43 -0.11
C ARG A 273 30.29 0.78 -0.70
N SER A 274 30.60 1.71 0.20
CA SER A 274 31.28 2.97 -0.08
C SER A 274 31.11 3.79 1.19
N VAL A 275 30.06 3.46 1.95
CA VAL A 275 29.73 4.14 3.20
C VAL A 275 30.84 3.94 4.22
N ASP A 276 30.48 3.84 5.50
CA ASP A 276 31.48 3.64 6.54
C ASP A 276 32.46 4.81 6.59
N LEU A 284 28.62 0.87 5.08
CA LEU A 284 28.88 -0.55 4.86
C LEU A 284 27.62 -1.31 4.43
N TYR A 285 27.82 -2.47 3.81
CA TYR A 285 26.73 -3.30 3.30
C TYR A 285 25.85 -3.94 4.37
N ASN A 286 24.54 -3.71 4.26
CA ASN A 286 23.60 -4.25 5.21
C ASN A 286 22.62 -5.15 4.50
N LEU A 287 23.13 -6.02 3.64
CA LEU A 287 22.24 -6.89 2.91
C LEU A 287 22.00 -8.23 3.62
N GLU A 288 23.04 -8.75 4.26
CA GLU A 288 22.95 -10.02 4.96
C GLU A 288 21.76 -10.15 5.92
N SER A 289 21.70 -9.25 6.90
CA SER A 289 20.63 -9.26 7.90
C SER A 289 19.21 -9.26 7.29
N LEU A 290 19.01 -8.40 6.30
CA LEU A 290 17.73 -8.27 5.62
C LEU A 290 17.34 -9.51 4.82
N ILE A 291 18.19 -9.90 3.88
CA ILE A 291 17.93 -11.07 3.06
C ILE A 291 17.71 -12.30 3.92
N ASN A 292 18.55 -12.48 4.92
CA ASN A 292 18.35 -13.62 5.80
C ASN A 292 17.04 -13.52 6.56
N SER A 293 16.74 -12.35 7.13
CA SER A 293 15.48 -12.17 7.86
C SER A 293 14.28 -12.30 6.94
N ALA A 294 14.46 -11.95 5.67
CA ALA A 294 13.36 -12.03 4.72
C ALA A 294 13.02 -13.49 4.44
N VAL A 295 14.04 -14.31 4.23
CA VAL A 295 13.81 -15.72 3.95
C VAL A 295 13.23 -16.39 5.18
N PHE A 296 13.56 -15.87 6.35
CA PHE A 296 13.04 -16.42 7.60
C PHE A 296 13.39 -15.52 8.78
N PRO A 297 12.43 -15.25 9.68
CA PRO A 297 11.03 -15.69 9.73
C PRO A 297 10.13 -14.94 8.76
N GLY A 298 10.73 -14.39 7.72
CA GLY A 298 9.95 -13.64 6.77
C GLY A 298 9.00 -14.45 5.92
N LEU A 299 9.52 -15.09 4.88
CA LEU A 299 8.71 -15.82 3.94
C LEU A 299 8.64 -17.35 4.04
N GLN A 300 9.75 -17.99 4.38
CA GLN A 300 9.76 -19.44 4.46
C GLN A 300 9.64 -19.99 5.86
N GLY A 301 9.52 -21.31 5.93
CA GLY A 301 9.44 -21.98 7.22
C GLY A 301 10.61 -22.93 7.31
N GLY A 302 10.33 -24.18 7.65
CA GLY A 302 11.40 -25.15 7.75
C GLY A 302 12.17 -25.29 6.45
N PRO A 303 13.51 -25.29 6.50
CA PRO A 303 14.30 -25.44 5.28
C PRO A 303 14.17 -26.86 4.73
N HIS A 304 14.37 -27.05 3.44
CA HIS A 304 14.31 -28.39 2.88
C HIS A 304 15.73 -28.89 2.79
N ASN A 305 16.23 -29.38 3.91
CA ASN A 305 17.58 -29.87 4.01
C ASN A 305 17.97 -30.90 2.98
N HIS A 306 17.04 -31.77 2.62
CA HIS A 306 17.39 -32.77 1.63
C HIS A 306 17.75 -32.08 0.31
N ALA A 307 17.05 -31.00 -0.02
CA ALA A 307 17.33 -30.25 -1.26
C ALA A 307 18.62 -29.44 -1.12
N ILE A 308 18.92 -28.96 0.08
CA ILE A 308 20.13 -28.21 0.31
C ILE A 308 21.30 -29.16 0.09
N ALA A 309 21.13 -30.43 0.47
CA ALA A 309 22.18 -31.42 0.27
C ALA A 309 22.39 -31.60 -1.23
N GLY A 310 21.29 -31.75 -1.95
CA GLY A 310 21.36 -31.92 -3.39
C GLY A 310 22.10 -30.78 -4.04
N VAL A 311 21.82 -29.56 -3.57
CA VAL A 311 22.47 -28.36 -4.11
C VAL A 311 23.96 -28.39 -3.82
N ALA A 312 24.32 -28.89 -2.64
CA ALA A 312 25.72 -29.00 -2.22
C ALA A 312 26.45 -29.98 -3.12
N VAL A 313 25.86 -31.14 -3.33
CA VAL A 313 26.47 -32.15 -4.17
C VAL A 313 26.71 -31.58 -5.56
N ALA A 314 25.72 -30.86 -6.07
CA ALA A 314 25.81 -30.26 -7.40
C ALA A 314 26.93 -29.23 -7.48
N LEU A 315 27.08 -28.45 -6.41
CA LEU A 315 28.12 -27.44 -6.38
C LEU A 315 29.50 -28.08 -6.44
N LYS A 316 29.66 -29.19 -5.72
CA LYS A 316 30.94 -29.89 -5.73
C LYS A 316 31.21 -30.43 -7.13
N GLN A 317 30.18 -30.92 -7.80
CA GLN A 317 30.37 -31.43 -9.15
C GLN A 317 30.67 -30.26 -10.09
N ALA A 318 30.01 -29.13 -9.82
CA ALA A 318 30.15 -27.94 -10.65
C ALA A 318 31.55 -27.39 -10.70
N MET A 319 32.38 -27.77 -9.74
CA MET A 319 33.73 -27.26 -9.70
C MET A 319 34.75 -28.21 -10.27
N THR A 320 34.28 -29.33 -10.82
CA THR A 320 35.18 -30.32 -11.40
C THR A 320 35.54 -29.87 -12.81
N PRO A 321 36.63 -30.41 -13.36
CA PRO A 321 37.00 -30.01 -14.73
C PRO A 321 36.03 -30.58 -15.74
N GLU A 322 35.39 -31.70 -15.38
CA GLU A 322 34.41 -32.36 -16.25
C GLU A 322 33.23 -31.43 -16.48
N PHE A 323 32.88 -30.67 -15.45
CA PHE A 323 31.78 -29.74 -15.54
C PHE A 323 32.15 -28.58 -16.46
N LYS A 324 33.32 -28.02 -16.25
CA LYS A 324 33.73 -26.90 -17.09
C LYS A 324 33.84 -27.42 -18.52
N GLU A 325 34.20 -28.69 -18.65
CA GLU A 325 34.31 -29.28 -19.96
C GLU A 325 32.91 -29.30 -20.56
N TYR A 326 31.94 -29.73 -19.76
CA TYR A 326 30.54 -29.80 -20.16
C TYR A 326 29.95 -28.46 -20.61
N GLN A 327 30.23 -27.40 -19.86
CA GLN A 327 29.71 -26.09 -20.21
C GLN A 327 30.27 -25.54 -21.53
N ARG A 328 31.54 -25.81 -21.80
CA ARG A 328 32.14 -25.34 -23.04
C ARG A 328 31.40 -26.02 -24.17
N GLN A 329 31.20 -27.32 -24.03
CA GLN A 329 30.50 -28.10 -25.04
C GLN A 329 29.05 -27.62 -25.17
N VAL A 330 28.44 -27.25 -24.06
CA VAL A 330 27.06 -26.75 -24.13
C VAL A 330 27.02 -25.54 -25.06
N VAL A 331 27.98 -24.62 -24.91
CA VAL A 331 28.05 -23.44 -25.76
C VAL A 331 28.45 -23.78 -27.20
N ALA A 332 29.33 -24.74 -27.34
CA ALA A 332 29.78 -25.15 -28.67
C ALA A 332 28.59 -25.71 -29.44
N ASN A 333 27.78 -26.51 -28.75
CA ASN A 333 26.60 -27.11 -29.38
C ASN A 333 25.59 -26.07 -29.82
N CYS A 334 25.36 -25.05 -28.98
CA CYS A 334 24.42 -24.01 -29.34
C CYS A 334 24.93 -23.32 -30.60
N ARG A 335 26.26 -23.23 -30.71
CA ARG A 335 26.91 -22.59 -31.86
C ARG A 335 26.77 -23.41 -33.12
N ALA A 336 26.77 -24.73 -32.96
CA ALA A 336 26.63 -25.62 -34.09
C ALA A 336 25.17 -25.63 -34.53
N LEU A 337 24.28 -25.76 -33.55
CA LEU A 337 22.86 -25.79 -33.81
C LEU A 337 22.44 -24.50 -34.48
N SER A 338 22.87 -23.38 -33.91
CA SER A 338 22.55 -22.06 -34.40
C SER A 338 23.04 -21.91 -35.84
N ALA A 339 24.28 -22.34 -36.07
CA ALA A 339 24.88 -22.25 -37.39
C ALA A 339 24.14 -23.11 -38.41
N ALA A 340 23.76 -24.31 -38.00
CA ALA A 340 23.06 -25.24 -38.87
C ALA A 340 21.70 -24.73 -39.29
N LEU A 341 20.93 -24.20 -38.34
CA LEU A 341 19.62 -23.70 -38.69
C LEU A 341 19.77 -22.50 -39.63
N VAL A 342 20.83 -21.72 -39.41
CA VAL A 342 21.07 -20.55 -40.26
C VAL A 342 21.45 -21.02 -41.67
N GLU A 343 22.29 -22.06 -41.74
CA GLU A 343 22.70 -22.57 -43.03
C GLU A 343 21.47 -23.05 -43.79
N LEU A 344 20.39 -23.33 -43.05
CA LEU A 344 19.13 -23.78 -43.62
C LEU A 344 18.18 -22.61 -43.81
N GLY A 345 18.65 -21.41 -43.50
CA GLY A 345 17.82 -20.23 -43.70
C GLY A 345 16.95 -19.75 -42.56
N TYR A 346 17.10 -20.31 -41.37
CA TYR A 346 16.29 -19.84 -40.26
C TYR A 346 16.93 -18.59 -39.69
N LYS A 347 16.13 -17.63 -39.26
CA LYS A 347 16.70 -16.43 -38.66
C LYS A 347 16.79 -16.57 -37.14
N ILE A 348 17.92 -16.15 -36.60
CA ILE A 348 18.14 -16.22 -35.17
C ILE A 348 18.14 -14.79 -34.64
N VAL A 349 17.34 -14.53 -33.61
CA VAL A 349 17.26 -13.18 -33.04
C VAL A 349 18.62 -12.72 -32.56
N THR A 350 19.01 -11.54 -33.04
CA THR A 350 20.31 -10.90 -32.77
C THR A 350 21.42 -11.59 -33.54
N GLY A 351 21.05 -12.44 -34.49
CA GLY A 351 22.03 -13.13 -35.30
C GLY A 351 22.71 -14.35 -34.72
N GLY A 352 22.64 -14.51 -33.40
CA GLY A 352 23.28 -15.66 -32.78
C GLY A 352 23.20 -15.67 -31.27
N SER A 353 24.15 -16.35 -30.64
CA SER A 353 24.15 -16.47 -29.20
C SER A 353 25.53 -16.53 -28.55
N ASP A 354 25.57 -16.10 -27.29
CA ASP A 354 26.78 -16.13 -26.52
C ASP A 354 26.64 -17.22 -25.48
N ASN A 355 25.44 -17.79 -25.40
CA ASN A 355 25.20 -18.84 -24.42
C ASN A 355 24.58 -20.12 -24.94
N HIS A 356 23.88 -20.80 -24.04
CA HIS A 356 23.25 -22.09 -24.30
C HIS A 356 21.96 -22.10 -25.11
N LEU A 357 21.36 -20.94 -25.37
CA LEU A 357 20.12 -20.91 -26.13
C LEU A 357 20.11 -19.97 -27.31
N ILE A 358 19.06 -20.06 -28.11
CA ILE A 358 18.87 -19.20 -29.26
C ILE A 358 17.37 -19.05 -29.50
N LEU A 359 16.95 -17.87 -29.93
CA LEU A 359 15.55 -17.59 -30.22
C LEU A 359 15.38 -17.59 -31.73
N VAL A 360 14.71 -18.61 -32.26
CA VAL A 360 14.52 -18.69 -33.69
C VAL A 360 13.26 -17.99 -34.10
N ASP A 361 13.38 -17.10 -35.08
CA ASP A 361 12.24 -16.33 -35.54
C ASP A 361 11.58 -17.07 -36.69
N LEU A 362 10.64 -17.96 -36.37
CA LEU A 362 9.97 -18.76 -37.39
C LEU A 362 9.30 -17.97 -38.52
N ARG A 363 9.37 -16.64 -38.47
CA ARG A 363 8.74 -15.87 -39.53
C ARG A 363 9.41 -16.06 -40.89
N SER A 364 10.73 -16.26 -40.86
CA SER A 364 11.48 -16.48 -42.08
C SER A 364 10.94 -17.68 -42.85
N LYS A 365 10.11 -18.50 -42.21
CA LYS A 365 9.55 -19.68 -42.87
C LYS A 365 8.04 -19.59 -43.05
N GLY A 366 7.45 -18.51 -42.54
CA GLY A 366 6.02 -18.33 -42.69
C GLY A 366 5.14 -19.09 -41.72
N THR A 367 5.55 -19.13 -40.45
CA THR A 367 4.75 -19.81 -39.44
C THR A 367 5.14 -19.23 -38.08
N ASP A 368 4.61 -19.82 -37.01
CA ASP A 368 4.90 -19.34 -35.68
C ASP A 368 5.26 -20.48 -34.73
N GLY A 369 5.83 -20.11 -33.58
CA GLY A 369 6.21 -21.08 -32.57
C GLY A 369 5.01 -21.68 -31.88
N GLY A 370 3.87 -21.01 -32.03
CA GLY A 370 2.63 -21.48 -31.44
C GLY A 370 2.25 -22.79 -32.12
N ARG A 371 2.46 -22.83 -33.44
CA ARG A 371 2.16 -23.99 -34.27
C ARG A 371 3.30 -25.00 -34.27
N ALA A 372 4.52 -24.51 -34.38
CA ALA A 372 5.68 -25.40 -34.40
C ALA A 372 5.80 -26.16 -33.08
N GLU A 373 5.46 -25.48 -32.00
CA GLU A 373 5.49 -26.06 -30.67
C GLU A 373 4.78 -27.43 -30.75
N LYS A 374 3.55 -27.41 -31.25
CA LYS A 374 2.75 -28.62 -31.35
C LYS A 374 3.25 -29.67 -32.31
N VAL A 375 3.59 -29.27 -33.53
CA VAL A 375 4.07 -30.23 -34.51
C VAL A 375 5.33 -30.94 -34.00
N LEU A 376 6.26 -30.17 -33.42
CA LEU A 376 7.51 -30.72 -32.88
C LEU A 376 7.31 -31.59 -31.63
N GLU A 377 6.37 -31.23 -30.75
CA GLU A 377 6.13 -32.01 -29.55
C GLU A 377 5.61 -33.41 -29.94
N ALA A 378 4.79 -33.46 -30.99
CA ALA A 378 4.22 -34.71 -31.47
C ALA A 378 5.27 -35.59 -32.11
N CYS A 379 6.45 -35.03 -32.34
CA CYS A 379 7.55 -35.78 -32.95
C CYS A 379 8.61 -36.13 -31.91
N SER A 380 8.28 -35.89 -30.64
CA SER A 380 9.16 -36.14 -29.51
C SER A 380 10.36 -35.19 -29.44
N ILE A 381 10.19 -34.01 -30.02
CA ILE A 381 11.23 -32.97 -29.98
C ILE A 381 10.67 -31.88 -29.08
N ALA A 382 11.17 -31.79 -27.85
CA ALA A 382 10.67 -30.77 -26.93
C ALA A 382 11.33 -29.42 -27.04
N CYS A 383 10.51 -28.38 -27.04
CA CYS A 383 10.96 -27.00 -27.10
C CYS A 383 9.70 -26.16 -27.04
N ASN A 384 9.80 -24.96 -26.50
CA ASN A 384 8.64 -24.10 -26.36
C ASN A 384 8.67 -22.83 -27.20
N LYS A 385 7.48 -22.29 -27.48
CA LYS A 385 7.31 -21.07 -28.26
C LYS A 385 7.76 -19.86 -27.45
N ASN A 386 8.00 -18.73 -28.13
CA ASN A 386 8.42 -17.51 -27.46
C ASN A 386 8.47 -16.34 -28.45
N THR A 387 7.87 -15.21 -28.07
CA THR A 387 7.83 -14.03 -28.93
C THR A 387 9.19 -13.42 -29.27
N CYS A 388 9.31 -12.86 -30.47
CA CYS A 388 10.55 -12.22 -30.91
C CYS A 388 10.34 -10.72 -30.86
N PRO A 389 11.41 -9.93 -30.67
CA PRO A 389 11.25 -8.48 -30.62
C PRO A 389 10.30 -7.93 -31.68
N GLY A 390 9.41 -7.04 -31.24
CA GLY A 390 8.46 -6.45 -32.17
C GLY A 390 7.19 -7.24 -32.43
N ASP A 391 7.25 -8.57 -32.31
CA ASP A 391 6.08 -9.39 -32.56
C ASP A 391 4.79 -8.67 -32.23
N LYS A 392 3.84 -8.70 -33.16
CA LYS A 392 2.56 -8.05 -32.99
C LYS A 392 1.79 -8.67 -31.81
N SER A 393 1.91 -8.06 -30.63
CA SER A 393 1.24 -8.53 -29.40
C SER A 393 0.89 -10.03 -29.36
N ALA A 394 1.78 -10.81 -28.75
CA ALA A 394 1.63 -12.26 -28.60
C ALA A 394 0.50 -12.92 -29.39
N LEU A 395 -0.18 -13.87 -28.76
CA LEU A 395 -1.27 -14.61 -29.38
C LEU A 395 -0.72 -15.50 -30.48
N ARG A 396 0.22 -14.96 -31.24
CA ARG A 396 0.86 -15.69 -32.34
C ARG A 396 2.39 -15.44 -32.30
N PRO A 397 3.04 -15.82 -31.19
CA PRO A 397 4.49 -15.65 -31.01
C PRO A 397 5.27 -16.18 -32.22
N SER A 398 6.17 -15.36 -32.76
CA SER A 398 6.93 -15.77 -33.94
C SER A 398 8.03 -16.80 -33.73
N GLY A 399 8.61 -16.86 -32.54
CA GLY A 399 9.70 -17.78 -32.37
C GLY A 399 9.60 -19.05 -31.54
N LEU A 400 10.73 -19.75 -31.53
CA LEU A 400 10.93 -20.97 -30.78
C LEU A 400 12.24 -20.81 -30.00
N ARG A 401 12.20 -21.10 -28.71
CA ARG A 401 13.43 -21.03 -27.92
C ARG A 401 14.05 -22.41 -27.94
N LEU A 402 15.37 -22.46 -28.12
CA LEU A 402 16.10 -23.71 -28.17
C LEU A 402 17.35 -23.65 -27.28
N GLY A 403 17.46 -24.63 -26.38
CA GLY A 403 18.59 -24.68 -25.47
C GLY A 403 19.34 -26.00 -25.66
N THR A 404 20.60 -26.03 -25.25
CA THR A 404 21.40 -27.23 -25.41
C THR A 404 21.83 -27.96 -24.14
N PRO A 405 21.66 -27.36 -22.96
CA PRO A 405 22.07 -28.05 -21.74
C PRO A 405 21.61 -29.51 -21.63
N ALA A 406 20.31 -29.73 -21.70
CA ALA A 406 19.77 -31.08 -21.57
C ALA A 406 20.45 -32.12 -22.46
N LEU A 407 20.35 -31.93 -23.77
CA LEU A 407 20.95 -32.85 -24.72
C LEU A 407 22.47 -32.96 -24.61
N THR A 408 23.13 -31.90 -24.17
CA THR A 408 24.58 -31.92 -24.02
C THR A 408 24.99 -32.72 -22.79
N SER A 409 24.12 -32.77 -21.79
CA SER A 409 24.39 -33.54 -20.58
C SER A 409 24.28 -35.01 -20.97
N ARG A 410 23.64 -35.23 -22.11
CA ARG A 410 23.46 -36.55 -22.67
C ARG A 410 24.66 -36.98 -23.51
N GLY A 411 25.56 -36.04 -23.79
CA GLY A 411 26.74 -36.37 -24.56
C GLY A 411 26.72 -35.96 -26.02
N LEU A 412 25.62 -35.37 -26.48
CA LEU A 412 25.56 -34.96 -27.87
C LEU A 412 26.66 -33.99 -28.18
N LEU A 413 27.24 -34.13 -29.37
CA LEU A 413 28.31 -33.23 -29.76
C LEU A 413 27.89 -32.43 -30.99
N GLU A 414 28.81 -31.63 -31.53
CA GLU A 414 28.50 -30.81 -32.69
C GLU A 414 27.77 -31.56 -33.80
N LYS A 415 28.34 -32.66 -34.27
CA LYS A 415 27.72 -33.44 -35.35
C LYS A 415 26.29 -33.81 -34.99
N ASP A 416 26.09 -34.33 -33.79
CA ASP A 416 24.78 -34.73 -33.31
C ASP A 416 23.77 -33.58 -33.37
N PHE A 417 24.18 -32.41 -32.89
CA PHE A 417 23.30 -31.26 -32.89
C PHE A 417 22.99 -30.76 -34.29
N GLN A 418 23.74 -31.24 -35.27
CA GLN A 418 23.51 -30.86 -36.65
C GLN A 418 22.40 -31.75 -37.19
N LYS A 419 22.30 -32.96 -36.66
CA LYS A 419 21.24 -33.86 -37.08
C LYS A 419 19.96 -33.44 -36.37
N VAL A 420 20.10 -32.82 -35.20
CA VAL A 420 18.94 -32.36 -34.47
C VAL A 420 18.33 -31.21 -35.24
N ALA A 421 19.18 -30.29 -35.67
CA ALA A 421 18.72 -29.13 -36.42
C ALA A 421 17.90 -29.62 -37.60
N HIS A 422 18.33 -30.73 -38.20
CA HIS A 422 17.63 -31.29 -39.34
C HIS A 422 16.29 -31.92 -38.98
N PHE A 423 16.21 -32.47 -37.77
CA PHE A 423 14.97 -33.05 -37.34
C PHE A 423 14.02 -31.88 -37.11
N ILE A 424 14.49 -30.88 -36.37
CA ILE A 424 13.69 -29.69 -36.07
C ILE A 424 13.21 -29.07 -37.38
N HIS A 425 14.12 -28.99 -38.34
CA HIS A 425 13.79 -28.41 -39.64
C HIS A 425 12.59 -29.08 -40.28
N ARG A 426 12.66 -30.40 -40.40
CA ARG A 426 11.55 -31.15 -40.98
C ARG A 426 10.30 -30.84 -40.21
N GLY A 427 10.42 -30.78 -38.89
CA GLY A 427 9.26 -30.51 -38.06
C GLY A 427 8.55 -29.25 -38.51
N ILE A 428 9.34 -28.23 -38.80
CA ILE A 428 8.80 -26.95 -39.24
C ILE A 428 8.13 -27.04 -40.61
N GLU A 429 8.70 -27.84 -41.49
CA GLU A 429 8.13 -28.00 -42.82
C GLU A 429 6.76 -28.63 -42.73
N LEU A 430 6.61 -29.61 -41.85
CA LEU A 430 5.32 -30.25 -41.70
C LEU A 430 4.38 -29.16 -41.21
N THR A 431 4.84 -28.45 -40.18
CA THR A 431 4.08 -27.37 -39.57
C THR A 431 3.56 -26.42 -40.64
N VAL A 432 4.34 -26.25 -41.71
CA VAL A 432 3.97 -25.39 -42.82
C VAL A 432 3.22 -26.15 -43.92
N GLN A 433 3.56 -27.42 -44.14
CA GLN A 433 2.88 -28.20 -45.16
C GLN A 433 1.39 -28.25 -44.83
N ILE A 434 1.08 -28.39 -43.54
CA ILE A 434 -0.30 -28.45 -43.09
C ILE A 434 -0.91 -27.05 -42.99
N GLN A 435 -0.07 -26.06 -42.72
CA GLN A 435 -0.55 -24.69 -42.64
C GLN A 435 -0.92 -24.30 -44.07
N ASP A 436 -0.41 -25.08 -45.05
CA ASP A 436 -0.71 -24.85 -46.46
C ASP A 436 -2.15 -25.23 -46.71
N ASP A 437 -2.62 -26.23 -45.97
CA ASP A 437 -4.01 -26.67 -46.07
C ASP A 437 -4.82 -25.76 -45.15
N THR A 438 -4.15 -25.24 -44.12
CA THR A 438 -4.77 -24.37 -43.13
C THR A 438 -5.63 -23.23 -43.70
N GLY A 439 -5.00 -22.39 -44.51
CA GLY A 439 -5.70 -21.25 -45.08
C GLY A 439 -5.39 -20.09 -44.15
N PRO A 440 -4.31 -19.34 -44.42
CA PRO A 440 -3.85 -18.19 -43.64
C PRO A 440 -4.74 -17.70 -42.49
N ARG A 441 -5.96 -17.29 -42.81
CA ARG A 441 -6.88 -16.79 -41.79
C ARG A 441 -7.35 -17.86 -40.80
N ALA A 442 -7.74 -19.02 -41.32
CA ALA A 442 -8.17 -20.13 -40.46
C ALA A 442 -6.99 -20.43 -39.54
N THR A 443 -7.20 -20.37 -38.23
CA THR A 443 -6.08 -20.60 -37.32
C THR A 443 -6.38 -21.03 -35.89
N LEU A 444 -5.27 -21.23 -35.16
CA LEU A 444 -5.23 -21.64 -33.76
C LEU A 444 -5.85 -23.00 -33.46
N LYS A 445 -7.07 -23.00 -32.93
CA LYS A 445 -7.77 -24.25 -32.60
C LYS A 445 -7.90 -25.11 -33.85
N GLU A 446 -7.97 -24.46 -34.99
CA GLU A 446 -8.11 -25.17 -36.25
C GLU A 446 -6.83 -25.88 -36.68
N PHE A 447 -5.68 -25.27 -36.41
CA PHE A 447 -4.41 -25.86 -36.78
C PHE A 447 -4.28 -27.28 -36.23
N LYS A 448 -4.28 -27.39 -34.90
CA LYS A 448 -4.16 -28.69 -34.22
C LYS A 448 -5.18 -29.69 -34.75
N GLU A 449 -6.40 -29.22 -35.01
CA GLU A 449 -7.47 -30.09 -35.51
C GLU A 449 -7.04 -30.76 -36.82
N LYS A 450 -6.22 -30.06 -37.61
CA LYS A 450 -5.73 -30.60 -38.88
C LYS A 450 -4.49 -31.47 -38.71
N LEU A 451 -3.57 -31.06 -37.82
CA LEU A 451 -2.36 -31.85 -37.58
C LEU A 451 -2.78 -33.19 -37.01
N ALA A 452 -3.81 -33.15 -36.17
CA ALA A 452 -4.33 -34.35 -35.54
C ALA A 452 -5.72 -34.66 -36.08
N GLY A 453 -5.83 -34.81 -37.40
CA GLY A 453 -7.12 -35.10 -37.98
C GLY A 453 -7.11 -35.59 -39.42
N ASP A 454 -6.00 -35.40 -40.11
CA ASP A 454 -5.92 -35.83 -41.51
C ASP A 454 -4.61 -36.58 -41.81
N GLU A 455 -4.72 -37.64 -42.60
CA GLU A 455 -3.57 -38.46 -42.96
C GLU A 455 -2.50 -37.67 -43.70
N LYS A 456 -1.49 -38.38 -44.19
CA LYS A 456 -0.36 -37.79 -44.89
C LYS A 456 0.50 -37.19 -43.80
N HIS A 457 -0.11 -36.32 -43.02
CA HIS A 457 0.55 -35.64 -41.90
C HIS A 457 0.84 -36.60 -40.75
N GLN A 458 -0.21 -37.25 -40.26
CA GLN A 458 -0.08 -38.22 -39.17
C GLN A 458 1.00 -39.22 -39.58
N ARG A 459 0.90 -39.70 -40.82
CA ARG A 459 1.86 -40.65 -41.37
C ARG A 459 3.22 -39.97 -41.46
N ALA A 460 3.20 -38.66 -41.67
CA ALA A 460 4.43 -37.85 -41.75
C ALA A 460 5.04 -37.72 -40.37
N VAL A 461 4.17 -37.47 -39.39
CA VAL A 461 4.56 -37.32 -37.99
C VAL A 461 5.09 -38.64 -37.44
N ARG A 462 4.41 -39.72 -37.79
CA ARG A 462 4.80 -41.04 -37.34
C ARG A 462 6.18 -41.37 -37.85
N ALA A 463 6.46 -40.98 -39.08
CA ALA A 463 7.75 -41.24 -39.67
C ALA A 463 8.85 -40.47 -38.95
N LEU A 464 8.70 -39.14 -38.95
CA LEU A 464 9.65 -38.24 -38.31
C LEU A 464 9.89 -38.75 -36.92
N ARG A 465 8.87 -38.59 -36.09
CA ARG A 465 8.89 -39.02 -34.71
C ARG A 465 9.73 -40.29 -34.52
N GLN A 466 9.46 -41.31 -35.34
CA GLN A 466 10.19 -42.56 -35.24
C GLN A 466 11.69 -42.33 -35.33
N GLU A 467 12.15 -41.73 -36.42
CA GLU A 467 13.58 -41.48 -36.57
C GLU A 467 14.14 -40.64 -35.40
N VAL A 468 13.31 -39.78 -34.83
CA VAL A 468 13.70 -38.93 -33.71
C VAL A 468 13.89 -39.76 -32.45
N GLU A 469 12.92 -40.61 -32.15
CA GLU A 469 13.03 -41.44 -30.96
C GLU A 469 14.16 -42.45 -31.11
N SER A 470 14.31 -43.01 -32.31
CA SER A 470 15.39 -43.99 -32.50
C SER A 470 16.72 -43.38 -32.11
N PHE A 471 17.04 -42.27 -32.76
CA PHE A 471 18.28 -41.56 -32.50
C PHE A 471 18.41 -41.25 -31.01
N ALA A 472 17.31 -40.79 -30.40
CA ALA A 472 17.32 -40.45 -28.98
C ALA A 472 17.68 -41.65 -28.10
N ALA A 473 17.23 -42.83 -28.52
CA ALA A 473 17.50 -44.06 -27.79
C ALA A 473 18.95 -44.51 -27.93
N LEU A 474 19.74 -43.71 -28.64
CA LEU A 474 21.15 -44.02 -28.85
C LEU A 474 22.03 -43.37 -27.79
N PHE A 475 21.41 -42.54 -26.95
CA PHE A 475 22.14 -41.85 -25.88
C PHE A 475 21.74 -42.24 -24.46
N PRO A 476 22.65 -42.05 -23.51
CA PRO A 476 22.41 -42.37 -22.10
C PRO A 476 21.36 -41.45 -21.52
N LEU A 477 20.93 -41.71 -20.29
CA LEU A 477 19.95 -40.87 -19.63
C LEU A 477 20.29 -40.76 -18.14
N PRO A 478 20.97 -39.68 -17.74
CA PRO A 478 21.34 -39.49 -16.33
C PRO A 478 20.17 -39.75 -15.40
N GLY A 479 20.45 -40.34 -14.26
CA GLY A 479 19.38 -40.62 -13.31
C GLY A 479 19.70 -41.84 -12.47
N LEU A 480 18.67 -42.35 -11.80
CA LEU A 480 18.82 -43.51 -10.95
C LEU A 480 19.00 -44.76 -11.81
N PRO A 481 19.45 -44.56 -13.04
CA PRO A 481 19.66 -45.66 -13.97
C PRO A 481 18.35 -46.38 -14.24
N GLY A 482 17.32 -45.64 -14.63
CA GLY A 482 16.03 -46.24 -14.92
C GLY A 482 14.82 -45.54 -14.32
N PHE A 483 14.91 -45.17 -13.04
CA PHE A 483 13.79 -44.51 -12.38
C PHE A 483 13.77 -43.02 -12.69
N TRP B 14 39.31 -34.76 -18.30
CA TRP B 14 38.18 -33.99 -18.89
C TRP B 14 37.42 -34.85 -19.91
N SER B 15 38.14 -35.75 -20.56
CA SER B 15 37.56 -36.61 -21.59
C SER B 15 36.57 -37.69 -21.11
N SER B 16 35.66 -37.30 -20.21
CA SER B 16 34.66 -38.22 -19.69
C SER B 16 33.35 -37.49 -19.33
N HIS B 17 33.17 -37.18 -18.05
CA HIS B 17 31.97 -36.49 -17.55
C HIS B 17 30.77 -37.41 -17.41
N GLU B 18 30.61 -38.32 -18.36
CA GLU B 18 29.50 -39.25 -18.30
C GLU B 18 29.68 -40.09 -17.07
N GLN B 19 30.94 -40.27 -16.68
CA GLN B 19 31.25 -41.06 -15.50
C GLN B 19 30.57 -40.39 -14.32
N MET B 20 30.95 -39.15 -14.08
CA MET B 20 30.42 -38.33 -13.00
C MET B 20 28.90 -38.38 -12.83
N LEU B 21 28.19 -38.19 -13.93
CA LEU B 21 26.73 -38.20 -13.90
C LEU B 21 26.14 -39.48 -13.34
N ALA B 22 26.93 -40.55 -13.36
CA ALA B 22 26.42 -41.82 -12.88
C ALA B 22 26.97 -42.28 -11.55
N GLN B 23 28.15 -41.79 -11.19
CA GLN B 23 28.75 -42.25 -9.95
C GLN B 23 27.89 -41.98 -8.74
N PRO B 24 27.79 -42.97 -7.84
CA PRO B 24 26.99 -42.86 -6.63
C PRO B 24 27.46 -41.71 -5.77
N LEU B 25 26.56 -41.20 -4.94
CA LEU B 25 26.88 -40.09 -4.07
C LEU B 25 28.00 -40.48 -3.12
N LYS B 26 27.98 -41.75 -2.70
CA LYS B 26 28.96 -42.32 -1.79
C LYS B 26 30.38 -42.16 -2.32
N ASP B 27 30.53 -42.00 -3.63
CA ASP B 27 31.86 -41.80 -4.21
C ASP B 27 32.02 -40.32 -4.60
N SER B 28 30.98 -39.79 -5.23
CA SER B 28 31.03 -38.41 -5.69
C SER B 28 31.17 -37.42 -4.53
N ASP B 29 30.53 -37.69 -3.39
CA ASP B 29 30.65 -36.79 -2.26
C ASP B 29 30.70 -37.48 -0.92
N ALA B 30 31.90 -37.70 -0.41
CA ALA B 30 32.10 -38.34 0.88
C ALA B 30 31.63 -37.44 2.01
N GLU B 31 31.85 -36.14 1.87
CA GLU B 31 31.45 -35.22 2.91
C GLU B 31 29.94 -35.26 3.16
N VAL B 32 29.17 -35.01 2.11
CA VAL B 32 27.72 -35.02 2.24
C VAL B 32 27.26 -36.39 2.71
N TYR B 33 27.85 -37.44 2.17
CA TYR B 33 27.47 -38.79 2.54
C TYR B 33 27.59 -38.97 4.06
N ASP B 34 28.76 -38.67 4.60
CA ASP B 34 28.97 -38.79 6.03
C ASP B 34 27.88 -38.02 6.78
N ILE B 35 27.65 -36.77 6.37
CA ILE B 35 26.60 -35.95 6.98
C ILE B 35 25.29 -36.74 6.99
N ILE B 36 24.91 -37.28 5.85
CA ILE B 36 23.68 -38.05 5.80
C ILE B 36 23.72 -39.24 6.77
N LYS B 37 24.85 -39.95 6.80
CA LYS B 37 24.99 -41.09 7.70
C LYS B 37 25.01 -40.61 9.15
N LYS B 38 25.78 -39.56 9.44
CA LYS B 38 25.83 -39.04 10.80
C LYS B 38 24.46 -38.52 11.26
N GLU B 39 23.67 -38.02 10.32
CA GLU B 39 22.34 -37.51 10.62
C GLU B 39 21.37 -38.67 10.84
N SER B 40 21.58 -39.73 10.08
CA SER B 40 20.75 -40.91 10.21
C SER B 40 21.01 -41.61 11.54
N ASN B 41 22.27 -41.63 11.98
CA ASN B 41 22.59 -42.27 13.25
C ASN B 41 22.05 -41.41 14.40
N ARG B 42 22.20 -40.09 14.25
CA ARG B 42 21.71 -39.14 15.23
C ARG B 42 20.21 -39.34 15.42
N GLN B 43 19.48 -39.45 14.30
CA GLN B 43 18.03 -39.65 14.37
C GLN B 43 17.66 -40.98 15.00
N ARG B 44 18.53 -41.97 14.85
CA ARG B 44 18.30 -43.30 15.38
C ARG B 44 18.44 -43.42 16.90
N VAL B 45 19.53 -42.89 17.44
CA VAL B 45 19.78 -42.99 18.88
C VAL B 45 19.14 -41.90 19.72
N GLY B 46 18.41 -40.99 19.10
CA GLY B 46 17.80 -39.94 19.88
C GLY B 46 16.30 -40.10 20.06
N LEU B 47 15.74 -39.37 21.03
CA LEU B 47 14.30 -39.43 21.29
C LEU B 47 13.69 -38.17 20.66
N GLU B 48 13.22 -38.31 19.43
CA GLU B 48 12.66 -37.17 18.72
C GLU B 48 11.26 -36.79 19.19
N LEU B 49 11.18 -35.74 19.99
CA LEU B 49 9.91 -35.26 20.55
C LEU B 49 9.41 -33.93 19.96
N ILE B 50 10.14 -33.36 19.01
CA ILE B 50 9.69 -32.12 18.36
C ILE B 50 8.34 -32.46 17.72
N ALA B 51 7.31 -31.73 18.12
CA ALA B 51 5.94 -31.94 17.63
C ALA B 51 5.75 -31.85 16.12
N SER B 52 6.61 -31.09 15.46
CA SER B 52 6.47 -30.92 14.02
C SER B 52 7.27 -31.91 13.19
N GLU B 53 8.01 -32.80 13.85
CA GLU B 53 8.82 -33.76 13.11
C GLU B 53 8.20 -35.15 13.00
N ASN B 54 8.53 -35.85 11.92
CA ASN B 54 8.05 -37.20 11.71
C ASN B 54 9.12 -37.90 10.88
N PHE B 55 8.89 -39.16 10.54
CA PHE B 55 9.84 -39.91 9.72
C PHE B 55 9.13 -40.40 8.48
N ALA B 56 9.47 -39.82 7.33
CA ALA B 56 8.86 -40.20 6.06
C ALA B 56 9.17 -41.65 5.75
N SER B 57 8.27 -42.32 5.04
CA SER B 57 8.48 -43.72 4.69
C SER B 57 9.48 -43.84 3.56
N ARG B 58 9.95 -45.06 3.34
CA ARG B 58 10.91 -45.33 2.30
C ARG B 58 10.33 -45.08 0.92
N ALA B 59 9.07 -45.43 0.74
CA ALA B 59 8.42 -45.24 -0.55
C ALA B 59 8.49 -43.76 -0.94
N VAL B 60 8.05 -42.90 -0.03
CA VAL B 60 8.03 -41.46 -0.27
C VAL B 60 9.41 -40.95 -0.68
N LEU B 61 10.41 -41.15 0.17
CA LEU B 61 11.78 -40.72 -0.15
C LEU B 61 12.29 -41.26 -1.48
N GLU B 62 11.84 -42.46 -1.85
CA GLU B 62 12.26 -43.06 -3.10
C GLU B 62 11.72 -42.22 -4.27
N ALA B 63 10.50 -41.70 -4.13
CA ALA B 63 9.89 -40.88 -5.17
C ALA B 63 10.65 -39.56 -5.38
N LEU B 64 11.16 -38.97 -4.30
CA LEU B 64 11.88 -37.71 -4.39
C LEU B 64 13.06 -37.76 -5.33
N GLY B 65 13.70 -38.91 -5.43
CA GLY B 65 14.85 -39.02 -6.31
C GLY B 65 14.54 -39.49 -7.72
N SER B 66 13.27 -39.59 -8.09
CA SER B 66 12.93 -40.04 -9.45
C SER B 66 13.30 -39.00 -10.49
N CYS B 67 13.06 -39.32 -11.76
CA CYS B 67 13.39 -38.41 -12.86
C CYS B 67 12.36 -37.29 -12.97
N LEU B 68 11.37 -37.32 -12.09
CA LEU B 68 10.33 -36.30 -12.05
C LEU B 68 10.96 -34.93 -11.75
N ASN B 69 12.18 -34.97 -11.20
CA ASN B 69 12.94 -33.76 -10.89
C ASN B 69 13.25 -32.97 -12.15
N ASN B 70 13.34 -33.68 -13.27
CA ASN B 70 13.70 -33.04 -14.53
C ASN B 70 12.66 -32.31 -15.36
N LYS B 71 11.37 -32.55 -15.12
CA LYS B 71 10.38 -31.88 -15.94
C LYS B 71 9.76 -30.57 -15.43
N TYR B 72 9.66 -29.60 -16.34
CA TYR B 72 9.04 -28.32 -16.03
C TYR B 72 7.60 -28.45 -16.48
N SER B 73 6.66 -28.11 -15.60
CA SER B 73 5.25 -28.20 -15.94
C SER B 73 4.46 -27.05 -15.37
N GLU B 74 4.91 -25.84 -15.65
CA GLU B 74 4.21 -24.64 -15.17
C GLU B 74 2.75 -24.64 -15.60
N GLY B 75 1.86 -24.27 -14.68
CA GLY B 75 0.46 -24.23 -14.99
C GLY B 75 -0.26 -25.43 -14.38
N TYR B 76 -1.23 -25.98 -15.09
CA TYR B 76 -1.96 -27.12 -14.56
C TYR B 76 -2.33 -28.16 -15.61
N PRO B 77 -2.77 -29.34 -15.17
CA PRO B 77 -3.16 -30.40 -16.09
C PRO B 77 -4.22 -29.83 -17.02
N GLY B 78 -4.02 -29.98 -18.33
CA GLY B 78 -4.98 -29.46 -19.28
C GLY B 78 -4.50 -28.13 -19.81
N GLN B 79 -3.91 -27.33 -18.94
CA GLN B 79 -3.40 -26.01 -19.33
C GLN B 79 -1.95 -25.75 -18.92
N ARG B 80 -1.02 -26.45 -19.56
CA ARG B 80 0.41 -26.31 -19.28
C ARG B 80 1.03 -25.30 -20.26
N TYR B 81 2.27 -24.89 -19.98
CA TYR B 81 2.97 -23.96 -20.85
C TYR B 81 4.09 -24.68 -21.59
N TYR B 82 4.33 -25.92 -21.22
CA TYR B 82 5.36 -26.72 -21.85
C TYR B 82 4.77 -27.95 -22.52
N GLY B 83 5.59 -28.68 -23.27
CA GLY B 83 5.11 -29.86 -23.96
C GLY B 83 5.78 -31.13 -23.49
N GLY B 84 4.98 -32.17 -23.30
CA GLY B 84 5.50 -33.45 -22.86
C GLY B 84 5.13 -33.72 -21.41
N THR B 85 4.01 -33.14 -20.97
CA THR B 85 3.56 -33.32 -19.60
C THR B 85 2.54 -34.43 -19.40
N GLU B 86 2.36 -35.28 -20.40
CA GLU B 86 1.39 -36.37 -20.30
C GLU B 86 1.47 -37.15 -18.98
N HIS B 87 2.69 -37.48 -18.56
CA HIS B 87 2.86 -38.24 -17.34
C HIS B 87 2.77 -37.37 -16.10
N ILE B 88 3.28 -36.16 -16.18
CA ILE B 88 3.17 -35.26 -15.03
C ILE B 88 1.68 -34.95 -14.81
N ASP B 89 0.91 -35.01 -15.89
CA ASP B 89 -0.51 -34.71 -15.78
C ASP B 89 -1.23 -35.84 -15.07
N GLU B 90 -0.76 -37.07 -15.25
CA GLU B 90 -1.36 -38.21 -14.57
C GLU B 90 -1.01 -38.02 -13.10
N LEU B 91 0.24 -37.66 -12.84
CA LEU B 91 0.70 -37.48 -11.48
C LEU B 91 -0.04 -36.42 -10.71
N GLU B 92 -0.02 -35.18 -11.19
CA GLU B 92 -0.69 -34.11 -10.47
C GLU B 92 -2.16 -34.44 -10.31
N THR B 93 -2.80 -34.90 -11.37
CA THR B 93 -4.20 -35.25 -11.29
C THR B 93 -4.41 -36.35 -10.26
N LEU B 94 -3.60 -37.40 -10.33
CA LEU B 94 -3.72 -38.49 -9.37
C LEU B 94 -3.62 -37.93 -7.96
N CYS B 95 -2.59 -37.13 -7.70
CA CYS B 95 -2.38 -36.57 -6.37
C CYS B 95 -3.58 -35.79 -5.87
N GLN B 96 -4.23 -35.04 -6.77
CA GLN B 96 -5.41 -34.27 -6.38
C GLN B 96 -6.56 -35.19 -6.01
N LYS B 97 -6.69 -36.30 -6.73
N LYS B 97 -6.70 -36.29 -6.73
CA LYS B 97 -7.76 -37.25 -6.45
CA LYS B 97 -7.78 -37.24 -6.44
C LYS B 97 -7.56 -37.85 -5.07
C LYS B 97 -7.56 -37.87 -5.07
N ARG B 98 -6.33 -38.26 -4.78
CA ARG B 98 -5.99 -38.87 -3.51
C ARG B 98 -6.12 -37.87 -2.36
N ALA B 99 -5.80 -36.60 -2.63
CA ALA B 99 -5.89 -35.58 -1.60
C ALA B 99 -7.35 -35.36 -1.17
N LEU B 100 -8.24 -35.25 -2.15
CA LEU B 100 -9.66 -35.07 -1.84
C LEU B 100 -10.19 -36.31 -1.16
N GLN B 101 -9.77 -37.47 -1.65
CA GLN B 101 -10.19 -38.74 -1.10
C GLN B 101 -9.78 -38.90 0.37
N ALA B 102 -8.50 -38.78 0.64
CA ALA B 102 -7.98 -38.93 2.00
C ALA B 102 -8.82 -38.19 3.04
N TYR B 103 -9.41 -37.07 2.65
CA TYR B 103 -10.22 -36.30 3.58
C TYR B 103 -11.73 -36.44 3.37
N GLY B 104 -12.11 -37.47 2.62
CA GLY B 104 -13.52 -37.75 2.36
C GLY B 104 -14.29 -36.56 1.81
N LEU B 105 -13.70 -35.90 0.82
CA LEU B 105 -14.30 -34.72 0.22
C LEU B 105 -14.90 -35.03 -1.14
N ASP B 106 -15.96 -34.30 -1.46
CA ASP B 106 -16.65 -34.46 -2.74
C ASP B 106 -16.13 -33.45 -3.75
N PRO B 107 -15.60 -33.93 -4.88
CA PRO B 107 -15.07 -33.09 -5.95
C PRO B 107 -16.00 -32.00 -6.47
N GLN B 108 -17.30 -32.18 -6.28
N GLN B 108 -17.30 -32.19 -6.28
CA GLN B 108 -18.25 -31.18 -6.74
CA GLN B 108 -18.26 -31.19 -6.74
C GLN B 108 -18.32 -30.06 -5.72
C GLN B 108 -18.33 -30.07 -5.72
N CYS B 109 -17.79 -30.31 -4.53
CA CYS B 109 -17.80 -29.31 -3.48
C CYS B 109 -16.40 -28.82 -3.13
N TRP B 110 -15.40 -29.66 -3.37
CA TRP B 110 -14.03 -29.27 -3.07
C TRP B 110 -13.06 -29.49 -4.22
N GLY B 111 -12.04 -28.64 -4.28
CA GLY B 111 -11.00 -28.75 -5.28
C GLY B 111 -9.68 -28.60 -4.54
N VAL B 112 -8.57 -28.97 -5.17
CA VAL B 112 -7.28 -28.84 -4.49
C VAL B 112 -6.12 -28.52 -5.41
N ASN B 113 -5.15 -27.82 -4.84
CA ASN B 113 -3.95 -27.41 -5.53
C ASN B 113 -2.80 -28.05 -4.76
N VAL B 114 -2.01 -28.87 -5.45
CA VAL B 114 -0.92 -29.57 -4.81
C VAL B 114 0.49 -29.09 -5.15
N GLN B 115 0.60 -27.88 -5.72
CA GLN B 115 1.90 -27.35 -6.09
C GLN B 115 2.67 -26.55 -5.03
N PRO B 116 2.02 -26.15 -3.93
CA PRO B 116 2.81 -25.38 -2.95
C PRO B 116 4.11 -26.08 -2.53
N TYR B 117 5.19 -25.31 -2.56
CA TYR B 117 6.52 -25.77 -2.20
C TYR B 117 6.65 -26.18 -0.74
N SER B 118 5.88 -25.56 0.14
CA SER B 118 5.94 -25.90 1.55
C SER B 118 4.70 -25.37 2.25
N GLY B 119 4.72 -25.35 3.58
CA GLY B 119 3.58 -24.87 4.35
C GLY B 119 3.40 -23.36 4.30
N SER B 120 4.46 -22.63 4.59
CA SER B 120 4.40 -21.18 4.54
C SER B 120 4.03 -20.66 3.15
N PRO B 121 4.57 -21.29 2.09
CA PRO B 121 4.20 -20.81 0.76
C PRO B 121 2.72 -20.98 0.47
N ALA B 122 2.13 -22.06 0.98
CA ALA B 122 0.71 -22.33 0.76
C ALA B 122 -0.17 -21.23 1.36
N ASN B 123 0.10 -20.86 2.60
CA ASN B 123 -0.68 -19.82 3.26
C ASN B 123 -0.57 -18.52 2.49
N PHE B 124 0.65 -18.10 2.22
CA PHE B 124 0.88 -16.85 1.52
C PHE B 124 0.16 -16.82 0.18
N ALA B 125 0.03 -17.98 -0.45
CA ALA B 125 -0.66 -18.05 -1.72
C ALA B 125 -2.14 -17.74 -1.51
N VAL B 126 -2.72 -18.33 -0.47
CA VAL B 126 -4.13 -18.11 -0.16
C VAL B 126 -4.40 -16.66 0.19
N TYR B 127 -3.49 -16.04 0.93
CA TYR B 127 -3.66 -14.64 1.31
C TYR B 127 -3.65 -13.76 0.07
N THR B 128 -2.72 -14.00 -0.83
CA THR B 128 -2.57 -13.24 -2.06
C THR B 128 -3.80 -13.39 -2.92
N ALA B 129 -4.35 -14.60 -2.97
CA ALA B 129 -5.51 -14.85 -3.80
C ALA B 129 -6.82 -14.26 -3.27
N LEU B 130 -7.03 -14.35 -1.96
CA LEU B 130 -8.27 -13.86 -1.36
C LEU B 130 -8.20 -12.54 -0.64
N VAL B 131 -7.02 -12.17 -0.20
CA VAL B 131 -6.86 -10.92 0.52
C VAL B 131 -5.89 -10.05 -0.28
N GLU B 132 -6.40 -9.05 -0.98
CA GLU B 132 -5.51 -8.18 -1.74
C GLU B 132 -4.48 -7.63 -0.75
N PRO B 133 -3.46 -6.91 -1.25
CA PRO B 133 -2.45 -6.35 -0.37
C PRO B 133 -3.09 -5.42 0.65
N HIS B 134 -2.62 -5.45 1.90
CA HIS B 134 -3.16 -4.59 2.95
C HIS B 134 -4.48 -5.12 3.51
N GLY B 135 -4.93 -6.25 2.99
CA GLY B 135 -6.15 -6.84 3.50
C GLY B 135 -5.93 -7.30 4.94
N ARG B 136 -6.99 -7.29 5.73
CA ARG B 136 -6.86 -7.66 7.14
C ARG B 136 -7.02 -9.15 7.42
N ILE B 137 -6.07 -9.70 8.17
CA ILE B 137 -6.12 -11.12 8.52
C ILE B 137 -6.14 -11.30 10.03
N MET B 138 -6.92 -12.26 10.51
CA MET B 138 -6.94 -12.50 11.95
C MET B 138 -6.51 -13.91 12.29
N GLY B 139 -5.52 -14.00 13.18
CA GLY B 139 -5.02 -15.29 13.59
C GLY B 139 -4.58 -15.33 15.04
N LEU B 140 -4.44 -16.54 15.56
CA LEU B 140 -4.00 -16.76 16.93
C LEU B 140 -2.63 -16.12 17.16
N ASP B 141 -2.50 -15.36 18.24
CA ASP B 141 -1.23 -14.72 18.53
C ASP B 141 -0.13 -15.77 18.66
N LEU B 142 1.07 -15.45 18.17
CA LEU B 142 2.21 -16.36 18.22
C LEU B 142 2.46 -16.92 19.61
N PRO B 143 2.68 -16.04 20.59
CA PRO B 143 2.92 -16.50 21.96
C PRO B 143 1.80 -17.42 22.48
N ASP B 144 0.64 -17.39 21.83
CA ASP B 144 -0.44 -18.25 22.26
C ASP B 144 -0.55 -19.51 21.41
N GLY B 145 0.51 -19.82 20.66
CA GLY B 145 0.47 -21.02 19.85
C GLY B 145 0.19 -20.81 18.37
N GLY B 146 0.22 -19.56 17.92
CA GLY B 146 -0.03 -19.28 16.52
C GLY B 146 1.23 -19.50 15.71
N HIS B 147 1.11 -19.50 14.39
CA HIS B 147 2.27 -19.69 13.53
C HIS B 147 2.64 -18.36 12.89
N LEU B 148 3.92 -18.18 12.58
CA LEU B 148 4.42 -16.96 11.94
C LEU B 148 3.55 -16.55 10.77
N THR B 149 3.25 -17.51 9.90
CA THR B 149 2.47 -17.26 8.69
C THR B 149 1.04 -16.81 8.94
N HIS B 150 0.67 -16.69 10.20
CA HIS B 150 -0.68 -16.23 10.52
C HIS B 150 -0.56 -14.76 10.93
N GLY B 151 0.59 -14.18 10.62
CA GLY B 151 0.85 -12.79 10.97
C GLY B 151 1.63 -12.76 12.27
N PHE B 152 2.49 -11.77 12.44
CA PHE B 152 3.26 -11.66 13.66
C PHE B 152 4.08 -10.40 13.52
N MET B 153 3.83 -9.45 14.42
CA MET B 153 4.53 -8.18 14.40
C MET B 153 4.70 -7.61 15.81
N THR B 154 5.38 -6.48 15.92
CA THR B 154 5.58 -5.87 17.22
C THR B 154 5.16 -4.42 17.22
N ASP B 155 5.33 -3.80 18.38
CA ASP B 155 5.01 -2.40 18.56
C ASP B 155 5.90 -1.65 17.58
N LYS B 156 7.06 -2.24 17.30
CA LYS B 156 8.06 -1.64 16.41
C LYS B 156 8.09 -2.08 14.94
N LYS B 157 8.33 -3.37 14.69
CA LYS B 157 8.41 -3.88 13.32
C LYS B 157 7.67 -5.18 13.10
N LYS B 158 7.40 -5.47 11.83
CA LYS B 158 6.70 -6.68 11.42
C LYS B 158 7.72 -7.77 11.08
N ILE B 159 7.65 -8.91 11.76
CA ILE B 159 8.59 -10.01 11.52
C ILE B 159 8.19 -10.96 10.39
N SER B 160 6.90 -11.26 10.27
CA SER B 160 6.44 -12.17 9.24
C SER B 160 5.94 -11.45 7.99
N ALA B 161 6.25 -12.01 6.83
CA ALA B 161 5.83 -11.45 5.55
C ALA B 161 4.32 -11.27 5.48
N THR B 162 3.59 -12.16 6.15
CA THR B 162 2.14 -12.08 6.17
C THR B 162 1.78 -10.80 6.88
N SER B 163 2.69 -10.35 7.74
CA SER B 163 2.46 -9.14 8.50
C SER B 163 3.00 -7.91 7.77
N ILE B 164 3.80 -8.13 6.74
CA ILE B 164 4.38 -7.03 5.96
C ILE B 164 3.51 -6.63 4.76
N PHE B 165 3.03 -7.60 3.99
CA PHE B 165 2.21 -7.31 2.83
C PHE B 165 0.73 -7.40 3.16
N PHE B 166 0.41 -7.60 4.44
CA PHE B 166 -0.97 -7.69 4.87
C PHE B 166 -1.12 -7.05 6.26
N GLU B 167 -2.32 -6.61 6.58
CA GLU B 167 -2.56 -6.00 7.88
C GLU B 167 -3.15 -7.07 8.81
N SER B 168 -2.32 -7.57 9.70
CA SER B 168 -2.74 -8.62 10.63
C SER B 168 -2.95 -8.15 12.05
N MET B 169 -3.98 -8.72 12.67
CA MET B 169 -4.29 -8.44 14.07
C MET B 169 -4.55 -9.81 14.69
N ALA B 170 -3.92 -10.09 15.82
CA ALA B 170 -4.10 -11.40 16.43
C ALA B 170 -5.21 -11.49 17.47
N TYR B 171 -5.64 -12.72 17.73
CA TYR B 171 -6.63 -12.98 18.77
C TYR B 171 -5.90 -13.90 19.73
N LYS B 172 -6.10 -13.67 21.02
CA LYS B 172 -5.39 -14.44 22.01
C LYS B 172 -6.17 -15.56 22.68
N VAL B 173 -5.46 -16.34 23.50
CA VAL B 173 -6.05 -17.43 24.24
C VAL B 173 -6.14 -16.95 25.70
N ASN B 174 -7.22 -17.33 26.39
CA ASN B 174 -7.43 -16.95 27.80
C ASN B 174 -6.17 -17.30 28.59
N PRO B 175 -5.60 -16.34 29.32
CA PRO B 175 -4.39 -16.63 30.09
C PRO B 175 -4.62 -17.57 31.26
N ASP B 176 -5.87 -17.67 31.71
CA ASP B 176 -6.17 -18.52 32.85
C ASP B 176 -6.58 -19.94 32.50
N THR B 177 -6.91 -20.19 31.23
CA THR B 177 -7.35 -21.53 30.81
C THR B 177 -6.54 -22.16 29.69
N GLY B 178 -5.76 -21.36 28.98
CA GLY B 178 -4.98 -21.88 27.88
C GLY B 178 -5.88 -22.11 26.69
N TYR B 179 -7.13 -21.67 26.82
CA TYR B 179 -8.09 -21.82 25.73
C TYR B 179 -8.28 -20.55 24.95
N ILE B 180 -8.61 -20.70 23.67
CA ILE B 180 -8.84 -19.57 22.82
C ILE B 180 -10.07 -18.82 23.33
N ASP B 181 -9.99 -17.50 23.32
CA ASP B 181 -11.10 -16.66 23.80
C ASP B 181 -12.00 -16.32 22.62
N TYR B 182 -12.81 -17.26 22.17
CA TYR B 182 -13.71 -17.02 21.05
C TYR B 182 -14.65 -15.82 21.23
N ASP B 183 -14.82 -15.40 22.48
CA ASP B 183 -15.68 -14.26 22.75
C ASP B 183 -14.98 -12.96 22.35
N ARG B 184 -13.74 -12.80 22.80
CA ARG B 184 -12.99 -11.58 22.49
C ARG B 184 -12.65 -11.47 21.00
N LEU B 185 -12.64 -12.59 20.29
CA LEU B 185 -12.37 -12.59 18.86
C LEU B 185 -13.62 -12.07 18.15
N GLU B 186 -14.76 -12.57 18.59
CA GLU B 186 -16.04 -12.18 18.02
C GLU B 186 -16.25 -10.67 18.09
N GLU B 187 -15.90 -10.09 19.24
CA GLU B 187 -16.03 -8.65 19.46
C GLU B 187 -15.02 -7.85 18.64
N ASN B 188 -13.76 -8.23 18.76
CA ASN B 188 -12.68 -7.57 18.05
C ASN B 188 -12.81 -7.67 16.53
N ALA B 189 -13.44 -8.73 16.05
CA ALA B 189 -13.62 -8.90 14.61
C ALA B 189 -14.57 -7.81 14.11
N ARG B 190 -15.37 -7.26 15.01
CA ARG B 190 -16.32 -6.22 14.61
C ARG B 190 -15.66 -4.87 14.45
N LEU B 191 -14.54 -4.67 15.11
CA LEU B 191 -13.81 -3.42 15.02
C LEU B 191 -12.73 -3.46 13.93
N PHE B 192 -12.12 -4.63 13.75
CA PHE B 192 -11.03 -4.82 12.80
C PHE B 192 -11.45 -5.08 11.36
N HIS B 193 -12.62 -5.69 11.18
CA HIS B 193 -13.13 -6.00 9.85
C HIS B 193 -12.18 -6.89 9.07
N PRO B 194 -11.90 -8.10 9.59
CA PRO B 194 -10.99 -9.01 8.90
C PRO B 194 -11.58 -9.52 7.60
N LYS B 195 -10.74 -9.64 6.58
CA LYS B 195 -11.23 -10.17 5.31
C LYS B 195 -11.09 -11.69 5.39
N LEU B 196 -10.16 -12.15 6.23
CA LEU B 196 -9.92 -13.59 6.43
C LEU B 196 -9.47 -13.95 7.87
N ILE B 197 -10.04 -15.04 8.39
CA ILE B 197 -9.71 -15.48 9.74
C ILE B 197 -9.08 -16.85 9.65
N ILE B 198 -7.97 -17.05 10.37
CA ILE B 198 -7.25 -18.31 10.33
C ILE B 198 -7.61 -19.26 11.48
N ALA B 199 -7.87 -20.52 11.12
CA ALA B 199 -8.21 -21.54 12.11
C ALA B 199 -7.10 -22.57 12.06
N GLY B 200 -6.07 -22.37 12.88
CA GLY B 200 -4.97 -23.32 12.89
C GLY B 200 -3.90 -22.98 13.90
N THR B 201 -3.26 -24.01 14.44
CA THR B 201 -2.22 -23.81 15.46
C THR B 201 -0.91 -24.55 15.25
N SER B 202 0.13 -24.07 15.93
CA SER B 202 1.45 -24.68 15.89
C SER B 202 1.76 -25.27 17.27
N CYS B 203 1.06 -24.76 18.28
CA CYS B 203 1.25 -25.23 19.65
C CYS B 203 -0.03 -24.99 20.47
N TYR B 204 -1.00 -25.89 20.27
CA TYR B 204 -2.29 -25.81 20.95
C TYR B 204 -2.78 -27.24 21.08
N SER B 205 -2.86 -27.75 22.30
CA SER B 205 -3.29 -29.12 22.52
C SER B 205 -4.79 -29.42 22.36
N ARG B 206 -5.59 -28.40 22.04
CA ARG B 206 -7.03 -28.62 21.93
C ARG B 206 -7.65 -28.45 20.54
N ASN B 207 -8.87 -28.94 20.42
CA ASN B 207 -9.61 -28.83 19.18
C ASN B 207 -10.12 -27.41 19.04
N LEU B 208 -10.14 -26.92 17.81
CA LEU B 208 -10.62 -25.59 17.55
C LEU B 208 -12.11 -25.70 17.31
N ASP B 209 -12.82 -24.64 17.67
CA ASP B 209 -14.24 -24.61 17.48
C ASP B 209 -14.47 -24.01 16.12
N TYR B 210 -14.35 -24.82 15.09
CA TYR B 210 -14.55 -24.33 13.75
C TYR B 210 -15.95 -23.73 13.58
N GLY B 211 -16.97 -24.44 14.07
CA GLY B 211 -18.33 -23.97 13.96
C GLY B 211 -18.50 -22.54 14.45
N ARG B 212 -17.90 -22.25 15.58
CA ARG B 212 -17.98 -20.91 16.14
C ARG B 212 -17.18 -19.96 15.25
N LEU B 213 -15.98 -20.38 14.83
CA LEU B 213 -15.14 -19.54 13.98
C LEU B 213 -15.85 -19.23 12.67
N ARG B 214 -16.66 -20.17 12.21
CA ARG B 214 -17.38 -19.98 10.97
C ARG B 214 -18.49 -18.96 11.18
N LYS B 215 -19.19 -19.07 12.31
CA LYS B 215 -20.26 -18.14 12.60
C LYS B 215 -19.71 -16.71 12.73
N ILE B 216 -18.45 -16.58 13.13
CA ILE B 216 -17.84 -15.26 13.27
C ILE B 216 -17.37 -14.69 11.95
N ALA B 217 -16.89 -15.55 11.05
CA ALA B 217 -16.44 -15.06 9.75
C ALA B 217 -17.66 -14.51 9.03
N ASP B 218 -18.67 -15.34 8.86
CA ASP B 218 -19.89 -14.91 8.19
C ASP B 218 -20.42 -13.58 8.70
N GLU B 219 -20.34 -13.36 10.01
CA GLU B 219 -20.83 -12.13 10.60
C GLU B 219 -20.09 -10.91 10.04
N ASN B 220 -18.89 -11.14 9.52
CA ASN B 220 -18.09 -10.05 8.97
C ASN B 220 -17.82 -10.22 7.49
N GLY B 221 -18.45 -11.22 6.87
CA GLY B 221 -18.25 -11.46 5.45
C GLY B 221 -16.87 -11.98 5.08
N ALA B 222 -16.08 -12.31 6.10
CA ALA B 222 -14.72 -12.80 5.92
C ALA B 222 -14.66 -14.27 5.56
N TYR B 223 -13.51 -14.69 5.06
CA TYR B 223 -13.32 -16.10 4.73
C TYR B 223 -12.78 -16.78 5.99
N LEU B 224 -13.07 -18.07 6.13
CA LEU B 224 -12.57 -18.84 7.27
C LEU B 224 -11.58 -19.85 6.72
N MET B 225 -10.29 -19.54 6.83
CA MET B 225 -9.23 -20.41 6.35
C MET B 225 -8.65 -21.24 7.47
N ALA B 226 -8.63 -22.55 7.27
CA ALA B 226 -8.08 -23.45 8.28
C ALA B 226 -6.67 -23.82 7.87
N ASP B 227 -5.80 -23.91 8.86
CA ASP B 227 -4.41 -24.30 8.63
C ASP B 227 -4.21 -25.56 9.47
N MET B 228 -4.50 -26.72 8.88
CA MET B 228 -4.39 -28.00 9.59
C MET B 228 -3.04 -28.69 9.51
N ALA B 229 -1.98 -27.95 9.22
CA ALA B 229 -0.64 -28.54 9.11
C ALA B 229 -0.30 -29.53 10.23
N HIS B 230 -0.49 -29.10 11.48
CA HIS B 230 -0.17 -29.94 12.64
C HIS B 230 -1.08 -31.14 12.87
N ILE B 231 -2.35 -31.05 12.50
CA ILE B 231 -3.26 -32.17 12.74
C ILE B 231 -3.80 -32.84 11.48
N SER B 232 -3.16 -32.53 10.35
CA SER B 232 -3.56 -33.07 9.06
C SER B 232 -3.72 -34.59 9.10
N GLY B 233 -2.76 -35.26 9.71
CA GLY B 233 -2.81 -36.71 9.81
C GLY B 233 -3.90 -37.11 10.77
N LEU B 234 -4.05 -36.37 11.85
CA LEU B 234 -5.07 -36.69 12.83
C LEU B 234 -6.43 -36.67 12.14
N VAL B 235 -6.63 -35.65 11.31
CA VAL B 235 -7.88 -35.48 10.58
C VAL B 235 -8.21 -36.60 9.59
N VAL B 236 -7.22 -37.07 8.83
CA VAL B 236 -7.44 -38.14 7.86
C VAL B 236 -7.87 -39.44 8.52
N ALA B 237 -7.38 -39.67 9.72
CA ALA B 237 -7.71 -40.88 10.46
C ALA B 237 -8.90 -40.68 11.41
N GLY B 238 -9.54 -39.51 11.32
CA GLY B 238 -10.67 -39.25 12.17
C GLY B 238 -10.42 -39.33 13.68
N VAL B 239 -9.28 -38.84 14.15
CA VAL B 239 -9.01 -38.86 15.59
C VAL B 239 -9.24 -37.46 16.18
N VAL B 240 -9.64 -36.53 15.30
CA VAL B 240 -9.99 -35.16 15.69
C VAL B 240 -10.98 -34.66 14.65
N PRO B 241 -11.95 -33.81 15.08
CA PRO B 241 -12.94 -33.29 14.13
C PRO B 241 -12.27 -32.69 12.90
N SER B 242 -12.96 -32.72 11.77
CA SER B 242 -12.44 -32.19 10.52
C SER B 242 -12.73 -30.71 10.33
N PRO B 243 -11.76 -29.96 9.80
CA PRO B 243 -11.97 -28.52 9.58
C PRO B 243 -12.72 -28.26 8.26
N PHE B 244 -12.82 -29.30 7.43
CA PHE B 244 -13.53 -29.22 6.14
C PHE B 244 -15.03 -29.19 6.31
N GLU B 245 -15.48 -29.21 7.55
CA GLU B 245 -16.90 -29.19 7.79
C GLU B 245 -17.43 -27.76 7.88
N HIS B 246 -16.55 -26.83 8.26
CA HIS B 246 -16.93 -25.43 8.42
C HIS B 246 -16.15 -24.42 7.59
N CYS B 247 -14.91 -24.75 7.23
CA CYS B 247 -14.08 -23.80 6.51
C CYS B 247 -14.19 -23.74 4.99
N HIS B 248 -13.98 -22.53 4.47
CA HIS B 248 -14.04 -22.27 3.04
C HIS B 248 -12.76 -22.77 2.37
N VAL B 249 -11.66 -22.59 3.08
CA VAL B 249 -10.38 -23.02 2.57
C VAL B 249 -9.56 -23.67 3.67
N VAL B 250 -8.86 -24.73 3.31
CA VAL B 250 -8.00 -25.44 4.25
C VAL B 250 -6.63 -25.69 3.64
N THR B 251 -5.60 -25.12 4.26
CA THR B 251 -4.23 -25.29 3.79
C THR B 251 -3.48 -26.24 4.74
N THR B 252 -2.38 -26.81 4.29
CA THR B 252 -1.65 -27.72 5.15
C THR B 252 -0.30 -28.16 4.59
N THR B 253 0.57 -28.61 5.48
CA THR B 253 1.87 -29.12 5.10
C THR B 253 1.60 -30.55 4.67
N THR B 254 2.62 -31.24 4.16
CA THR B 254 2.41 -32.62 3.77
C THR B 254 3.33 -33.47 4.60
N HIS B 255 4.08 -32.81 5.47
CA HIS B 255 4.96 -33.54 6.36
C HIS B 255 4.25 -33.55 7.71
N LYS B 256 5.01 -33.44 8.80
CA LYS B 256 4.41 -33.47 10.13
C LYS B 256 3.57 -34.73 10.34
N THR B 257 2.34 -34.60 10.83
CA THR B 257 1.54 -35.80 11.10
C THR B 257 0.99 -36.52 9.88
N LEU B 258 1.22 -35.98 8.69
CA LEU B 258 0.73 -36.65 7.50
C LEU B 258 1.85 -37.58 7.01
N ARG B 259 3.03 -37.39 7.61
CA ARG B 259 4.22 -38.18 7.34
C ARG B 259 4.73 -38.30 5.89
N GLY B 260 4.58 -37.23 5.12
CA GLY B 260 5.07 -37.26 3.74
C GLY B 260 6.31 -36.39 3.63
N CYS B 261 6.68 -36.03 2.41
CA CYS B 261 7.84 -35.16 2.20
C CYS B 261 7.38 -33.71 2.40
N ARG B 262 8.32 -32.78 2.53
CA ARG B 262 7.96 -31.39 2.72
C ARG B 262 7.31 -30.79 1.50
N ALA B 263 6.10 -30.24 1.69
CA ALA B 263 5.32 -29.61 0.63
C ALA B 263 4.00 -29.15 1.23
N GLY B 264 3.21 -28.42 0.47
CA GLY B 264 1.94 -27.95 1.00
C GLY B 264 0.80 -28.12 0.01
N MET B 265 -0.42 -28.07 0.52
CA MET B 265 -1.59 -28.20 -0.32
C MET B 265 -2.62 -27.15 0.06
N ILE B 266 -3.51 -26.81 -0.87
CA ILE B 266 -4.54 -25.83 -0.58
C ILE B 266 -5.88 -26.37 -1.05
N PHE B 267 -6.77 -26.66 -0.10
CA PHE B 267 -8.09 -27.17 -0.43
C PHE B 267 -9.01 -25.97 -0.48
N TYR B 268 -10.00 -26.00 -1.38
CA TYR B 268 -10.95 -24.90 -1.52
C TYR B 268 -12.35 -25.37 -1.90
N ARG B 269 -13.34 -24.57 -1.52
CA ARG B 269 -14.73 -24.88 -1.83
C ARG B 269 -15.07 -24.64 -3.30
N ARG B 270 -16.01 -25.42 -3.81
CA ARG B 270 -16.49 -25.29 -5.19
C ARG B 270 -18.02 -25.29 -5.11
N GLY B 271 -18.67 -24.55 -6.01
CA GLY B 271 -20.12 -24.48 -6.02
C GLY B 271 -20.59 -23.05 -5.75
N VAL B 272 -21.63 -22.87 -4.94
CA VAL B 272 -22.08 -21.51 -4.67
C VAL B 272 -22.13 -21.18 -3.18
N ARG B 273 -21.48 -20.09 -2.81
CA ARG B 273 -21.42 -19.64 -1.43
C ARG B 273 -22.81 -19.18 -0.98
N SER B 274 -23.21 -17.97 -1.38
CA SER B 274 -24.51 -17.43 -1.00
C SER B 274 -25.39 -17.16 -2.22
N VAL B 275 -25.46 -18.14 -3.12
CA VAL B 275 -26.29 -17.98 -4.32
C VAL B 275 -27.76 -17.78 -3.96
N ASP B 276 -28.49 -17.08 -4.82
CA ASP B 276 -29.91 -16.80 -4.62
C ASP B 276 -30.48 -16.22 -5.91
N PRO B 277 -29.79 -16.47 -7.02
CA PRO B 277 -30.21 -15.98 -8.33
C PRO B 277 -30.67 -14.52 -8.26
N TYR B 285 -18.93 -19.33 -5.67
CA TYR B 285 -17.56 -19.67 -5.28
C TYR B 285 -16.61 -19.71 -6.46
N ASN B 286 -15.62 -18.83 -6.44
CA ASN B 286 -14.63 -18.80 -7.51
C ASN B 286 -13.26 -18.81 -6.85
N LEU B 287 -13.18 -19.49 -5.70
CA LEU B 287 -11.94 -19.61 -4.96
C LEU B 287 -10.92 -20.36 -5.78
N GLU B 288 -11.42 -21.24 -6.64
CA GLU B 288 -10.53 -22.03 -7.47
C GLU B 288 -9.64 -21.17 -8.38
N SER B 289 -10.24 -20.36 -9.24
CA SER B 289 -9.44 -19.54 -10.14
C SER B 289 -8.39 -18.73 -9.39
N LEU B 290 -8.84 -17.95 -8.41
CA LEU B 290 -7.95 -17.09 -7.64
C LEU B 290 -6.75 -17.81 -7.04
N ILE B 291 -7.02 -18.80 -6.20
CA ILE B 291 -5.95 -19.56 -5.58
C ILE B 291 -5.04 -20.12 -6.67
N ASN B 292 -5.61 -20.84 -7.62
CA ASN B 292 -4.79 -21.38 -8.69
C ASN B 292 -3.94 -20.28 -9.34
N SER B 293 -4.55 -19.17 -9.73
CA SER B 293 -3.80 -18.07 -10.35
C SER B 293 -2.75 -17.49 -9.41
N ALA B 294 -3.03 -17.53 -8.11
CA ALA B 294 -2.10 -17.03 -7.10
C ALA B 294 -0.84 -17.89 -7.01
N VAL B 295 -1.02 -19.20 -7.04
CA VAL B 295 0.13 -20.08 -6.97
C VAL B 295 0.94 -19.96 -8.25
N PHE B 296 0.23 -19.72 -9.36
CA PHE B 296 0.88 -19.54 -10.66
C PHE B 296 -0.09 -18.93 -11.68
N PRO B 297 0.37 -17.98 -12.49
CA PRO B 297 1.70 -17.37 -12.60
C PRO B 297 1.96 -16.37 -11.48
N GLY B 298 1.22 -16.51 -10.39
CA GLY B 298 1.36 -15.58 -9.29
C GLY B 298 2.65 -15.59 -8.49
N LEU B 299 2.82 -16.60 -7.65
CA LEU B 299 3.96 -16.67 -6.75
C LEU B 299 5.03 -17.71 -7.09
N GLN B 300 4.62 -18.86 -7.60
CA GLN B 300 5.60 -19.90 -7.91
C GLN B 300 5.97 -20.04 -9.38
N GLY B 301 6.94 -20.91 -9.62
CA GLY B 301 7.40 -21.18 -10.96
C GLY B 301 7.17 -22.64 -11.27
N GLY B 302 8.21 -23.32 -11.72
CA GLY B 302 8.07 -24.73 -12.05
C GLY B 302 7.65 -25.58 -10.86
N PRO B 303 6.60 -26.39 -11.02
CA PRO B 303 6.16 -27.22 -9.88
C PRO B 303 7.28 -28.20 -9.56
N HIS B 304 7.31 -28.73 -8.34
CA HIS B 304 8.33 -29.71 -7.95
C HIS B 304 7.69 -31.09 -8.00
N ASN B 305 7.54 -31.59 -9.22
CA ASN B 305 6.90 -32.87 -9.47
C ASN B 305 7.36 -34.05 -8.64
N HIS B 306 8.66 -34.14 -8.38
CA HIS B 306 9.17 -35.24 -7.58
C HIS B 306 8.60 -35.13 -6.16
N ALA B 307 8.30 -33.91 -5.73
CA ALA B 307 7.76 -33.72 -4.39
C ALA B 307 6.27 -34.02 -4.39
N ILE B 308 5.61 -33.73 -5.52
CA ILE B 308 4.18 -33.98 -5.66
C ILE B 308 4.00 -35.49 -5.58
N ALA B 309 4.92 -36.20 -6.23
CA ALA B 309 4.92 -37.65 -6.23
C ALA B 309 4.99 -38.16 -4.79
N GLY B 310 5.95 -37.62 -4.03
CA GLY B 310 6.11 -38.01 -2.64
C GLY B 310 4.88 -37.72 -1.79
N VAL B 311 4.14 -36.67 -2.12
CA VAL B 311 2.91 -36.31 -1.40
C VAL B 311 1.83 -37.30 -1.78
N ALA B 312 1.84 -37.70 -3.04
CA ALA B 312 0.85 -38.63 -3.53
C ALA B 312 1.03 -39.94 -2.76
N VAL B 313 2.25 -40.45 -2.81
CA VAL B 313 2.58 -41.70 -2.14
C VAL B 313 2.18 -41.70 -0.67
N ALA B 314 2.35 -40.56 -0.02
CA ALA B 314 2.01 -40.45 1.39
C ALA B 314 0.50 -40.43 1.61
N LEU B 315 -0.23 -39.85 0.67
CA LEU B 315 -1.68 -39.78 0.75
C LEU B 315 -2.26 -41.18 0.65
N LYS B 316 -1.68 -42.00 -0.22
CA LYS B 316 -2.16 -43.36 -0.39
C LYS B 316 -1.93 -44.14 0.88
N GLN B 317 -0.80 -43.87 1.54
CA GLN B 317 -0.48 -44.57 2.78
C GLN B 317 -1.32 -44.01 3.91
N ALA B 318 -1.74 -42.75 3.78
CA ALA B 318 -2.54 -42.10 4.80
C ALA B 318 -3.95 -42.65 4.87
N MET B 319 -4.37 -43.36 3.83
CA MET B 319 -5.71 -43.94 3.78
C MET B 319 -5.77 -45.41 4.17
N THR B 320 -4.62 -45.97 4.54
CA THR B 320 -4.56 -47.36 4.92
C THR B 320 -5.04 -47.51 6.37
N PRO B 321 -5.43 -48.73 6.78
CA PRO B 321 -5.88 -48.93 8.15
C PRO B 321 -4.71 -48.75 9.11
N GLU B 322 -3.52 -49.14 8.65
CA GLU B 322 -2.29 -49.04 9.43
C GLU B 322 -2.02 -47.58 9.84
N PHE B 323 -2.44 -46.65 8.99
CA PHE B 323 -2.25 -45.24 9.27
C PHE B 323 -3.21 -44.80 10.34
N LYS B 324 -4.47 -45.20 10.22
CA LYS B 324 -5.50 -44.83 11.18
C LYS B 324 -5.15 -45.28 12.58
N GLU B 325 -4.68 -46.52 12.71
CA GLU B 325 -4.30 -47.02 14.02
C GLU B 325 -3.13 -46.18 14.51
N TYR B 326 -2.14 -45.97 13.64
CA TYR B 326 -0.97 -45.15 13.97
C TYR B 326 -1.41 -43.83 14.63
N GLN B 327 -2.32 -43.12 13.96
CA GLN B 327 -2.81 -41.85 14.50
C GLN B 327 -3.52 -42.03 15.85
N ARG B 328 -4.29 -43.10 15.99
CA ARG B 328 -4.96 -43.33 17.26
C ARG B 328 -3.86 -43.49 18.31
N GLN B 329 -2.85 -44.29 17.98
CA GLN B 329 -1.75 -44.53 18.89
C GLN B 329 -1.04 -43.21 19.19
N VAL B 330 -0.80 -42.40 18.16
CA VAL B 330 -0.13 -41.11 18.36
C VAL B 330 -0.85 -40.37 19.47
N VAL B 331 -2.18 -40.29 19.39
CA VAL B 331 -2.95 -39.60 20.42
C VAL B 331 -2.92 -40.33 21.76
N ALA B 332 -2.96 -41.65 21.73
CA ALA B 332 -2.90 -42.43 22.97
C ALA B 332 -1.59 -42.11 23.69
N ASN B 333 -0.50 -42.10 22.94
CA ASN B 333 0.79 -41.82 23.51
C ASN B 333 0.84 -40.44 24.13
N CYS B 334 0.29 -39.44 23.44
CA CYS B 334 0.31 -38.09 23.98
C CYS B 334 -0.40 -38.04 25.33
N ARG B 335 -1.55 -38.70 25.40
CA ARG B 335 -2.30 -38.74 26.65
C ARG B 335 -1.42 -39.40 27.73
N ALA B 336 -0.85 -40.58 27.42
CA ALA B 336 0.00 -41.29 28.37
C ALA B 336 1.16 -40.41 28.82
N LEU B 337 1.85 -39.81 27.87
CA LEU B 337 2.97 -38.93 28.18
C LEU B 337 2.52 -37.77 29.05
N SER B 338 1.40 -37.19 28.67
CA SER B 338 0.84 -36.07 29.40
C SER B 338 0.54 -36.52 30.83
N ALA B 339 -0.20 -37.61 30.94
CA ALA B 339 -0.57 -38.14 32.24
C ALA B 339 0.68 -38.41 33.08
N ALA B 340 1.68 -39.08 32.50
CA ALA B 340 2.91 -39.37 33.22
C ALA B 340 3.62 -38.14 33.77
N LEU B 341 3.77 -37.11 32.95
CA LEU B 341 4.43 -35.90 33.44
C LEU B 341 3.60 -35.19 34.51
N VAL B 342 2.28 -35.39 34.44
CA VAL B 342 1.35 -34.80 35.41
C VAL B 342 1.57 -35.51 36.74
N GLU B 343 1.58 -36.84 36.68
CA GLU B 343 1.79 -37.65 37.87
C GLU B 343 3.18 -37.31 38.42
N LEU B 344 4.00 -36.69 37.57
CA LEU B 344 5.35 -36.27 37.95
C LEU B 344 5.27 -34.82 38.44
N GLY B 345 4.04 -34.32 38.58
CA GLY B 345 3.83 -32.97 39.06
C GLY B 345 4.09 -31.83 38.08
N TYR B 346 4.14 -32.12 36.78
CA TYR B 346 4.40 -31.08 35.77
C TYR B 346 3.12 -30.40 35.30
N LYS B 347 3.25 -29.13 34.93
CA LYS B 347 2.13 -28.31 34.46
C LYS B 347 1.86 -28.41 32.96
N ILE B 348 0.69 -28.96 32.61
CA ILE B 348 0.32 -29.10 31.22
C ILE B 348 -0.75 -28.06 30.91
N VAL B 349 -0.45 -27.14 30.01
CA VAL B 349 -1.40 -26.08 29.66
C VAL B 349 -2.76 -26.66 29.22
N THR B 350 -3.81 -26.13 29.84
CA THR B 350 -5.20 -26.55 29.65
C THR B 350 -5.43 -27.91 30.27
N GLY B 351 -4.47 -28.38 31.05
CA GLY B 351 -4.60 -29.66 31.72
C GLY B 351 -4.28 -30.93 30.95
N GLY B 352 -4.31 -30.85 29.62
CA GLY B 352 -4.01 -32.01 28.82
C GLY B 352 -4.04 -31.73 27.33
N SER B 353 -4.34 -32.76 26.55
CA SER B 353 -4.40 -32.63 25.10
C SER B 353 -5.42 -33.52 24.41
N ASP B 354 -5.89 -33.08 23.24
CA ASP B 354 -6.86 -33.82 22.45
C ASP B 354 -6.12 -34.34 21.23
N ASN B 355 -4.87 -33.93 21.09
CA ASN B 355 -4.10 -34.35 19.94
C ASN B 355 -2.71 -34.93 20.24
N HIS B 356 -1.80 -34.75 19.29
CA HIS B 356 -0.43 -35.27 19.34
C HIS B 356 0.58 -34.50 20.18
N LEU B 357 0.18 -33.36 20.76
CA LEU B 357 1.15 -32.59 21.54
C LEU B 357 0.63 -32.02 22.84
N ILE B 358 1.56 -31.48 23.62
CA ILE B 358 1.22 -30.85 24.88
C ILE B 358 2.25 -29.75 25.17
N LEU B 359 1.80 -28.67 25.79
CA LEU B 359 2.67 -27.56 26.15
C LEU B 359 2.95 -27.69 27.64
N VAL B 360 4.20 -27.97 28.01
CA VAL B 360 4.52 -28.14 29.41
C VAL B 360 4.97 -26.82 29.98
N ASP B 361 4.37 -26.43 31.10
CA ASP B 361 4.70 -25.18 31.74
C ASP B 361 5.77 -25.48 32.79
N LEU B 362 7.03 -25.39 32.40
CA LEU B 362 8.11 -25.68 33.35
C LEU B 362 8.10 -24.77 34.58
N ARG B 363 7.07 -23.94 34.67
CA ARG B 363 6.91 -23.02 35.80
C ARG B 363 8.21 -22.29 36.12
N LYS B 365 8.25 -26.39 37.98
CA LYS B 365 9.44 -26.98 38.60
C LYS B 365 10.48 -25.91 38.88
N GLY B 366 10.18 -24.68 38.49
CA GLY B 366 11.10 -23.59 38.75
C GLY B 366 12.18 -23.35 37.72
N THR B 367 11.81 -23.42 36.45
CA THR B 367 12.77 -23.17 35.39
C THR B 367 12.01 -22.85 34.12
N ASP B 368 12.73 -22.80 33.01
CA ASP B 368 12.11 -22.47 31.74
C ASP B 368 12.59 -23.35 30.57
N GLY B 369 11.77 -23.42 29.52
CA GLY B 369 12.07 -24.20 28.34
C GLY B 369 13.25 -23.63 27.56
N GLY B 370 13.64 -22.41 27.88
CA GLY B 370 14.76 -21.77 27.22
C GLY B 370 16.03 -22.56 27.46
N ARG B 371 16.31 -22.86 28.73
CA ARG B 371 17.50 -23.62 29.07
C ARG B 371 17.23 -25.13 28.93
N ALA B 372 16.02 -25.56 29.28
CA ALA B 372 15.66 -26.97 29.18
C ALA B 372 15.97 -27.51 27.78
N GLU B 373 15.49 -26.83 26.76
CA GLU B 373 15.73 -27.27 25.39
C GLU B 373 17.20 -27.61 25.16
N LYS B 374 18.09 -26.80 25.69
CA LYS B 374 19.52 -27.02 25.49
C LYS B 374 20.11 -28.25 26.16
N VAL B 375 19.70 -28.50 27.40
CA VAL B 375 20.20 -29.65 28.13
C VAL B 375 19.59 -30.93 27.57
N LEU B 376 18.26 -30.98 27.53
CA LEU B 376 17.56 -32.15 26.98
C LEU B 376 18.19 -32.50 25.64
N GLU B 377 18.57 -31.46 24.90
CA GLU B 377 19.20 -31.64 23.61
C GLU B 377 20.55 -32.32 23.77
N ALA B 378 21.30 -31.95 24.80
CA ALA B 378 22.60 -32.54 25.04
C ALA B 378 22.46 -34.00 25.49
N CYS B 379 21.28 -34.36 25.96
CA CYS B 379 21.01 -35.72 26.40
C CYS B 379 20.38 -36.57 25.28
N SER B 380 20.26 -35.97 24.10
CA SER B 380 19.70 -36.62 22.92
C SER B 380 18.18 -36.76 22.95
N ILE B 381 17.54 -35.86 23.70
CA ILE B 381 16.09 -35.81 23.80
C ILE B 381 15.75 -34.51 23.10
N ALA B 382 15.23 -34.62 21.88
CA ALA B 382 14.88 -33.42 21.11
C ALA B 382 13.48 -32.92 21.36
N CYS B 383 13.37 -31.61 21.57
CA CYS B 383 12.11 -30.95 21.79
C CYS B 383 12.47 -29.48 21.90
N ASN B 384 11.53 -28.61 21.57
CA ASN B 384 11.80 -27.17 21.61
C ASN B 384 10.97 -26.43 22.63
N LYS B 385 11.46 -25.25 23.00
CA LYS B 385 10.82 -24.36 23.97
C LYS B 385 9.59 -23.68 23.36
N ASN B 386 8.55 -23.48 24.16
CA ASN B 386 7.33 -22.84 23.66
C ASN B 386 7.09 -21.52 24.41
N THR B 387 6.50 -20.57 23.72
CA THR B 387 6.22 -19.25 24.26
C THR B 387 4.92 -19.18 25.10
N CYS B 388 4.85 -19.93 26.20
CA CYS B 388 3.67 -19.91 27.06
C CYS B 388 3.11 -18.49 27.32
N PRO B 389 1.82 -18.39 27.73
CA PRO B 389 1.10 -17.13 28.02
C PRO B 389 1.82 -16.01 28.78
N GLY B 390 2.35 -15.04 28.05
CA GLY B 390 3.05 -13.93 28.66
C GLY B 390 3.98 -14.36 29.78
N LYS B 392 7.15 -12.96 29.49
CA LYS B 392 8.47 -12.71 28.93
C LYS B 392 8.55 -13.30 27.52
N LEU B 395 11.52 -14.08 24.53
CA LEU B 395 12.92 -13.95 24.95
C LEU B 395 13.15 -14.83 26.19
N ARG B 396 12.07 -15.23 26.85
CA ARG B 396 12.12 -16.15 27.98
C ARG B 396 11.01 -17.19 27.80
N PRO B 397 11.26 -18.21 26.97
CA PRO B 397 10.24 -19.24 26.77
C PRO B 397 9.97 -19.92 28.10
N SER B 398 8.71 -19.96 28.50
CA SER B 398 8.33 -20.53 29.79
C SER B 398 8.00 -22.02 29.81
N GLY B 399 7.68 -22.58 28.65
CA GLY B 399 7.34 -23.99 28.57
C GLY B 399 8.08 -24.79 27.52
N LEU B 400 7.69 -26.05 27.37
CA LEU B 400 8.25 -27.00 26.42
C LEU B 400 7.14 -27.68 25.64
N ARG B 401 7.27 -27.71 24.33
CA ARG B 401 6.26 -28.37 23.52
C ARG B 401 6.76 -29.78 23.22
N LEU B 402 5.88 -30.75 23.40
CA LEU B 402 6.24 -32.15 23.17
C LEU B 402 5.21 -32.81 22.27
N GLY B 403 5.71 -33.45 21.21
CA GLY B 403 4.86 -34.15 20.27
C GLY B 403 5.17 -35.63 20.22
N THR B 404 4.21 -36.44 19.81
CA THR B 404 4.41 -37.87 19.77
C THR B 404 4.47 -38.52 18.39
N PRO B 405 4.12 -37.79 17.31
CA PRO B 405 4.17 -38.41 15.98
C PRO B 405 5.47 -39.13 15.64
N ALA B 406 6.58 -38.41 15.76
CA ALA B 406 7.86 -39.00 15.41
C ALA B 406 8.21 -40.30 16.15
N LEU B 407 8.15 -40.28 17.48
CA LEU B 407 8.46 -41.49 18.23
C LEU B 407 7.44 -42.59 18.00
N THR B 408 6.17 -42.23 17.82
CA THR B 408 5.13 -43.22 17.59
C THR B 408 5.30 -43.91 16.25
N SER B 409 5.78 -43.18 15.25
CA SER B 409 6.03 -43.76 13.94
C SER B 409 7.13 -44.82 14.13
N ARG B 410 7.84 -44.70 15.24
CA ARG B 410 8.92 -45.62 15.57
C ARG B 410 8.38 -46.86 16.27
N GLY B 411 7.10 -46.82 16.64
CA GLY B 411 6.49 -47.96 17.30
C GLY B 411 6.28 -47.85 18.80
N LEU B 412 6.78 -46.77 19.41
CA LEU B 412 6.62 -46.62 20.86
C LEU B 412 5.17 -46.59 21.27
N LEU B 413 4.84 -47.24 22.39
CA LEU B 413 3.48 -47.26 22.92
C LEU B 413 3.47 -46.57 24.27
N GLU B 414 2.33 -46.61 24.97
CA GLU B 414 2.18 -45.97 26.29
C GLU B 414 3.31 -46.26 27.28
N LYS B 415 3.60 -47.54 27.50
CA LYS B 415 4.65 -47.93 28.43
C LYS B 415 5.98 -47.26 28.06
N ASP B 416 6.31 -47.28 26.78
CA ASP B 416 7.54 -46.67 26.28
C ASP B 416 7.53 -45.16 26.54
N PHE B 417 6.40 -44.51 26.27
CA PHE B 417 6.25 -43.07 26.47
C PHE B 417 6.24 -42.70 27.94
N GLN B 418 6.08 -43.69 28.80
CA GLN B 418 6.12 -43.44 30.23
C GLN B 418 7.59 -43.35 30.60
N LYS B 419 8.42 -44.23 30.01
CA LYS B 419 9.84 -44.20 30.29
C LYS B 419 10.45 -42.92 29.71
N VAL B 420 9.84 -42.42 28.64
CA VAL B 420 10.31 -41.19 28.01
C VAL B 420 10.02 -40.02 28.93
N ALA B 421 8.83 -40.04 29.53
CA ALA B 421 8.45 -38.98 30.45
C ALA B 421 9.48 -38.85 31.57
N HIS B 422 9.99 -39.98 32.07
N HIS B 422 10.01 -39.96 32.09
CA HIS B 422 10.98 -39.96 33.13
CA HIS B 422 11.00 -39.84 33.15
C HIS B 422 12.33 -39.46 32.62
C HIS B 422 12.33 -39.39 32.59
N PHE B 423 12.70 -39.85 31.40
CA PHE B 423 13.97 -39.42 30.84
C PHE B 423 13.92 -37.88 30.77
N ILE B 424 12.79 -37.34 30.30
CA ILE B 424 12.62 -35.90 30.20
C ILE B 424 12.67 -35.34 31.61
N HIS B 425 11.95 -35.96 32.53
CA HIS B 425 11.92 -35.51 33.92
C HIS B 425 13.34 -35.33 34.44
N ARG B 426 14.14 -36.39 34.36
CA ARG B 426 15.51 -36.31 34.83
C ARG B 426 16.20 -35.14 34.13
N GLY B 427 15.95 -34.98 32.84
CA GLY B 427 16.56 -33.88 32.11
C GLY B 427 16.25 -32.54 32.74
N ILE B 428 15.02 -32.37 33.22
CA ILE B 428 14.60 -31.12 33.86
C ILE B 428 15.26 -30.92 35.22
N GLU B 429 15.48 -32.01 35.95
CA GLU B 429 16.13 -31.92 37.26
C GLU B 429 17.57 -31.45 37.06
N LEU B 430 18.20 -31.88 35.96
CA LEU B 430 19.58 -31.49 35.64
C LEU B 430 19.61 -30.07 35.10
N THR B 431 18.45 -29.57 34.74
CA THR B 431 18.30 -28.23 34.19
C THR B 431 18.06 -27.27 35.33
N VAL B 432 16.94 -27.51 36.01
CA VAL B 432 16.54 -26.72 37.16
C VAL B 432 17.70 -26.75 38.14
N GLN B 433 18.70 -27.59 37.84
CA GLN B 433 19.88 -27.74 38.65
C GLN B 433 20.91 -26.69 38.29
N ILE B 434 21.36 -26.70 37.05
CA ILE B 434 22.37 -25.73 36.59
C ILE B 434 21.85 -24.27 36.64
N GLN B 435 20.55 -24.09 36.83
CA GLN B 435 19.98 -22.76 36.88
C GLN B 435 20.20 -22.11 38.26
N ASP B 436 20.58 -22.92 39.23
CA ASP B 436 20.85 -22.46 40.58
C ASP B 436 22.34 -22.16 40.61
N ASP B 437 23.06 -22.97 39.85
CA ASP B 437 24.52 -22.88 39.72
C ASP B 437 24.82 -21.78 38.70
N THR B 438 23.80 -21.45 37.91
CA THR B 438 23.86 -20.46 36.85
C THR B 438 24.33 -19.05 37.21
N GLY B 439 23.50 -18.06 36.92
CA GLY B 439 23.85 -16.67 37.20
C GLY B 439 23.15 -15.99 38.35
N PRO B 440 21.83 -15.79 38.29
CA PRO B 440 20.82 -16.11 37.28
C PRO B 440 20.98 -15.51 35.86
N ARG B 441 21.94 -14.63 35.67
CA ARG B 441 22.15 -14.03 34.35
C ARG B 441 22.61 -15.08 33.33
N ALA B 442 21.66 -15.90 32.87
CA ALA B 442 21.93 -16.97 31.91
C ALA B 442 22.59 -16.48 30.62
N THR B 443 21.92 -16.78 29.50
CA THR B 443 22.36 -16.38 28.16
C THR B 443 23.45 -17.29 27.57
N LEU B 444 24.47 -16.67 26.98
CA LEU B 444 25.57 -17.40 26.37
C LEU B 444 26.37 -18.13 27.43
N LYS B 445 26.16 -17.73 28.69
CA LYS B 445 26.85 -18.36 29.80
C LYS B 445 26.34 -19.80 29.94
N GLU B 446 25.08 -19.91 30.38
CA GLU B 446 24.40 -21.19 30.57
C GLU B 446 24.81 -22.20 29.51
N PHE B 447 25.16 -21.73 28.32
CA PHE B 447 25.58 -22.63 27.26
C PHE B 447 27.00 -23.10 27.58
N LYS B 448 27.20 -23.52 28.83
CA LYS B 448 28.48 -24.01 29.35
C LYS B 448 28.39 -25.52 29.58
N GLU B 449 27.16 -26.01 29.67
CA GLU B 449 26.91 -27.42 29.91
C GLU B 449 25.85 -27.94 28.96
N ASP B 454 31.35 -27.10 32.32
CA ASP B 454 31.80 -27.87 33.48
C ASP B 454 31.58 -29.36 33.26
N GLU B 455 32.39 -30.17 33.94
CA GLU B 455 32.31 -31.62 33.85
C GLU B 455 31.26 -32.18 34.81
N LYS B 456 31.09 -31.50 35.94
CA LYS B 456 30.11 -31.92 36.93
C LYS B 456 28.76 -32.09 36.24
N HIS B 457 28.64 -31.44 35.09
CA HIS B 457 27.41 -31.51 34.31
C HIS B 457 27.59 -32.36 33.07
N GLN B 458 28.65 -32.10 32.32
CA GLN B 458 28.92 -32.88 31.12
C GLN B 458 28.85 -34.37 31.45
N ARG B 459 29.37 -34.74 32.62
CA ARG B 459 29.36 -36.14 33.06
C ARG B 459 27.93 -36.65 33.14
N ALA B 460 27.06 -35.85 33.76
CA ALA B 460 25.65 -36.21 33.91
C ALA B 460 24.98 -36.28 32.54
N VAL B 461 25.24 -35.27 31.71
CA VAL B 461 24.66 -35.24 30.37
C VAL B 461 24.96 -36.56 29.68
N ARG B 462 26.19 -37.03 29.85
CA ARG B 462 26.58 -38.29 29.25
C ARG B 462 25.91 -39.48 29.91
N ALA B 463 25.77 -39.47 31.23
CA ALA B 463 25.12 -40.59 31.90
C ALA B 463 23.69 -40.72 31.42
N LEU B 464 23.02 -39.60 31.23
CA LEU B 464 21.63 -39.65 30.78
C LEU B 464 21.53 -39.96 29.30
N ARG B 465 22.36 -39.32 28.50
CA ARG B 465 22.37 -39.54 27.06
C ARG B 465 22.52 -41.04 26.76
N GLN B 466 23.43 -41.71 27.47
CA GLN B 466 23.63 -43.14 27.26
C GLN B 466 22.30 -43.87 27.44
N GLU B 467 21.72 -43.76 28.63
CA GLU B 467 20.44 -44.38 28.94
C GLU B 467 19.34 -44.09 27.91
N VAL B 468 19.36 -42.89 27.37
CA VAL B 468 18.38 -42.49 26.39
C VAL B 468 18.64 -43.20 25.07
N GLU B 469 19.88 -43.08 24.58
CA GLU B 469 20.22 -43.68 23.31
C GLU B 469 20.05 -45.19 23.32
N SER B 470 20.34 -45.84 24.44
CA SER B 470 20.19 -47.28 24.49
C SER B 470 18.72 -47.69 24.38
N PHE B 471 17.85 -46.95 25.05
CA PHE B 471 16.42 -47.21 25.00
C PHE B 471 15.92 -46.82 23.60
N ALA B 472 16.42 -45.71 23.10
CA ALA B 472 16.01 -45.24 21.80
C ALA B 472 16.35 -46.23 20.68
N ALA B 473 17.44 -46.97 20.84
CA ALA B 473 17.85 -47.93 19.80
C ALA B 473 17.05 -49.23 19.80
N LEU B 474 16.09 -49.35 20.73
CA LEU B 474 15.27 -50.55 20.78
C LEU B 474 14.20 -50.52 19.68
N PHE B 475 14.07 -49.37 19.02
CA PHE B 475 13.05 -49.20 18.01
C PHE B 475 13.51 -48.92 16.58
N PRO B 476 12.71 -49.36 15.59
CA PRO B 476 12.90 -49.25 14.15
C PRO B 476 12.96 -47.80 13.65
N LEU B 477 13.88 -47.52 12.75
CA LEU B 477 13.95 -46.17 12.21
C LEU B 477 13.46 -46.25 10.79
N PRO B 478 12.18 -45.90 10.56
CA PRO B 478 11.57 -45.93 9.23
C PRO B 478 12.45 -45.32 8.14
N GLY B 479 11.99 -45.41 6.89
CA GLY B 479 12.75 -44.84 5.79
C GLY B 479 13.87 -45.73 5.28
N LEU B 480 14.70 -45.16 4.40
CA LEU B 480 15.82 -45.87 3.81
C LEU B 480 16.90 -46.07 4.87
N PRO B 481 17.63 -47.21 4.81
CA PRO B 481 18.69 -47.51 5.78
C PRO B 481 19.74 -46.39 5.87
N GLY B 482 20.21 -46.11 7.08
CA GLY B 482 21.20 -45.05 7.26
C GLY B 482 22.57 -45.37 6.67
N PHE B 483 22.55 -46.03 5.51
CA PHE B 483 23.77 -46.41 4.79
C PHE B 483 23.42 -47.17 3.50
N ALA C 12 -23.46 39.24 35.58
CA ALA C 12 -22.48 40.29 35.98
C ALA C 12 -21.94 41.02 34.75
N LEU C 13 -21.84 40.27 33.65
CA LEU C 13 -21.32 40.81 32.40
C LEU C 13 -22.29 40.69 31.22
N TRP C 14 -21.90 39.91 30.23
CA TRP C 14 -22.70 39.66 29.03
C TRP C 14 -23.21 40.95 28.38
N SER C 15 -22.66 42.09 28.80
CA SER C 15 -23.09 43.36 28.25
C SER C 15 -22.11 43.87 27.19
N SER C 16 -20.83 43.73 27.50
CA SER C 16 -19.77 44.16 26.59
C SER C 16 -19.59 43.08 25.55
N HIS C 17 -19.96 41.85 25.93
CA HIS C 17 -19.85 40.71 25.04
C HIS C 17 -20.57 40.97 23.72
N GLU C 18 -21.82 41.43 23.82
CA GLU C 18 -22.62 41.71 22.63
C GLU C 18 -21.93 42.59 21.59
N GLN C 19 -21.28 43.66 22.05
CA GLN C 19 -20.61 44.59 21.14
C GLN C 19 -19.25 44.09 20.63
N MET C 20 -18.58 43.26 21.43
CA MET C 20 -17.28 42.70 21.03
C MET C 20 -17.47 41.97 19.70
N LEU C 21 -18.63 41.32 19.60
CA LEU C 21 -18.99 40.55 18.42
C LEU C 21 -19.74 41.43 17.43
N ALA C 22 -19.67 42.73 17.61
CA ALA C 22 -20.38 43.64 16.72
C ALA C 22 -19.58 44.78 16.13
N GLN C 23 -18.48 45.15 16.77
CA GLN C 23 -17.66 46.25 16.29
C GLN C 23 -16.85 45.95 15.03
N PRO C 24 -16.65 46.97 14.16
CA PRO C 24 -15.90 46.85 12.91
C PRO C 24 -14.50 46.43 13.28
N LEU C 25 -13.83 45.72 12.39
CA LEU C 25 -12.48 45.24 12.66
C LEU C 25 -11.52 46.30 13.19
N LYS C 26 -11.57 47.49 12.60
CA LYS C 26 -10.69 48.59 13.01
C LYS C 26 -10.53 48.78 14.52
N ASP C 27 -11.64 48.68 15.26
CA ASP C 27 -11.61 48.87 16.70
C ASP C 27 -11.39 47.59 17.51
N SER C 28 -12.00 46.50 17.04
CA SER C 28 -11.90 45.20 17.71
C SER C 28 -10.47 44.65 17.78
N ASP C 29 -9.64 45.06 16.81
CA ASP C 29 -8.26 44.58 16.75
C ASP C 29 -7.46 45.49 15.84
N ALA C 30 -6.78 46.47 16.42
CA ALA C 30 -6.00 47.43 15.65
C ALA C 30 -4.78 46.82 14.97
N GLU C 31 -4.11 45.91 15.67
CA GLU C 31 -2.92 45.27 15.14
C GLU C 31 -3.16 44.60 13.79
N VAL C 32 -4.07 43.64 13.75
CA VAL C 32 -4.38 42.96 12.50
C VAL C 32 -4.84 43.96 11.44
N TYR C 33 -5.66 44.93 11.84
CA TYR C 33 -6.14 45.95 10.91
C TYR C 33 -4.98 46.74 10.31
N ASP C 34 -3.99 47.04 11.14
CA ASP C 34 -2.83 47.79 10.69
C ASP C 34 -2.06 46.96 9.67
N ILE C 35 -2.04 45.65 9.86
CA ILE C 35 -1.34 44.78 8.93
C ILE C 35 -2.04 44.79 7.57
N ILE C 36 -3.37 44.68 7.59
CA ILE C 36 -4.16 44.67 6.35
C ILE C 36 -3.95 45.96 5.55
N LYS C 37 -3.85 47.07 6.26
CA LYS C 37 -3.67 48.37 5.62
C LYS C 37 -2.28 48.53 4.97
N LYS C 38 -1.26 47.91 5.56
CA LYS C 38 0.09 48.00 5.00
C LYS C 38 0.22 47.04 3.85
N GLU C 39 -0.62 46.03 3.83
CA GLU C 39 -0.59 45.06 2.75
C GLU C 39 -1.21 45.71 1.53
N SER C 40 -2.34 46.38 1.74
CA SER C 40 -3.05 47.07 0.67
C SER C 40 -2.16 48.14 0.05
N ASN C 41 -1.38 48.84 0.87
CA ASN C 41 -0.49 49.88 0.35
C ASN C 41 0.59 49.20 -0.49
N ARG C 42 1.14 48.12 0.03
CA ARG C 42 2.17 47.34 -0.66
C ARG C 42 1.67 46.85 -2.03
N GLN C 43 0.44 46.36 -2.07
CA GLN C 43 -0.12 45.87 -3.32
C GLN C 43 -0.40 47.01 -4.29
N ARG C 44 -0.58 48.22 -3.75
CA ARG C 44 -0.89 49.39 -4.57
C ARG C 44 0.30 50.02 -5.29
N VAL C 45 1.44 50.11 -4.61
CA VAL C 45 2.62 50.73 -5.20
C VAL C 45 3.54 49.76 -5.92
N GLY C 46 3.27 48.47 -5.82
CA GLY C 46 4.14 47.51 -6.47
C GLY C 46 3.64 47.06 -7.83
N LEU C 47 4.54 46.46 -8.60
CA LEU C 47 4.19 45.94 -9.90
C LEU C 47 4.10 44.43 -9.73
N GLU C 48 2.87 43.96 -9.54
CA GLU C 48 2.61 42.53 -9.33
C GLU C 48 2.65 41.76 -10.65
N LEU C 49 3.72 40.98 -10.83
CA LEU C 49 3.89 40.19 -12.05
C LEU C 49 3.90 38.67 -11.85
N ILE C 50 3.69 38.23 -10.62
CA ILE C 50 3.65 36.81 -10.38
C ILE C 50 2.43 36.22 -11.12
N ALA C 51 2.69 35.27 -12.00
CA ALA C 51 1.65 34.65 -12.83
C ALA C 51 0.43 34.08 -12.13
N SER C 52 0.55 33.79 -10.84
CA SER C 52 -0.58 33.20 -10.13
C SER C 52 -1.38 34.18 -9.33
N GLU C 53 -0.99 35.43 -9.39
CA GLU C 53 -1.66 36.48 -8.64
C GLU C 53 -2.68 37.26 -9.47
N ASN C 54 -3.68 37.80 -8.77
CA ASN C 54 -4.72 38.61 -9.38
C ASN C 54 -5.41 39.37 -8.25
N PHE C 55 -6.31 40.28 -8.60
CA PHE C 55 -7.03 41.05 -7.60
C PHE C 55 -8.51 40.74 -7.68
N ALA C 56 -9.07 40.21 -6.60
CA ALA C 56 -10.48 39.87 -6.55
C ALA C 56 -11.37 41.10 -6.44
N SER C 57 -12.48 41.09 -7.16
CA SER C 57 -13.41 42.20 -7.15
C SER C 57 -14.05 42.41 -5.77
N ARG C 58 -14.62 43.60 -5.57
CA ARG C 58 -15.26 43.97 -4.32
C ARG C 58 -16.43 43.06 -4.02
N ALA C 59 -17.25 42.82 -5.04
CA ALA C 59 -18.41 41.97 -4.90
C ALA C 59 -18.03 40.61 -4.32
N VAL C 60 -16.95 40.04 -4.83
CA VAL C 60 -16.46 38.74 -4.36
C VAL C 60 -16.06 38.81 -2.89
N LEU C 61 -15.15 39.72 -2.57
CA LEU C 61 -14.70 39.89 -1.19
C LEU C 61 -15.87 40.19 -0.28
N GLU C 62 -16.84 40.93 -0.80
CA GLU C 62 -18.01 41.30 -0.02
C GLU C 62 -18.77 40.04 0.39
N ALA C 63 -18.76 39.02 -0.45
CA ALA C 63 -19.46 37.79 -0.12
C ALA C 63 -18.74 37.00 0.98
N LEU C 64 -17.39 36.96 0.92
CA LEU C 64 -16.63 36.21 1.91
C LEU C 64 -16.99 36.51 3.36
N GLY C 65 -17.22 37.78 3.67
CA GLY C 65 -17.55 38.12 5.04
C GLY C 65 -19.00 37.93 5.46
N SER C 66 -19.84 37.36 4.58
CA SER C 66 -21.25 37.16 4.91
C SER C 66 -21.48 36.11 6.01
N CYS C 67 -22.71 36.01 6.47
CA CYS C 67 -23.07 35.05 7.53
C CYS C 67 -23.01 33.60 7.03
N LEU C 68 -22.76 33.45 5.74
CA LEU C 68 -22.64 32.12 5.16
C LEU C 68 -21.55 31.34 5.88
N ASN C 69 -20.63 32.08 6.51
CA ASN C 69 -19.55 31.48 7.28
C ASN C 69 -20.07 30.57 8.39
N ASN C 70 -21.22 30.92 8.94
CA ASN C 70 -21.80 30.18 10.04
C ASN C 70 -22.43 28.83 9.80
N LYS C 71 -23.01 28.61 8.64
CA LYS C 71 -23.70 27.34 8.38
C LYS C 71 -22.89 26.11 7.99
N TYR C 72 -23.20 25.00 8.64
CA TYR C 72 -22.56 23.71 8.36
C TYR C 72 -23.51 22.98 7.39
N SER C 73 -23.00 22.60 6.22
CA SER C 73 -23.83 21.91 5.25
C SER C 73 -23.17 20.67 4.67
N GLU C 74 -22.64 19.79 5.51
CA GLU C 74 -21.98 18.57 5.03
C GLU C 74 -22.90 17.76 4.13
N GLY C 75 -22.37 17.34 2.99
CA GLY C 75 -23.17 16.56 2.06
C GLY C 75 -23.44 17.40 0.83
N TYR C 76 -24.58 17.18 0.19
CA TYR C 76 -24.93 17.96 -1.02
C TYR C 76 -26.40 18.37 -1.05
N PRO C 77 -26.76 19.30 -1.95
CA PRO C 77 -28.16 19.72 -2.01
C PRO C 77 -29.05 18.49 -2.23
N GLY C 78 -30.11 18.38 -1.45
CA GLY C 78 -30.98 17.22 -1.56
C GLY C 78 -30.58 16.15 -0.55
N GLN C 79 -29.28 16.05 -0.26
CA GLN C 79 -28.77 15.06 0.69
C GLN C 79 -27.82 15.64 1.74
N ARG C 80 -28.35 16.45 2.65
CA ARG C 80 -27.54 17.08 3.71
C ARG C 80 -27.56 16.28 5.04
N TYR C 81 -26.67 16.63 5.96
CA TYR C 81 -26.64 15.94 7.27
C TYR C 81 -27.13 16.86 8.38
N TYR C 82 -27.30 18.13 8.07
CA TYR C 82 -27.76 19.12 9.04
C TYR C 82 -29.07 19.70 8.60
N GLY C 83 -29.74 20.42 9.51
CA GLY C 83 -31.01 21.01 9.19
C GLY C 83 -30.98 22.53 9.12
N GLY C 84 -31.54 23.07 8.04
CA GLY C 84 -31.58 24.51 7.86
C GLY C 84 -30.70 24.93 6.72
N THR C 85 -30.57 24.06 5.73
CA THR C 85 -29.71 24.38 4.58
C THR C 85 -30.45 24.92 3.36
N GLU C 86 -31.74 25.23 3.51
CA GLU C 86 -32.53 25.75 2.40
C GLU C 86 -31.80 26.79 1.55
N HIS C 87 -31.20 27.78 2.20
CA HIS C 87 -30.52 28.83 1.48
C HIS C 87 -29.16 28.42 0.95
N ILE C 88 -28.41 27.61 1.71
CA ILE C 88 -27.11 27.14 1.26
C ILE C 88 -27.38 26.25 0.05
N ASP C 89 -28.53 25.57 0.06
CA ASP C 89 -28.88 24.71 -1.06
C ASP C 89 -29.08 25.54 -2.31
N GLU C 90 -29.75 26.69 -2.20
CA GLU C 90 -29.92 27.53 -3.37
C GLU C 90 -28.52 27.98 -3.81
N LEU C 91 -27.70 28.37 -2.83
CA LEU C 91 -26.35 28.83 -3.13
C LEU C 91 -25.50 27.81 -3.88
N GLU C 92 -25.28 26.64 -3.28
CA GLU C 92 -24.43 25.65 -3.95
C GLU C 92 -24.99 25.27 -5.32
N THR C 93 -26.30 25.11 -5.39
CA THR C 93 -26.96 24.76 -6.65
C THR C 93 -26.71 25.88 -7.66
N LEU C 94 -27.00 27.11 -7.26
CA LEU C 94 -26.80 28.24 -8.13
C LEU C 94 -25.36 28.25 -8.61
N CYS C 95 -24.41 28.02 -7.71
CA CYS C 95 -22.99 28.05 -8.09
C CYS C 95 -22.64 26.99 -9.12
N GLN C 96 -23.20 25.80 -8.99
CA GLN C 96 -22.94 24.74 -9.93
C GLN C 96 -23.52 25.09 -11.30
N LYS C 97 -24.70 25.72 -11.30
CA LYS C 97 -25.32 26.11 -12.56
C LYS C 97 -24.39 27.06 -13.31
N ARG C 98 -23.92 28.09 -12.61
CA ARG C 98 -23.05 29.06 -13.23
C ARG C 98 -21.72 28.48 -13.69
N ALA C 99 -21.17 27.56 -12.89
CA ALA C 99 -19.90 26.93 -13.23
C ALA C 99 -20.01 26.17 -14.55
N LEU C 100 -21.07 25.39 -14.71
CA LEU C 100 -21.26 24.64 -15.95
C LEU C 100 -21.52 25.61 -17.11
N GLN C 101 -22.26 26.66 -16.81
CA GLN C 101 -22.62 27.66 -17.79
C GLN C 101 -21.38 28.42 -18.26
N ALA C 102 -20.64 28.98 -17.31
CA ALA C 102 -19.45 29.74 -17.63
C ALA C 102 -18.56 29.06 -18.66
N TYR C 103 -18.48 27.74 -18.61
CA TYR C 103 -17.62 27.03 -19.56
C TYR C 103 -18.38 26.38 -20.70
N GLY C 104 -19.63 26.83 -20.88
CA GLY C 104 -20.48 26.32 -21.93
C GLY C 104 -20.72 24.83 -21.93
N LEU C 105 -20.90 24.26 -20.74
CA LEU C 105 -21.10 22.83 -20.61
C LEU C 105 -22.57 22.45 -20.47
N ASP C 106 -22.92 21.32 -21.06
CA ASP C 106 -24.28 20.82 -20.99
C ASP C 106 -24.43 19.91 -19.79
N PRO C 107 -25.40 20.20 -18.92
CA PRO C 107 -25.69 19.43 -17.70
C PRO C 107 -25.89 17.93 -17.89
N GLN C 108 -26.23 17.50 -19.10
CA GLN C 108 -26.43 16.06 -19.28
C GLN C 108 -25.11 15.38 -19.58
N CYS C 109 -24.11 16.17 -19.93
CA CYS C 109 -22.81 15.62 -20.25
C CYS C 109 -21.75 16.02 -19.24
N TRP C 110 -22.08 16.98 -18.35
CA TRP C 110 -21.13 17.42 -17.31
C TRP C 110 -21.79 17.75 -15.96
N GLY C 111 -21.05 17.44 -14.90
CA GLY C 111 -21.51 17.74 -13.56
C GLY C 111 -20.34 18.48 -12.90
N VAL C 112 -20.57 19.16 -11.79
CA VAL C 112 -19.48 19.85 -11.13
C VAL C 112 -19.65 19.89 -9.62
N ASN C 113 -18.52 19.85 -8.91
CA ASN C 113 -18.50 19.89 -7.46
C ASN C 113 -17.82 21.21 -7.10
N VAL C 114 -18.41 21.97 -6.19
CA VAL C 114 -17.83 23.26 -5.85
C VAL C 114 -17.34 23.41 -4.41
N GLN C 115 -17.19 22.30 -3.70
CA GLN C 115 -16.74 22.37 -2.31
C GLN C 115 -15.22 22.29 -2.04
N PRO C 116 -14.41 22.01 -3.07
CA PRO C 116 -12.98 21.96 -2.72
C PRO C 116 -12.50 23.24 -2.06
N TYR C 117 -11.73 23.09 -1.00
CA TYR C 117 -11.20 24.22 -0.24
C TYR C 117 -10.16 25.08 -0.95
N SER C 118 -9.51 24.51 -1.96
CA SER C 118 -8.48 25.21 -2.70
C SER C 118 -8.17 24.38 -3.96
N GLY C 119 -7.05 24.71 -4.62
CA GLY C 119 -6.66 23.98 -5.81
C GLY C 119 -6.08 22.60 -5.52
N SER C 120 -5.12 22.56 -4.60
CA SER C 120 -4.48 21.30 -4.24
C SER C 120 -5.50 20.31 -3.70
N PRO C 121 -6.46 20.78 -2.90
CA PRO C 121 -7.45 19.84 -2.37
C PRO C 121 -8.30 19.19 -3.47
N ALA C 122 -8.62 19.96 -4.50
CA ALA C 122 -9.43 19.45 -5.60
C ALA C 122 -8.70 18.30 -6.31
N ASN C 123 -7.43 18.53 -6.61
CA ASN C 123 -6.65 17.53 -7.30
C ASN C 123 -6.58 16.24 -6.49
N PHE C 124 -6.19 16.35 -5.22
CA PHE C 124 -6.08 15.19 -4.37
C PHE C 124 -7.40 14.43 -4.28
N ALA C 125 -8.50 15.18 -4.29
CA ALA C 125 -9.81 14.54 -4.19
C ALA C 125 -10.07 13.70 -5.44
N VAL C 126 -9.66 14.22 -6.60
CA VAL C 126 -9.88 13.48 -7.84
C VAL C 126 -8.98 12.25 -7.87
N TYR C 127 -7.80 12.35 -7.26
CA TYR C 127 -6.91 11.21 -7.26
C TYR C 127 -7.52 10.15 -6.35
N THR C 128 -8.03 10.57 -5.20
CA THR C 128 -8.63 9.65 -4.25
C THR C 128 -9.84 8.94 -4.83
N ALA C 129 -10.66 9.67 -5.58
CA ALA C 129 -11.87 9.08 -6.15
C ALA C 129 -11.66 8.11 -7.30
N LEU C 130 -10.74 8.42 -8.20
CA LEU C 130 -10.51 7.60 -9.38
C LEU C 130 -9.25 6.73 -9.39
N VAL C 131 -8.30 7.04 -8.52
CA VAL C 131 -7.07 6.28 -8.45
C VAL C 131 -6.91 5.77 -7.02
N GLU C 132 -7.12 4.49 -6.82
CA GLU C 132 -6.97 3.94 -5.48
C GLU C 132 -5.54 4.22 -5.01
N PRO C 133 -5.25 3.94 -3.73
CA PRO C 133 -3.91 4.17 -3.18
C PRO C 133 -2.84 3.45 -4.00
N HIS C 134 -1.75 4.15 -4.29
CA HIS C 134 -0.66 3.56 -5.07
C HIS C 134 -0.95 3.48 -6.58
N GLY C 135 -2.12 3.95 -6.99
CA GLY C 135 -2.47 3.93 -8.40
C GLY C 135 -1.46 4.80 -9.10
N ARG C 136 -1.23 4.55 -10.38
CA ARG C 136 -0.22 5.33 -11.08
C ARG C 136 -0.74 6.60 -11.73
N ILE C 137 -0.01 7.68 -11.45
CA ILE C 137 -0.35 8.99 -11.98
C ILE C 137 0.83 9.58 -12.76
N MET C 138 0.53 10.18 -13.91
CA MET C 138 1.56 10.81 -14.71
C MET C 138 1.26 12.29 -14.88
N GLY C 139 2.28 13.11 -14.68
CA GLY C 139 2.14 14.55 -14.81
C GLY C 139 3.43 15.22 -15.25
N LEU C 140 3.29 16.41 -15.82
CA LEU C 140 4.45 17.16 -16.29
C LEU C 140 5.43 17.31 -15.16
N ASP C 141 6.70 16.99 -15.41
CA ASP C 141 7.72 17.10 -14.39
C ASP C 141 7.76 18.53 -13.84
N LEU C 142 8.03 18.67 -12.53
CA LEU C 142 8.07 19.98 -11.88
C LEU C 142 8.97 21.01 -12.52
N PRO C 143 10.25 20.67 -12.74
CA PRO C 143 11.20 21.59 -13.36
C PRO C 143 10.81 22.02 -14.78
N ASP C 144 9.84 21.32 -15.37
CA ASP C 144 9.43 21.68 -16.72
C ASP C 144 8.13 22.45 -16.75
N GLY C 145 7.69 22.92 -15.59
CA GLY C 145 6.44 23.65 -15.53
C GLY C 145 5.31 22.92 -14.82
N GLY C 146 5.58 21.75 -14.24
CA GLY C 146 4.53 21.02 -13.57
C GLY C 146 4.17 21.57 -12.20
N HIS C 147 3.15 21.02 -11.55
CA HIS C 147 2.75 21.46 -10.22
C HIS C 147 2.93 20.35 -9.19
N LEU C 148 3.26 20.73 -7.95
CA LEU C 148 3.47 19.76 -6.88
C LEU C 148 2.39 18.68 -6.86
N THR C 149 1.12 19.11 -6.86
CA THR C 149 -0.01 18.18 -6.83
C THR C 149 -0.07 17.19 -7.99
N HIS C 150 0.80 17.36 -8.98
CA HIS C 150 0.83 16.43 -10.10
C HIS C 150 1.88 15.37 -9.79
N GLY C 151 2.46 15.45 -8.60
CA GLY C 151 3.46 14.50 -8.19
C GLY C 151 4.86 15.10 -8.14
N PHE C 152 5.60 14.80 -7.07
CA PHE C 152 6.95 15.29 -6.93
C PHE C 152 7.78 14.38 -6.03
N MET C 153 8.83 13.81 -6.60
CA MET C 153 9.70 12.94 -5.83
C MET C 153 11.13 12.92 -6.34
N THR C 154 12.03 12.42 -5.51
CA THR C 154 13.44 12.32 -5.85
C THR C 154 13.85 10.86 -5.80
N ASP C 155 15.16 10.59 -5.95
CA ASP C 155 15.66 9.22 -5.94
C ASP C 155 15.83 8.64 -4.55
N LYS C 156 15.09 9.17 -3.58
CA LYS C 156 15.18 8.68 -2.21
C LYS C 156 14.03 9.17 -1.33
N LYS C 157 13.24 10.13 -1.80
CA LYS C 157 12.15 10.63 -0.97
C LYS C 157 10.93 11.15 -1.73
N LYS C 158 9.76 10.64 -1.35
CA LYS C 158 8.49 11.04 -1.96
C LYS C 158 7.99 12.31 -1.25
N ILE C 159 8.18 13.47 -1.89
CA ILE C 159 7.80 14.75 -1.31
C ILE C 159 6.33 15.16 -1.38
N SER C 160 5.83 15.43 -2.58
CA SER C 160 4.43 15.81 -2.73
C SER C 160 3.55 14.69 -2.20
N ALA C 161 2.43 15.05 -1.58
CA ALA C 161 1.52 14.05 -1.05
C ALA C 161 1.00 13.18 -2.17
N THR C 162 0.94 13.75 -3.38
CA THR C 162 0.46 12.99 -4.52
C THR C 162 1.44 11.85 -4.79
N SER C 163 2.72 12.07 -4.47
CA SER C 163 3.78 11.06 -4.65
C SER C 163 3.86 10.09 -3.48
N ILE C 164 3.38 10.55 -2.33
CA ILE C 164 3.37 9.76 -1.11
C ILE C 164 2.25 8.72 -1.07
N PHE C 165 1.03 9.12 -1.41
CA PHE C 165 -0.10 8.19 -1.37
C PHE C 165 -0.40 7.53 -2.70
N PHE C 166 0.38 7.87 -3.72
CA PHE C 166 0.19 7.27 -5.03
C PHE C 166 1.54 7.15 -5.70
N GLU C 167 1.58 6.38 -6.79
CA GLU C 167 2.79 6.19 -7.55
C GLU C 167 2.76 7.10 -8.76
N SER C 168 3.64 8.09 -8.76
CA SER C 168 3.72 9.07 -9.82
C SER C 168 4.99 8.98 -10.63
N MET C 169 4.87 9.25 -11.93
CA MET C 169 6.02 9.26 -12.84
C MET C 169 5.72 10.43 -13.75
N ALA C 170 6.73 11.28 -13.94
CA ALA C 170 6.59 12.46 -14.74
C ALA C 170 6.94 12.30 -16.20
N TYR C 171 6.40 13.22 -17.01
CA TYR C 171 6.75 13.27 -18.43
C TYR C 171 7.39 14.65 -18.56
N LYS C 172 8.44 14.73 -19.37
CA LYS C 172 9.16 15.99 -19.53
C LYS C 172 8.91 16.70 -20.85
N VAL C 173 9.46 17.90 -20.95
CA VAL C 173 9.35 18.68 -22.17
C VAL C 173 10.69 18.54 -22.88
N ASN C 174 10.68 18.75 -24.19
CA ASN C 174 11.90 18.69 -24.98
C ASN C 174 12.82 19.82 -24.50
N PRO C 175 14.06 19.50 -24.13
CA PRO C 175 14.98 20.53 -23.68
C PRO C 175 15.34 21.53 -24.77
N ASP C 176 15.15 21.15 -26.02
CA ASP C 176 15.51 22.05 -27.13
C ASP C 176 14.38 22.84 -27.76
N THR C 177 13.17 22.69 -27.25
CA THR C 177 12.05 23.43 -27.80
C THR C 177 11.19 24.00 -26.68
N GLY C 178 11.27 23.39 -25.51
CA GLY C 178 10.48 23.84 -24.38
C GLY C 178 9.08 23.30 -24.52
N TYR C 179 8.89 22.48 -25.54
CA TYR C 179 7.58 21.89 -25.74
C TYR C 179 7.52 20.54 -25.07
N ILE C 180 6.30 20.16 -24.69
CA ILE C 180 6.09 18.88 -24.05
C ILE C 180 6.38 17.81 -25.11
N ASP C 181 6.99 16.73 -24.68
CA ASP C 181 7.35 15.66 -25.58
C ASP C 181 6.26 14.59 -25.66
N TYR C 182 5.17 14.92 -26.32
CA TYR C 182 4.07 13.98 -26.44
C TYR C 182 4.52 12.61 -26.96
N ASP C 183 5.59 12.56 -27.73
CA ASP C 183 6.04 11.27 -28.26
C ASP C 183 6.60 10.40 -27.16
N ARG C 184 7.42 10.97 -26.29
CA ARG C 184 8.01 10.20 -25.20
C ARG C 184 6.99 9.84 -24.11
N LEU C 185 5.91 10.60 -24.02
CA LEU C 185 4.87 10.34 -23.04
C LEU C 185 4.08 9.13 -23.50
N GLU C 186 3.75 9.13 -24.77
CA GLU C 186 3.00 8.03 -25.39
C GLU C 186 3.74 6.70 -25.16
N GLU C 187 5.05 6.68 -25.41
CA GLU C 187 5.87 5.49 -25.25
C GLU C 187 5.99 5.02 -23.81
N ASN C 188 6.26 5.95 -22.90
CA ASN C 188 6.40 5.65 -21.48
C ASN C 188 5.08 5.23 -20.82
N ALA C 189 3.97 5.76 -21.32
CA ALA C 189 2.66 5.39 -20.78
C ALA C 189 2.44 3.90 -20.95
N ARG C 190 3.03 3.32 -21.99
CA ARG C 190 2.88 1.88 -22.27
C ARG C 190 3.65 0.99 -21.31
N LEU C 191 4.67 1.56 -20.66
CA LEU C 191 5.49 0.81 -19.72
C LEU C 191 5.06 1.08 -18.26
N PHE C 192 4.53 2.27 -18.02
CA PHE C 192 4.13 2.67 -16.68
C PHE C 192 2.69 2.31 -16.36
N HIS C 193 1.84 2.20 -17.38
CA HIS C 193 0.44 1.86 -17.17
C HIS C 193 -0.24 2.86 -16.21
N PRO C 194 -0.36 4.13 -16.62
CA PRO C 194 -1.00 5.10 -15.73
C PRO C 194 -2.49 4.91 -15.64
N LYS C 195 -3.05 5.21 -14.47
CA LYS C 195 -4.49 5.10 -14.31
C LYS C 195 -5.08 6.47 -14.63
N LEU C 196 -4.24 7.50 -14.50
CA LEU C 196 -4.66 8.86 -14.77
C LEU C 196 -3.53 9.76 -15.26
N ILE C 197 -3.79 10.55 -16.29
CA ILE C 197 -2.80 11.47 -16.83
C ILE C 197 -3.26 12.92 -16.65
N ILE C 198 -2.37 13.77 -16.16
CA ILE C 198 -2.72 15.16 -15.89
C ILE C 198 -2.36 16.16 -16.97
N ALA C 199 -3.37 16.88 -17.45
CA ALA C 199 -3.14 17.88 -18.46
C ALA C 199 -3.23 19.26 -17.81
N GLY C 200 -2.12 19.71 -17.22
CA GLY C 200 -2.13 21.00 -16.57
C GLY C 200 -0.75 21.49 -16.25
N THR C 201 -0.56 22.81 -16.31
CA THR C 201 0.76 23.40 -16.04
C THR C 201 0.73 24.59 -15.07
N SER C 202 1.89 24.92 -14.51
CA SER C 202 2.03 26.05 -13.60
C SER C 202 2.98 27.08 -14.19
N CYS C 203 3.84 26.62 -15.09
CA CYS C 203 4.76 27.52 -15.78
C CYS C 203 5.01 26.98 -17.18
N TYR C 204 4.02 27.16 -18.04
CA TYR C 204 4.09 26.70 -19.44
C TYR C 204 3.35 27.75 -20.25
N SER C 205 4.04 28.36 -21.21
CA SER C 205 3.44 29.41 -22.00
C SER C 205 2.66 28.92 -23.21
N ARG C 206 2.50 27.61 -23.35
CA ARG C 206 1.79 27.13 -24.53
C ARG C 206 0.55 26.33 -24.25
N ASN C 207 -0.25 26.12 -25.29
CA ASN C 207 -1.47 25.35 -25.15
C ASN C 207 -1.12 23.87 -25.05
N LEU C 208 -2.03 23.12 -24.44
CA LEU C 208 -1.84 21.69 -24.27
C LEU C 208 -2.64 20.94 -25.33
N ASP C 209 -1.96 20.01 -25.99
CA ASP C 209 -2.57 19.19 -27.00
C ASP C 209 -3.44 18.18 -26.27
N TYR C 210 -4.64 18.60 -25.88
CA TYR C 210 -5.55 17.71 -25.17
C TYR C 210 -5.97 16.54 -26.04
N GLY C 211 -6.19 16.82 -27.33
CA GLY C 211 -6.58 15.78 -28.25
C GLY C 211 -5.58 14.65 -28.28
N ARG C 212 -4.30 14.99 -28.34
CA ARG C 212 -3.26 13.99 -28.34
C ARG C 212 -3.20 13.28 -26.99
N LEU C 213 -3.23 14.05 -25.91
CA LEU C 213 -3.20 13.45 -24.58
C LEU C 213 -4.38 12.51 -24.40
N ARG C 214 -5.55 12.89 -24.94
CA ARG C 214 -6.74 12.05 -24.82
C ARG C 214 -6.56 10.68 -25.47
N LYS C 215 -5.91 10.65 -26.63
CA LYS C 215 -5.68 9.39 -27.31
C LYS C 215 -4.73 8.55 -26.49
N ILE C 216 -3.68 9.18 -25.96
CA ILE C 216 -2.72 8.46 -25.14
C ILE C 216 -3.43 7.84 -23.95
N ALA C 217 -4.34 8.59 -23.32
CA ALA C 217 -5.07 8.05 -22.18
C ALA C 217 -5.87 6.81 -22.63
N ASP C 218 -6.74 6.99 -23.63
CA ASP C 218 -7.55 5.89 -24.13
C ASP C 218 -6.75 4.64 -24.50
N GLU C 219 -5.50 4.82 -24.93
CA GLU C 219 -4.66 3.70 -25.32
C GLU C 219 -4.31 2.83 -24.12
N ASN C 220 -4.30 3.43 -22.94
CA ASN C 220 -3.96 2.71 -21.73
C ASN C 220 -5.12 2.60 -20.77
N GLY C 221 -6.30 2.93 -21.25
CA GLY C 221 -7.50 2.86 -20.42
C GLY C 221 -7.49 3.84 -19.26
N ALA C 222 -6.60 4.82 -19.31
CA ALA C 222 -6.47 5.81 -18.25
C ALA C 222 -7.39 7.01 -18.41
N TYR C 223 -7.63 7.71 -17.31
CA TYR C 223 -8.46 8.91 -17.32
C TYR C 223 -7.56 10.08 -17.67
N LEU C 224 -8.12 11.05 -18.39
CA LEU C 224 -7.36 12.24 -18.77
C LEU C 224 -7.90 13.38 -17.91
N MET C 225 -7.14 13.75 -16.89
CA MET C 225 -7.57 14.82 -16.01
C MET C 225 -6.84 16.10 -16.34
N ALA C 226 -7.60 17.16 -16.60
CA ALA C 226 -7.00 18.45 -16.91
C ALA C 226 -7.04 19.29 -15.64
N ASP C 227 -6.02 20.11 -15.47
CA ASP C 227 -5.87 21.00 -14.34
C ASP C 227 -5.69 22.39 -14.95
N MET C 228 -6.80 23.08 -15.15
CA MET C 228 -6.80 24.40 -15.79
C MET C 228 -6.66 25.60 -14.85
N ALA C 229 -6.08 25.39 -13.68
CA ALA C 229 -5.93 26.46 -12.69
C ALA C 229 -5.36 27.78 -13.22
N HIS C 230 -4.33 27.69 -14.04
CA HIS C 230 -3.69 28.88 -14.60
C HIS C 230 -4.37 29.54 -15.79
N ILE C 231 -5.12 28.76 -16.55
CA ILE C 231 -5.79 29.30 -17.71
C ILE C 231 -7.31 29.23 -17.59
N SER C 232 -7.81 28.92 -16.40
CA SER C 232 -9.25 28.81 -16.22
C SER C 232 -10.00 30.03 -16.73
N GLY C 233 -9.47 31.23 -16.48
CA GLY C 233 -10.11 32.45 -16.92
C GLY C 233 -10.02 32.63 -18.42
N LEU C 234 -8.87 32.25 -18.99
CA LEU C 234 -8.64 32.37 -20.42
C LEU C 234 -9.64 31.48 -21.15
N VAL C 235 -9.90 30.30 -20.58
CA VAL C 235 -10.81 29.37 -21.19
C VAL C 235 -12.24 29.91 -21.25
N VAL C 236 -12.78 30.35 -20.12
CA VAL C 236 -14.14 30.89 -20.08
C VAL C 236 -14.33 31.99 -21.13
N ALA C 237 -13.29 32.79 -21.33
CA ALA C 237 -13.35 33.88 -22.29
C ALA C 237 -12.97 33.45 -23.68
N GLY C 238 -12.71 32.16 -23.86
CA GLY C 238 -12.35 31.67 -25.17
C GLY C 238 -11.10 32.25 -25.82
N VAL C 239 -10.03 32.49 -25.06
CA VAL C 239 -8.81 33.00 -25.68
C VAL C 239 -7.79 31.89 -25.81
N VAL C 240 -8.18 30.69 -25.37
CA VAL C 240 -7.37 29.46 -25.48
C VAL C 240 -8.33 28.27 -25.62
N PRO C 241 -7.96 27.27 -26.42
CA PRO C 241 -8.85 26.13 -26.59
C PRO C 241 -9.31 25.63 -25.22
N SER C 242 -10.51 25.07 -25.16
CA SER C 242 -11.09 24.54 -23.93
C SER C 242 -10.62 23.11 -23.68
N PRO C 243 -10.36 22.76 -22.41
CA PRO C 243 -9.91 21.40 -22.09
C PRO C 243 -11.11 20.49 -22.01
N PHE C 244 -12.29 21.09 -21.89
CA PHE C 244 -13.52 20.34 -21.78
C PHE C 244 -13.94 19.59 -23.03
N GLU C 245 -13.16 19.67 -24.10
CA GLU C 245 -13.50 18.97 -25.33
C GLU C 245 -12.68 17.69 -25.53
N HIS C 246 -11.94 17.28 -24.51
CA HIS C 246 -11.14 16.06 -24.62
C HIS C 246 -11.00 15.31 -23.31
N CYS C 247 -10.98 16.06 -22.21
CA CYS C 247 -10.78 15.46 -20.90
C CYS C 247 -12.02 14.87 -20.23
N HIS C 248 -11.80 13.89 -19.35
CA HIS C 248 -12.90 13.23 -18.62
C HIS C 248 -13.22 14.03 -17.38
N VAL C 249 -12.19 14.63 -16.81
CA VAL C 249 -12.34 15.43 -15.62
C VAL C 249 -11.50 16.69 -15.70
N VAL C 250 -12.03 17.79 -15.18
CA VAL C 250 -11.30 19.05 -15.16
C VAL C 250 -11.38 19.68 -13.78
N THR C 251 -10.22 19.94 -13.20
CA THR C 251 -10.14 20.57 -11.89
C THR C 251 -9.51 21.94 -12.08
N THR C 252 -9.77 22.84 -11.16
CA THR C 252 -9.19 24.17 -11.25
C THR C 252 -9.33 24.95 -9.95
N THR C 253 -8.52 26.00 -9.84
CA THR C 253 -8.60 26.89 -8.70
C THR C 253 -9.66 27.90 -9.16
N THR C 254 -10.11 28.74 -8.25
CA THR C 254 -11.12 29.73 -8.60
C THR C 254 -10.53 31.13 -8.55
N HIS C 255 -9.28 31.23 -8.12
CA HIS C 255 -8.60 32.52 -8.07
C HIS C 255 -7.76 32.63 -9.35
N LYS C 256 -6.56 33.20 -9.26
CA LYS C 256 -5.71 33.33 -10.44
C LYS C 256 -6.42 34.05 -11.57
N THR C 257 -6.41 33.49 -12.79
CA THR C 257 -7.05 34.16 -13.92
C THR C 257 -8.58 34.19 -13.92
N LEU C 258 -9.21 33.45 -13.01
CA LEU C 258 -10.65 33.46 -12.93
C LEU C 258 -11.03 34.61 -12.00
N ARG C 259 -10.01 35.11 -11.29
CA ARG C 259 -10.12 36.26 -10.39
C ARG C 259 -11.14 36.17 -9.25
N GLY C 260 -11.36 34.97 -8.73
CA GLY C 260 -12.29 34.80 -7.63
C GLY C 260 -11.53 34.63 -6.32
N CYS C 261 -12.23 34.22 -5.26
CA CYS C 261 -11.58 34.01 -3.98
C CYS C 261 -10.97 32.63 -4.09
N ARG C 262 -10.07 32.30 -3.15
CA ARG C 262 -9.41 31.01 -3.17
C ARG C 262 -10.35 29.86 -2.88
N ALA C 263 -10.38 28.90 -3.81
CA ALA C 263 -11.20 27.70 -3.71
C ALA C 263 -10.97 26.92 -4.98
N GLY C 264 -11.55 25.73 -5.06
CA GLY C 264 -11.39 24.92 -6.23
C GLY C 264 -12.67 24.25 -6.65
N MET C 265 -12.70 23.76 -7.89
CA MET C 265 -13.86 23.08 -8.44
C MET C 265 -13.40 21.82 -9.16
N ILE C 266 -14.30 20.85 -9.25
CA ILE C 266 -13.99 19.63 -9.98
C ILE C 266 -15.15 19.38 -10.93
N PHE C 267 -14.89 19.50 -12.23
CA PHE C 267 -15.90 19.26 -13.26
C PHE C 267 -15.74 17.79 -13.69
N TYR C 268 -16.83 17.12 -14.05
CA TYR C 268 -16.73 15.72 -14.46
C TYR C 268 -17.78 15.33 -15.49
N ARG C 269 -17.44 14.34 -16.31
CA ARG C 269 -18.35 13.88 -17.34
C ARG C 269 -19.53 13.10 -16.77
N ARG C 270 -20.65 13.17 -17.48
CA ARG C 270 -21.86 12.44 -17.11
C ARG C 270 -22.42 11.79 -18.37
N GLY C 271 -23.03 10.62 -18.20
CA GLY C 271 -23.62 9.92 -19.31
C GLY C 271 -22.90 8.72 -19.87
N VAL C 272 -22.80 8.71 -21.20
CA VAL C 272 -22.17 7.64 -21.96
C VAL C 272 -20.69 7.84 -22.24
N ARG C 273 -19.92 6.78 -22.00
CA ARG C 273 -18.47 6.81 -22.24
C ARG C 273 -18.11 6.01 -23.50
N LYS C 281 -26.60 3.82 -24.15
CA LYS C 281 -26.44 3.74 -22.70
C LYS C 281 -25.68 2.47 -22.25
N GLU C 282 -24.65 2.08 -22.99
CA GLU C 282 -23.85 0.90 -22.62
C GLU C 282 -22.45 1.35 -22.21
N ILE C 283 -22.12 1.11 -20.94
CA ILE C 283 -20.82 1.51 -20.38
C ILE C 283 -20.90 2.99 -20.05
N LEU C 284 -21.21 3.31 -18.79
CA LEU C 284 -21.38 4.71 -18.36
C LEU C 284 -20.33 5.30 -17.42
N TYR C 285 -20.38 6.62 -17.29
CA TYR C 285 -19.46 7.38 -16.44
C TYR C 285 -19.92 7.36 -14.99
N ASN C 286 -19.17 6.72 -14.11
CA ASN C 286 -19.53 6.69 -12.70
C ASN C 286 -18.55 7.62 -11.99
N LEU C 287 -18.29 8.78 -12.60
CA LEU C 287 -17.37 9.73 -12.00
C LEU C 287 -18.02 10.55 -10.91
N GLU C 288 -19.27 10.95 -11.14
CA GLU C 288 -19.98 11.76 -10.17
C GLU C 288 -20.00 11.18 -8.74
N SER C 289 -20.47 9.95 -8.61
CA SER C 289 -20.56 9.30 -7.32
C SER C 289 -19.22 9.31 -6.57
N LEU C 290 -18.16 8.91 -7.28
CA LEU C 290 -16.84 8.82 -6.71
C LEU C 290 -16.30 10.15 -6.26
N ILE C 291 -16.20 11.08 -7.19
CA ILE C 291 -15.70 12.40 -6.87
C ILE C 291 -16.45 12.98 -5.69
N ASN C 292 -17.77 13.01 -5.78
CA ASN C 292 -18.56 13.53 -4.70
C ASN C 292 -18.30 12.83 -3.37
N SER C 293 -18.22 11.50 -3.37
CA SER C 293 -17.94 10.77 -2.13
C SER C 293 -16.51 11.05 -1.69
N ALA C 294 -15.62 11.29 -2.63
CA ALA C 294 -14.24 11.54 -2.26
C ALA C 294 -14.13 12.86 -1.49
N VAL C 295 -14.76 13.90 -2.02
CA VAL C 295 -14.73 15.20 -1.37
C VAL C 295 -15.43 15.13 -0.01
N PHE C 296 -16.44 14.27 0.09
CA PHE C 296 -17.16 14.10 1.35
C PHE C 296 -18.08 12.89 1.30
N PRO C 297 -18.08 12.05 2.35
CA PRO C 297 -17.33 12.09 3.62
C PRO C 297 -15.88 11.68 3.50
N GLY C 298 -15.33 11.71 2.30
CA GLY C 298 -13.96 11.32 2.12
C GLY C 298 -12.90 12.22 2.72
N LEU C 299 -12.60 13.33 2.07
CA LEU C 299 -11.55 14.22 2.52
C LEU C 299 -11.91 15.51 3.26
N GLN C 300 -13.03 16.12 2.90
CA GLN C 300 -13.42 17.36 3.53
C GLN C 300 -14.51 17.25 4.56
N GLY C 301 -14.74 18.34 5.30
CA GLY C 301 -15.78 18.34 6.30
C GLY C 301 -16.81 19.36 5.90
N GLY C 302 -17.08 20.31 6.77
CA GLY C 302 -18.05 21.32 6.44
C GLY C 302 -17.63 22.19 5.26
N PRO C 303 -18.52 22.37 4.27
CA PRO C 303 -18.16 23.20 3.12
C PRO C 303 -18.01 24.66 3.57
N HIS C 304 -17.16 25.43 2.90
CA HIS C 304 -17.00 26.85 3.25
C HIS C 304 -17.95 27.62 2.34
N ASN C 305 -19.21 27.67 2.75
CA ASN C 305 -20.23 28.34 1.99
C ASN C 305 -19.92 29.77 1.60
N HIS C 306 -19.29 30.50 2.49
CA HIS C 306 -18.95 31.88 2.18
C HIS C 306 -18.02 31.95 0.97
N ALA C 307 -17.13 30.98 0.84
CA ALA C 307 -16.22 30.95 -0.29
C ALA C 307 -16.97 30.47 -1.54
N ILE C 308 -17.94 29.58 -1.35
CA ILE C 308 -18.71 29.08 -2.46
C ILE C 308 -19.48 30.26 -3.06
N ALA C 309 -19.97 31.16 -2.20
CA ALA C 309 -20.69 32.33 -2.69
C ALA C 309 -19.72 33.18 -3.51
N GLY C 310 -18.52 33.38 -2.98
CA GLY C 310 -17.51 34.17 -3.67
C GLY C 310 -17.20 33.64 -5.05
N VAL C 311 -17.13 32.31 -5.15
CA VAL C 311 -16.86 31.66 -6.41
C VAL C 311 -18.01 31.90 -7.35
N ALA C 312 -19.23 31.82 -6.80
CA ALA C 312 -20.45 32.03 -7.56
C ALA C 312 -20.45 33.44 -8.14
N VAL C 313 -20.18 34.43 -7.29
CA VAL C 313 -20.15 35.81 -7.72
C VAL C 313 -19.17 35.97 -8.86
N ALA C 314 -18.00 35.35 -8.71
CA ALA C 314 -16.94 35.41 -9.72
C ALA C 314 -17.35 34.79 -11.05
N LEU C 315 -18.07 33.68 -10.98
CA LEU C 315 -18.52 33.02 -12.19
C LEU C 315 -19.46 33.91 -12.97
N LYS C 316 -20.32 34.64 -12.27
CA LYS C 316 -21.27 35.53 -12.93
C LYS C 316 -20.53 36.66 -13.60
N GLN C 317 -19.49 37.18 -12.95
CA GLN C 317 -18.73 38.27 -13.53
C GLN C 317 -17.94 37.71 -14.71
N ALA C 318 -17.50 36.47 -14.57
CA ALA C 318 -16.70 35.81 -15.61
C ALA C 318 -17.45 35.67 -16.92
N MET C 319 -18.77 35.70 -16.89
CA MET C 319 -19.53 35.54 -18.12
C MET C 319 -19.96 36.86 -18.74
N THR C 320 -19.51 37.96 -18.17
CA THR C 320 -19.84 39.27 -18.71
C THR C 320 -18.90 39.57 -19.87
N PRO C 321 -19.31 40.48 -20.76
CA PRO C 321 -18.43 40.81 -21.88
C PRO C 321 -17.16 41.51 -21.38
N GLU C 322 -17.29 42.22 -20.26
CA GLU C 322 -16.16 42.95 -19.66
C GLU C 322 -15.04 41.98 -19.33
N PHE C 323 -15.43 40.79 -18.85
CA PHE C 323 -14.47 39.77 -18.48
C PHE C 323 -13.81 39.23 -19.74
N LYS C 324 -14.63 38.85 -20.71
CA LYS C 324 -14.09 38.32 -21.94
C LYS C 324 -13.12 39.37 -22.49
N GLU C 325 -13.48 40.64 -22.31
CA GLU C 325 -12.66 41.75 -22.76
C GLU C 325 -11.33 41.78 -22.02
N TYR C 326 -11.41 41.60 -20.71
CA TYR C 326 -10.24 41.57 -19.85
C TYR C 326 -9.23 40.49 -20.26
N GLN C 327 -9.72 39.26 -20.44
CA GLN C 327 -8.86 38.16 -20.83
C GLN C 327 -8.17 38.46 -22.15
N ARG C 328 -8.94 39.07 -23.07
CA ARG C 328 -8.44 39.44 -24.39
C ARG C 328 -7.20 40.29 -24.17
N GLN C 329 -7.33 41.30 -23.32
CA GLN C 329 -6.26 42.21 -22.98
C GLN C 329 -5.13 41.52 -22.21
N VAL C 330 -5.47 40.58 -21.33
CA VAL C 330 -4.44 39.86 -20.57
C VAL C 330 -3.45 39.18 -21.52
N VAL C 331 -3.98 38.55 -22.58
CA VAL C 331 -3.14 37.88 -23.56
C VAL C 331 -2.38 38.89 -24.43
N ALA C 332 -3.03 40.00 -24.76
CA ALA C 332 -2.39 41.01 -25.57
C ALA C 332 -1.19 41.58 -24.81
N ASN C 333 -1.39 41.82 -23.52
CA ASN C 333 -0.32 42.36 -22.69
C ASN C 333 0.89 41.43 -22.61
N CYS C 334 0.62 40.13 -22.46
CA CYS C 334 1.71 39.17 -22.39
C CYS C 334 2.48 39.25 -23.71
N ARG C 335 1.76 39.47 -24.80
CA ARG C 335 2.37 39.58 -26.12
C ARG C 335 3.22 40.82 -26.27
N ALA C 336 2.79 41.91 -25.64
CA ALA C 336 3.55 43.14 -25.71
C ALA C 336 4.79 43.02 -24.83
N LEU C 337 4.60 42.49 -23.63
CA LEU C 337 5.70 42.30 -22.70
C LEU C 337 6.72 41.40 -23.37
N SER C 338 6.24 40.23 -23.80
CA SER C 338 7.05 39.20 -24.46
C SER C 338 7.82 39.74 -25.65
N ALA C 339 7.21 40.69 -26.34
CA ALA C 339 7.80 41.30 -27.51
C ALA C 339 8.87 42.32 -27.13
N ALA C 340 8.57 43.10 -26.10
CA ALA C 340 9.49 44.14 -25.64
C ALA C 340 10.77 43.58 -25.04
N LEU C 341 10.65 42.50 -24.27
CA LEU C 341 11.84 41.92 -23.67
C LEU C 341 12.67 41.30 -24.76
N VAL C 342 12.01 40.78 -25.77
CA VAL C 342 12.73 40.16 -26.89
C VAL C 342 13.45 41.23 -27.65
N GLU C 343 12.76 42.35 -27.87
CA GLU C 343 13.37 43.44 -28.59
C GLU C 343 14.61 43.90 -27.82
N LEU C 344 14.63 43.62 -26.51
CA LEU C 344 15.76 43.98 -25.67
C LEU C 344 16.77 42.85 -25.56
N GLY C 345 16.53 41.77 -26.30
CA GLY C 345 17.44 40.63 -26.33
C GLY C 345 17.26 39.51 -25.31
N TYR C 346 16.14 39.49 -24.61
CA TYR C 346 15.90 38.44 -23.64
C TYR C 346 15.33 37.23 -24.38
N LYS C 347 15.77 36.04 -24.02
CA LYS C 347 15.24 34.82 -24.65
C LYS C 347 13.97 34.47 -23.89
N ILE C 348 13.00 33.93 -24.61
CA ILE C 348 11.72 33.52 -24.02
C ILE C 348 11.57 32.04 -24.35
N VAL C 349 11.43 31.19 -23.34
CA VAL C 349 11.31 29.76 -23.59
C VAL C 349 10.21 29.45 -24.60
N THR C 350 10.59 28.67 -25.63
CA THR C 350 9.72 28.27 -26.73
C THR C 350 9.45 29.45 -27.68
N GLY C 351 10.17 30.55 -27.46
CA GLY C 351 9.99 31.71 -28.32
C GLY C 351 8.90 32.71 -28.00
N GLY C 352 7.91 32.29 -27.22
CA GLY C 352 6.81 33.17 -26.87
C GLY C 352 5.71 32.49 -26.07
N SER C 353 4.51 33.03 -26.15
CA SER C 353 3.40 32.48 -25.38
C SER C 353 2.05 32.50 -26.08
N ASP C 354 1.14 31.66 -25.62
CA ASP C 354 -0.20 31.60 -26.16
C ASP C 354 -1.12 32.06 -25.04
N ASN C 355 -0.55 32.29 -23.87
CA ASN C 355 -1.36 32.73 -22.74
C ASN C 355 -0.88 33.96 -21.99
N HIS C 356 -1.19 33.97 -20.69
CA HIS C 356 -0.88 35.07 -19.79
C HIS C 356 0.53 35.13 -19.23
N LEU C 357 1.33 34.09 -19.45
CA LEU C 357 2.68 34.12 -18.91
C LEU C 357 3.77 33.79 -19.91
N ILE C 358 5.00 34.01 -19.49
CA ILE C 358 6.18 33.73 -20.30
C ILE C 358 7.33 33.37 -19.37
N LEU C 359 8.18 32.45 -19.80
CA LEU C 359 9.34 32.04 -19.02
C LEU C 359 10.60 32.68 -19.63
N VAL C 360 11.18 33.64 -18.93
CA VAL C 360 12.36 34.29 -19.47
C VAL C 360 13.61 33.58 -19.03
N ASP C 361 14.40 33.15 -20.01
CA ASP C 361 15.64 32.44 -19.74
C ASP C 361 16.74 33.50 -19.53
N LEU C 362 16.92 33.92 -18.28
CA LEU C 362 17.90 34.94 -17.96
C LEU C 362 19.34 34.64 -18.40
N ARG C 363 19.60 33.41 -18.84
CA ARG C 363 20.94 33.04 -19.26
C ARG C 363 21.50 33.95 -20.35
N SER C 364 20.62 34.40 -21.24
CA SER C 364 21.00 35.30 -22.32
C SER C 364 21.65 36.58 -21.79
N LYS C 365 21.50 36.87 -20.50
CA LYS C 365 22.09 38.08 -19.91
C LYS C 365 23.20 37.75 -18.91
N GLY C 366 23.46 36.47 -18.69
CA GLY C 366 24.50 36.06 -17.77
C GLY C 366 24.15 36.11 -16.30
N THR C 367 22.93 35.69 -15.98
CA THR C 367 22.49 35.68 -14.59
C THR C 367 21.34 34.67 -14.46
N ASP C 368 20.80 34.54 -13.25
CA ASP C 368 19.73 33.60 -12.99
C ASP C 368 18.55 34.26 -12.27
N GLY C 369 17.41 33.57 -12.27
CA GLY C 369 16.21 34.08 -11.64
C GLY C 369 16.30 34.04 -10.13
N GLY C 370 17.27 33.30 -9.62
CA GLY C 370 17.46 33.21 -8.19
C GLY C 370 17.96 34.54 -7.67
N ARG C 371 18.79 35.18 -8.48
CA ARG C 371 19.40 36.49 -8.19
C ARG C 371 18.47 37.61 -8.60
N ALA C 372 17.91 37.53 -9.80
CA ALA C 372 17.00 38.55 -10.28
C ALA C 372 15.75 38.63 -9.41
N GLU C 373 15.36 37.49 -8.86
CA GLU C 373 14.21 37.43 -8.00
C GLU C 373 14.37 38.52 -6.93
N LYS C 374 15.51 38.49 -6.24
CA LYS C 374 15.81 39.44 -5.19
C LYS C 374 15.98 40.89 -5.60
N VAL C 375 16.79 41.13 -6.62
CA VAL C 375 17.00 42.49 -7.08
C VAL C 375 15.66 43.14 -7.45
N LEU C 376 14.82 42.42 -8.19
CA LEU C 376 13.51 42.92 -8.62
C LEU C 376 12.52 43.10 -7.46
N GLU C 377 12.52 42.19 -6.49
CA GLU C 377 11.62 42.31 -5.37
C GLU C 377 11.95 43.59 -4.59
N ALA C 378 13.24 43.91 -4.49
CA ALA C 378 13.69 45.09 -3.77
C ALA C 378 13.30 46.37 -4.48
N CYS C 379 12.89 46.22 -5.73
CA CYS C 379 12.47 47.36 -6.53
C CYS C 379 10.95 47.43 -6.64
N SER C 380 10.27 46.63 -5.83
CA SER C 380 8.81 46.57 -5.81
C SER C 380 8.20 45.97 -7.07
N ILE C 381 8.98 45.13 -7.75
CA ILE C 381 8.51 44.45 -8.95
C ILE C 381 8.44 42.97 -8.56
N ALA C 382 7.23 42.46 -8.37
CA ALA C 382 7.06 41.07 -7.97
C ALA C 382 7.04 40.09 -9.14
N CYS C 383 7.79 39.01 -8.99
CA CYS C 383 7.85 37.95 -9.97
C CYS C 383 8.77 36.92 -9.35
N ASN C 384 8.57 35.65 -9.68
CA ASN C 384 9.39 34.59 -9.10
C ASN C 384 10.27 33.84 -10.09
N LYS C 385 11.39 33.30 -9.62
CA LYS C 385 12.33 32.54 -10.44
C LYS C 385 11.72 31.19 -10.82
N ASN C 386 12.24 30.57 -11.87
CA ASN C 386 11.76 29.26 -12.34
C ASN C 386 12.79 28.67 -13.32
N THR C 387 12.90 27.34 -13.35
CA THR C 387 13.90 26.69 -14.22
C THR C 387 13.46 26.48 -15.66
N CYS C 388 14.37 26.72 -16.59
CA CYS C 388 14.10 26.56 -18.03
C CYS C 388 14.64 25.23 -18.50
N PRO C 389 14.09 24.69 -19.59
CA PRO C 389 14.55 23.40 -20.11
C PRO C 389 16.08 23.31 -20.18
N GLY C 390 16.61 22.20 -19.67
CA GLY C 390 18.06 22.01 -19.70
C GLY C 390 18.81 22.49 -18.48
N ASP C 391 18.21 23.40 -17.70
CA ASP C 391 18.89 23.90 -16.50
C ASP C 391 19.61 22.80 -15.77
N LYS C 392 20.90 23.02 -15.52
CA LYS C 392 21.72 22.05 -14.82
C LYS C 392 21.23 21.72 -13.41
N SER C 393 21.07 22.74 -12.56
CA SER C 393 20.60 22.54 -11.18
C SER C 393 19.41 23.42 -10.89
N ALA C 394 18.55 22.97 -9.98
CA ALA C 394 17.39 23.76 -9.60
C ALA C 394 17.96 24.75 -8.57
N LEU C 395 19.23 24.52 -8.23
CA LEU C 395 19.97 25.34 -7.28
C LEU C 395 20.23 26.74 -7.83
N ARG C 396 20.23 26.85 -9.16
CA ARG C 396 20.45 28.12 -9.86
C ARG C 396 19.57 28.20 -11.13
N PRO C 397 18.24 28.38 -10.94
CA PRO C 397 17.24 28.48 -12.02
C PRO C 397 17.59 29.56 -13.01
N SER C 398 17.60 29.23 -14.29
CA SER C 398 17.94 30.21 -15.32
C SER C 398 16.81 31.15 -15.74
N GLY C 399 15.61 30.95 -15.21
CA GLY C 399 14.52 31.80 -15.62
C GLY C 399 13.72 32.57 -14.59
N LEU C 400 12.84 33.41 -15.13
CA LEU C 400 11.93 34.24 -14.36
C LEU C 400 10.57 34.06 -15.01
N ARG C 401 9.55 33.73 -14.23
CA ARG C 401 8.21 33.59 -14.78
C ARG C 401 7.50 34.92 -14.63
N LEU C 402 6.85 35.37 -15.69
CA LEU C 402 6.12 36.64 -15.68
C LEU C 402 4.69 36.46 -16.21
N GLY C 403 3.72 36.94 -15.43
CA GLY C 403 2.31 36.84 -15.80
C GLY C 403 1.69 38.21 -15.88
N THR C 404 0.58 38.34 -16.60
CA THR C 404 -0.06 39.64 -16.76
C THR C 404 -1.45 39.82 -16.13
N PRO C 405 -2.08 38.75 -15.65
CA PRO C 405 -3.41 38.92 -15.05
C PRO C 405 -3.53 40.05 -14.02
N ALA C 406 -2.69 39.99 -13.00
CA ALA C 406 -2.72 40.99 -11.93
C ALA C 406 -2.72 42.43 -12.43
N LEU C 407 -1.63 42.81 -13.07
CA LEU C 407 -1.48 44.16 -13.59
C LEU C 407 -2.54 44.54 -14.62
N THR C 408 -3.05 43.57 -15.39
CA THR C 408 -4.06 43.86 -16.39
C THR C 408 -5.41 44.12 -15.73
N SER C 409 -5.63 43.52 -14.58
CA SER C 409 -6.88 43.74 -13.83
C SER C 409 -6.78 45.15 -13.29
N ARG C 410 -5.58 45.71 -13.37
CA ARG C 410 -5.32 47.06 -12.91
C ARG C 410 -5.52 48.08 -14.04
N GLY C 411 -5.72 47.59 -15.26
CA GLY C 411 -5.96 48.50 -16.37
C GLY C 411 -4.78 48.75 -17.30
N LEU C 412 -3.61 48.24 -16.95
CA LEU C 412 -2.45 48.43 -17.81
C LEU C 412 -2.71 47.90 -19.21
N LEU C 413 -2.30 48.68 -20.21
CA LEU C 413 -2.46 48.29 -21.60
C LEU C 413 -1.07 48.02 -22.19
N GLU C 414 -1.01 47.71 -23.48
CA GLU C 414 0.27 47.41 -24.11
C GLU C 414 1.37 48.44 -23.85
N LYS C 415 1.07 49.72 -24.04
CA LYS C 415 2.09 50.75 -23.81
C LYS C 415 2.67 50.62 -22.41
N ASP C 416 1.78 50.51 -21.42
CA ASP C 416 2.17 50.38 -20.03
C ASP C 416 3.10 49.20 -19.80
N PHE C 417 2.71 48.04 -20.33
CA PHE C 417 3.51 46.84 -20.16
C PHE C 417 4.86 46.97 -20.84
N GLN C 418 4.98 47.96 -21.70
CA GLN C 418 6.25 48.18 -22.38
C GLN C 418 7.14 48.97 -21.43
N LYS C 419 6.52 49.78 -20.57
CA LYS C 419 7.27 50.55 -19.60
C LYS C 419 7.67 49.59 -18.48
N VAL C 420 6.87 48.54 -18.29
CA VAL C 420 7.16 47.53 -17.25
C VAL C 420 8.38 46.72 -17.67
N ALA C 421 8.37 46.30 -18.94
CA ALA C 421 9.47 45.51 -19.49
C ALA C 421 10.77 46.24 -19.26
N HIS C 422 10.73 47.57 -19.34
CA HIS C 422 11.93 48.37 -19.14
C HIS C 422 12.33 48.46 -17.68
N PHE C 423 11.33 48.45 -16.81
CA PHE C 423 11.66 48.50 -15.41
C PHE C 423 12.34 47.19 -15.10
N ILE C 424 11.71 46.08 -15.49
CA ILE C 424 12.27 44.74 -15.25
C ILE C 424 13.68 44.64 -15.83
N HIS C 425 13.86 45.20 -17.03
CA HIS C 425 15.15 45.17 -17.70
C HIS C 425 16.23 45.78 -16.83
N ARG C 426 16.00 47.01 -16.38
CA ARG C 426 16.95 47.69 -15.51
C ARG C 426 17.23 46.84 -14.28
N GLY C 427 16.18 46.23 -13.74
CA GLY C 427 16.34 45.39 -12.57
C GLY C 427 17.37 44.29 -12.82
N ILE C 428 17.34 43.74 -14.03
CA ILE C 428 18.27 42.68 -14.41
C ILE C 428 19.70 43.18 -14.58
N GLU C 429 19.83 44.40 -15.08
CA GLU C 429 21.14 44.99 -15.26
C GLU C 429 21.83 45.18 -13.93
N LEU C 430 21.08 45.68 -12.94
CA LEU C 430 21.66 45.89 -11.62
C LEU C 430 22.08 44.51 -11.14
N THR C 431 21.18 43.54 -11.31
CA THR C 431 21.43 42.17 -10.92
C THR C 431 22.75 41.65 -11.49
N VAL C 432 23.03 42.05 -12.74
CA VAL C 432 24.25 41.67 -13.44
C VAL C 432 25.41 42.54 -12.98
N GLN C 433 25.16 43.85 -12.86
CA GLN C 433 26.19 44.80 -12.42
C GLN C 433 26.77 44.32 -11.08
N ILE C 434 25.88 43.93 -10.16
CA ILE C 434 26.29 43.43 -8.85
C ILE C 434 27.04 42.10 -8.96
N GLN C 435 26.62 41.24 -9.90
CA GLN C 435 27.25 39.94 -10.11
C GLN C 435 28.68 40.10 -10.60
N ASP C 436 28.95 41.25 -11.25
CA ASP C 436 30.28 41.56 -11.76
C ASP C 436 31.26 41.59 -10.58
N ASP C 437 30.80 42.17 -9.48
CA ASP C 437 31.62 42.25 -8.28
C ASP C 437 31.74 40.89 -7.61
N THR C 438 30.62 40.40 -7.08
CA THR C 438 30.60 39.11 -6.41
C THR C 438 31.52 38.10 -7.09
N GLY C 439 31.53 38.12 -8.43
CA GLY C 439 32.36 37.19 -9.18
C GLY C 439 31.56 36.00 -9.67
N PRO C 440 32.02 35.31 -10.72
CA PRO C 440 31.30 34.15 -11.25
C PRO C 440 31.01 33.09 -10.19
N ARG C 441 32.07 32.53 -9.62
CA ARG C 441 31.96 31.49 -8.59
C ARG C 441 31.31 31.99 -7.30
N ALA C 442 30.85 33.24 -7.30
CA ALA C 442 30.21 33.80 -6.12
C ALA C 442 28.93 33.04 -5.76
N THR C 443 28.62 33.01 -4.46
CA THR C 443 27.45 32.30 -3.98
C THR C 443 26.22 33.20 -3.93
N LEU C 444 25.04 32.58 -3.81
CA LEU C 444 23.79 33.32 -3.75
C LEU C 444 23.71 34.16 -2.47
N LYS C 445 24.24 33.60 -1.37
CA LYS C 445 24.25 34.31 -0.08
C LYS C 445 25.13 35.55 -0.22
N GLU C 446 26.28 35.36 -0.85
CA GLU C 446 27.21 36.44 -1.09
C GLU C 446 26.56 37.52 -1.96
N PHE C 447 25.76 37.10 -2.93
CA PHE C 447 25.08 38.06 -3.81
C PHE C 447 24.21 39.01 -2.99
N LYS C 448 23.21 38.47 -2.28
CA LYS C 448 22.32 39.30 -1.46
C LYS C 448 23.16 40.20 -0.57
N GLU C 449 24.25 39.64 -0.03
CA GLU C 449 25.16 40.39 0.83
C GLU C 449 25.70 41.63 0.09
N LYS C 450 26.30 41.40 -1.08
CA LYS C 450 26.86 42.49 -1.87
C LYS C 450 25.76 43.45 -2.33
N LEU C 451 24.57 42.92 -2.58
CA LEU C 451 23.44 43.75 -3.01
C LEU C 451 22.97 44.58 -1.84
N ALA C 452 22.97 43.97 -0.66
CA ALA C 452 22.53 44.64 0.56
C ALA C 452 23.54 45.67 1.08
N GLY C 453 24.84 45.38 0.91
CA GLY C 453 25.86 46.29 1.39
C GLY C 453 26.73 46.93 0.34
N ASP C 454 26.21 47.95 -0.35
CA ASP C 454 26.96 48.66 -1.37
C ASP C 454 26.19 49.91 -1.82
N GLU C 455 26.78 51.08 -1.61
CA GLU C 455 26.14 52.33 -2.00
C GLU C 455 25.82 52.38 -3.48
N LYS C 456 26.82 52.09 -4.31
CA LYS C 456 26.65 52.11 -5.76
C LYS C 456 25.35 51.38 -6.14
N HIS C 457 25.12 50.21 -5.53
CA HIS C 457 23.93 49.41 -5.80
C HIS C 457 22.68 49.90 -5.08
N GLN C 458 22.74 49.96 -3.75
CA GLN C 458 21.62 50.42 -2.94
C GLN C 458 21.07 51.71 -3.54
N ARG C 459 21.98 52.54 -4.03
CA ARG C 459 21.63 53.81 -4.66
C ARG C 459 20.74 53.57 -5.86
N ALA C 460 21.17 52.67 -6.73
CA ALA C 460 20.42 52.32 -7.94
C ALA C 460 19.04 51.74 -7.56
N VAL C 461 19.04 50.91 -6.52
CA VAL C 461 17.83 50.27 -6.04
C VAL C 461 16.82 51.30 -5.52
N ARG C 462 17.33 52.38 -4.91
CA ARG C 462 16.47 53.43 -4.38
C ARG C 462 15.80 54.15 -5.55
N ALA C 463 16.58 54.41 -6.60
CA ALA C 463 16.07 55.09 -7.79
C ALA C 463 15.02 54.26 -8.53
N LEU C 464 15.40 53.02 -8.88
CA LEU C 464 14.51 52.13 -9.61
C LEU C 464 13.22 51.93 -8.85
N ARG C 465 13.35 51.53 -7.60
CA ARG C 465 12.22 51.30 -6.73
C ARG C 465 11.30 52.52 -6.74
N GLN C 466 11.90 53.69 -6.51
CA GLN C 466 11.14 54.93 -6.49
C GLN C 466 10.30 54.99 -7.75
N GLU C 467 10.96 54.94 -8.91
CA GLU C 467 10.25 54.99 -10.18
C GLU C 467 9.15 53.94 -10.32
N VAL C 468 9.49 52.68 -10.05
CA VAL C 468 8.52 51.60 -10.15
C VAL C 468 7.28 51.89 -9.31
N GLU C 469 7.50 52.26 -8.06
CA GLU C 469 6.38 52.56 -7.18
C GLU C 469 5.60 53.77 -7.68
N SER C 470 6.32 54.80 -8.12
CA SER C 470 5.65 55.99 -8.60
C SER C 470 4.63 55.61 -9.69
N PHE C 471 5.08 54.77 -10.62
CA PHE C 471 4.25 54.31 -11.72
C PHE C 471 3.05 53.49 -11.25
N ALA C 472 3.27 52.62 -10.27
CA ALA C 472 2.20 51.78 -9.74
C ALA C 472 1.11 52.65 -9.12
N ALA C 473 1.53 53.58 -8.25
CA ALA C 473 0.63 54.50 -7.57
C ALA C 473 -0.33 55.18 -8.54
N LEU C 474 0.03 55.20 -9.81
CA LEU C 474 -0.80 55.84 -10.81
C LEU C 474 -1.97 54.95 -11.25
N PHE C 475 -2.11 53.78 -10.63
CA PHE C 475 -3.20 52.88 -11.00
C PHE C 475 -4.10 52.49 -9.82
N PRO C 476 -5.35 52.13 -10.12
CA PRO C 476 -6.30 51.74 -9.07
C PRO C 476 -5.96 50.36 -8.53
N LEU C 477 -6.56 50.00 -7.39
CA LEU C 477 -6.31 48.70 -6.78
C LEU C 477 -7.63 48.08 -6.32
N PRO C 478 -8.18 47.13 -7.11
CA PRO C 478 -9.46 46.46 -6.82
C PRO C 478 -9.56 45.88 -5.41
N GLY C 479 -10.78 45.84 -4.88
CA GLY C 479 -11.00 45.29 -3.56
C GLY C 479 -11.73 46.22 -2.61
N LEU C 480 -11.90 45.77 -1.38
CA LEU C 480 -12.56 46.58 -0.36
C LEU C 480 -11.66 47.82 -0.28
N PRO C 481 -12.21 49.01 -0.57
CA PRO C 481 -11.55 50.32 -0.56
C PRO C 481 -10.36 50.52 0.40
N GLY C 482 -9.16 50.58 -0.15
CA GLY C 482 -7.95 50.77 0.64
C GLY C 482 -7.79 49.81 1.81
N PHE C 483 -8.47 48.68 1.72
CA PHE C 483 -8.45 47.66 2.77
C PHE C 483 -7.97 46.34 2.18
N SER D 16 -16.48 48.44 -23.93
CA SER D 16 -16.37 47.61 -22.69
C SER D 16 -15.27 48.14 -21.76
N HIS D 17 -15.10 49.46 -21.76
CA HIS D 17 -14.12 50.10 -20.90
C HIS D 17 -14.71 50.21 -19.50
N GLU D 18 -15.49 49.19 -19.15
CA GLU D 18 -16.18 49.14 -17.85
C GLU D 18 -15.41 48.39 -16.78
N GLN D 19 -15.47 48.92 -15.56
CA GLN D 19 -14.79 48.31 -14.41
C GLN D 19 -15.76 47.97 -13.29
N MET D 20 -16.26 46.74 -13.35
CA MET D 20 -17.20 46.18 -12.38
C MET D 20 -16.47 45.69 -11.11
N LEU D 21 -15.14 45.77 -11.14
CA LEU D 21 -14.32 45.33 -10.02
C LEU D 21 -14.63 46.10 -8.75
N ALA D 22 -15.44 47.14 -8.86
CA ALA D 22 -15.76 47.92 -7.68
C ALA D 22 -17.24 47.92 -7.30
N GLN D 23 -18.14 47.73 -8.26
CA GLN D 23 -19.56 47.73 -7.94
C GLN D 23 -19.83 46.69 -6.86
N PRO D 24 -20.56 47.09 -5.80
CA PRO D 24 -20.90 46.22 -4.67
C PRO D 24 -21.71 44.99 -5.02
N LEU D 25 -21.67 44.00 -4.14
CA LEU D 25 -22.39 42.75 -4.34
C LEU D 25 -23.87 43.01 -4.58
N LYS D 26 -24.45 43.94 -3.82
CA LYS D 26 -25.87 44.26 -3.96
C LYS D 26 -26.25 44.71 -5.35
N ASP D 27 -25.28 45.01 -6.19
CA ASP D 27 -25.59 45.42 -7.55
C ASP D 27 -25.03 44.45 -8.60
N SER D 28 -23.86 43.92 -8.32
CA SER D 28 -23.24 42.98 -9.23
C SER D 28 -23.97 41.63 -9.28
N ASP D 29 -24.52 41.20 -8.15
CA ASP D 29 -25.20 39.91 -8.10
C ASP D 29 -26.35 39.92 -7.12
N ALA D 30 -27.54 40.20 -7.62
CA ALA D 30 -28.72 40.25 -6.78
C ALA D 30 -29.10 38.85 -6.31
N GLU D 31 -28.84 37.85 -7.15
CA GLU D 31 -29.18 36.48 -6.76
C GLU D 31 -28.42 36.08 -5.49
N VAL D 32 -27.10 36.18 -5.54
CA VAL D 32 -26.27 35.85 -4.40
C VAL D 32 -26.65 36.75 -3.23
N TYR D 33 -26.87 38.02 -3.53
CA TYR D 33 -27.22 38.98 -2.50
C TYR D 33 -28.44 38.53 -1.71
N ASP D 34 -29.48 38.10 -2.44
CA ASP D 34 -30.71 37.62 -1.82
C ASP D 34 -30.43 36.42 -0.93
N ILE D 35 -29.83 35.37 -1.52
CA ILE D 35 -29.52 34.17 -0.76
C ILE D 35 -28.85 34.56 0.56
N ILE D 36 -27.88 35.47 0.52
CA ILE D 36 -27.24 35.89 1.77
C ILE D 36 -28.21 36.61 2.71
N LYS D 37 -29.11 37.39 2.15
CA LYS D 37 -30.08 38.12 2.98
C LYS D 37 -31.04 37.11 3.60
N LYS D 38 -31.56 36.22 2.77
CA LYS D 38 -32.48 35.20 3.24
C LYS D 38 -31.84 34.26 4.26
N GLU D 39 -30.53 34.05 4.15
CA GLU D 39 -29.81 33.18 5.08
C GLU D 39 -29.60 33.90 6.41
N SER D 40 -29.38 35.21 6.34
CA SER D 40 -29.20 36.01 7.53
C SER D 40 -30.52 36.14 8.29
N ASN D 41 -31.64 36.19 7.58
CA ASN D 41 -32.92 36.29 8.26
C ASN D 41 -33.25 34.91 8.84
N ARG D 42 -32.93 33.87 8.09
CA ARG D 42 -33.17 32.50 8.53
C ARG D 42 -32.44 32.25 9.84
N GLN D 43 -31.18 32.70 9.91
CA GLN D 43 -30.36 32.52 11.11
C GLN D 43 -30.89 33.34 12.29
N ARG D 44 -31.54 34.44 11.98
CA ARG D 44 -32.07 35.33 13.00
C ARG D 44 -33.34 34.83 13.68
N VAL D 45 -34.27 34.29 12.91
CA VAL D 45 -35.54 33.82 13.48
C VAL D 45 -35.56 32.36 13.90
N GLY D 46 -34.44 31.67 13.75
CA GLY D 46 -34.41 30.28 14.13
C GLY D 46 -33.66 30.03 15.41
N LEU D 47 -33.86 28.86 16.01
CA LEU D 47 -33.18 28.47 17.24
C LEU D 47 -32.06 27.53 16.85
N GLU D 48 -30.88 28.08 16.61
CA GLU D 48 -29.74 27.29 16.18
C GLU D 48 -29.11 26.45 17.31
N LEU D 49 -29.44 25.17 17.33
CA LEU D 49 -28.96 24.26 18.37
C LEU D 49 -27.92 23.25 17.93
N ILE D 50 -27.55 23.29 16.65
CA ILE D 50 -26.53 22.38 16.15
C ILE D 50 -25.24 22.64 16.94
N ALA D 51 -24.73 21.61 17.61
CA ALA D 51 -23.54 21.72 18.45
C ALA D 51 -22.26 22.23 17.79
N SER D 52 -22.17 22.13 16.48
CA SER D 52 -20.95 22.56 15.81
C SER D 52 -21.04 23.97 15.20
N GLU D 53 -22.19 24.61 15.36
CA GLU D 53 -22.39 25.94 14.81
C GLU D 53 -22.14 27.04 15.82
N ASN D 54 -21.81 28.23 15.31
CA ASN D 54 -21.61 29.39 16.15
C ASN D 54 -21.78 30.58 15.22
N PHE D 55 -21.69 31.78 15.78
CA PHE D 55 -21.82 33.00 14.98
C PHE D 55 -20.57 33.82 15.13
N ALA D 56 -19.77 33.87 14.07
CA ALA D 56 -18.53 34.63 14.04
C ALA D 56 -18.79 36.12 14.26
N SER D 57 -17.84 36.79 14.90
CA SER D 57 -17.98 38.21 15.18
C SER D 57 -17.78 39.03 13.91
N ARG D 58 -18.23 40.28 13.96
CA ARG D 58 -18.11 41.16 12.80
C ARG D 58 -16.67 41.44 12.43
N ALA D 59 -15.79 41.56 13.43
CA ALA D 59 -14.38 41.83 13.18
C ALA D 59 -13.79 40.73 12.32
N VAL D 60 -14.01 39.48 12.75
CA VAL D 60 -13.51 38.32 12.02
C VAL D 60 -13.98 38.32 10.55
N LEU D 61 -15.28 38.40 10.33
CA LEU D 61 -15.82 38.42 8.98
C LEU D 61 -15.26 39.57 8.15
N GLU D 62 -14.96 40.69 8.82
CA GLU D 62 -14.43 41.84 8.13
C GLU D 62 -13.08 41.47 7.53
N ALA D 63 -12.25 40.78 8.33
CA ALA D 63 -10.92 40.36 7.87
C ALA D 63 -10.98 39.46 6.63
N LEU D 64 -11.95 38.55 6.58
CA LEU D 64 -12.08 37.64 5.44
C LEU D 64 -12.11 38.33 4.08
N GLY D 65 -12.70 39.51 4.03
CA GLY D 65 -12.77 40.23 2.76
C GLY D 65 -11.62 41.18 2.51
N SER D 66 -10.59 41.16 3.34
CA SER D 66 -9.46 42.07 3.12
C SER D 66 -8.68 41.73 1.85
N CYS D 67 -7.64 42.51 1.57
CA CYS D 67 -6.82 42.25 0.38
C CYS D 67 -5.85 41.09 0.60
N LEU D 68 -5.85 40.55 1.80
CA LEU D 68 -5.00 39.41 2.13
C LEU D 68 -5.32 38.23 1.20
N ASN D 69 -6.50 38.27 0.60
CA ASN D 69 -6.96 37.24 -0.33
C ASN D 69 -6.05 37.12 -1.53
N ASN D 70 -5.42 38.24 -1.89
CA ASN D 70 -4.57 38.30 -3.07
C ASN D 70 -3.14 37.82 -3.00
N LYS D 71 -2.57 37.68 -1.81
CA LYS D 71 -1.17 37.25 -1.75
C LYS D 71 -0.91 35.76 -1.62
N TYR D 72 0.06 35.27 -2.39
CA TYR D 72 0.45 33.88 -2.32
C TYR D 72 1.67 33.88 -1.39
N SER D 73 1.68 33.01 -0.39
CA SER D 73 2.80 32.94 0.52
C SER D 73 3.17 31.51 0.87
N GLU D 74 3.31 30.67 -0.15
CA GLU D 74 3.66 29.27 0.08
C GLU D 74 4.92 29.15 0.93
N GLY D 75 4.87 28.27 1.92
CA GLY D 75 6.00 28.08 2.80
C GLY D 75 5.71 28.69 4.15
N TYR D 76 6.74 29.19 4.82
CA TYR D 76 6.53 29.78 6.14
C TYR D 76 7.31 31.07 6.31
N PRO D 77 7.00 31.84 7.36
CA PRO D 77 7.70 33.09 7.57
C PRO D 77 9.18 32.75 7.69
N GLY D 78 10.01 33.53 6.99
CA GLY D 78 11.45 33.29 7.01
C GLY D 78 11.83 32.40 5.86
N GLN D 79 10.96 31.44 5.53
CA GLN D 79 11.20 30.51 4.43
C GLN D 79 10.09 30.47 3.38
N ARG D 80 9.90 31.58 2.66
CA ARG D 80 8.86 31.67 1.63
C ARG D 80 9.40 31.36 0.23
N TYR D 81 8.50 31.11 -0.71
CA TYR D 81 8.88 30.84 -2.09
C TYR D 81 8.59 32.05 -2.97
N TYR D 82 7.81 32.98 -2.44
CA TYR D 82 7.48 34.18 -3.18
C TYR D 82 8.09 35.44 -2.55
N GLY D 83 7.98 36.56 -3.26
CA GLY D 83 8.52 37.81 -2.77
C GLY D 83 7.48 38.88 -2.49
N GLY D 84 7.58 39.50 -1.33
CA GLY D 84 6.64 40.54 -0.94
C GLY D 84 5.76 40.06 0.20
N THR D 85 6.27 39.12 1.00
CA THR D 85 5.50 38.60 2.11
C THR D 85 5.77 39.26 3.45
N GLU D 86 6.44 40.41 3.44
CA GLU D 86 6.74 41.10 4.68
C GLU D 86 5.54 41.23 5.63
N HIS D 87 4.38 41.60 5.09
CA HIS D 87 3.20 41.76 5.91
C HIS D 87 2.51 40.46 6.24
N ILE D 88 2.50 39.52 5.28
CA ILE D 88 1.89 38.23 5.56
C ILE D 88 2.73 37.54 6.62
N ASP D 89 4.02 37.85 6.66
CA ASP D 89 4.89 37.24 7.64
C ASP D 89 4.54 37.75 9.02
N GLU D 90 4.27 39.05 9.12
CA GLU D 90 3.90 39.62 10.39
C GLU D 90 2.55 39.04 10.81
N LEU D 91 1.68 38.73 9.84
CA LEU D 91 0.38 38.17 10.15
C LEU D 91 0.43 36.74 10.64
N GLU D 92 1.03 35.86 9.84
CA GLU D 92 1.11 34.46 10.22
C GLU D 92 1.86 34.33 11.53
N THR D 93 2.93 35.10 11.68
CA THR D 93 3.70 35.03 12.91
C THR D 93 2.84 35.51 14.06
N LEU D 94 2.16 36.63 13.89
CA LEU D 94 1.30 37.15 14.94
C LEU D 94 0.29 36.09 15.35
N CYS D 95 -0.33 35.45 14.35
CA CYS D 95 -1.33 34.42 14.61
C CYS D 95 -0.80 33.26 15.43
N GLN D 96 0.44 32.85 15.18
CA GLN D 96 1.02 31.75 15.93
C GLN D 96 1.25 32.20 17.36
N LYS D 97 1.65 33.46 17.55
CA LYS D 97 1.89 33.97 18.88
C LYS D 97 0.60 33.85 19.67
N ARG D 98 -0.47 34.41 19.11
CA ARG D 98 -1.77 34.38 19.75
C ARG D 98 -2.33 32.98 19.95
N ALA D 99 -2.04 32.07 19.03
CA ALA D 99 -2.52 30.71 19.17
C ALA D 99 -1.90 30.06 20.39
N LEU D 100 -0.58 30.17 20.52
CA LEU D 100 0.13 29.58 21.65
C LEU D 100 -0.26 30.27 22.95
N GLN D 101 -0.47 31.57 22.87
CA GLN D 101 -0.86 32.37 24.03
C GLN D 101 -2.23 31.95 24.54
N ALA D 102 -3.22 31.95 23.65
CA ALA D 102 -4.58 31.60 24.02
C ALA D 102 -4.68 30.34 24.87
N TYR D 103 -3.82 29.37 24.61
CA TYR D 103 -3.87 28.14 25.37
C TYR D 103 -2.79 28.05 26.46
N GLY D 104 -2.22 29.20 26.81
CA GLY D 104 -1.19 29.27 27.83
C GLY D 104 -0.03 28.33 27.62
N LEU D 105 0.46 28.29 26.38
CA LEU D 105 1.55 27.39 26.04
C LEU D 105 2.89 28.12 25.95
N ASP D 106 3.95 27.39 26.28
CA ASP D 106 5.30 27.93 26.22
C ASP D 106 5.93 27.60 24.86
N PRO D 107 6.32 28.63 24.10
CA PRO D 107 6.93 28.44 22.79
C PRO D 107 8.17 27.55 22.76
N GLN D 108 8.80 27.34 23.91
CA GLN D 108 9.98 26.49 23.96
C GLN D 108 9.54 25.03 24.06
N CYS D 109 8.25 24.84 24.31
CA CYS D 109 7.71 23.50 24.44
C CYS D 109 6.67 23.22 23.35
N TRP D 110 6.02 24.27 22.87
CA TRP D 110 5.01 24.13 21.83
C TRP D 110 5.21 25.04 20.62
N GLY D 111 4.85 24.50 19.45
CA GLY D 111 4.93 25.22 18.20
C GLY D 111 3.57 25.03 17.56
N VAL D 112 3.22 25.87 16.59
CA VAL D 112 1.92 25.73 15.95
C VAL D 112 1.91 26.14 14.48
N ASN D 113 1.07 25.44 13.72
CA ASN D 113 0.93 25.66 12.30
C ASN D 113 -0.49 26.18 12.10
N VAL D 114 -0.61 27.34 11.45
CA VAL D 114 -1.95 27.91 11.26
C VAL D 114 -2.48 27.94 9.83
N GLN D 115 -1.84 27.19 8.93
CA GLN D 115 -2.27 27.15 7.53
C GLN D 115 -3.38 26.16 7.15
N PRO D 116 -3.69 25.18 8.02
CA PRO D 116 -4.76 24.27 7.59
C PRO D 116 -6.03 24.99 7.14
N TYR D 117 -6.53 24.57 5.99
CA TYR D 117 -7.74 25.13 5.40
C TYR D 117 -9.00 24.87 6.23
N SER D 118 -9.06 23.74 6.93
CA SER D 118 -10.24 23.43 7.74
C SER D 118 -9.88 22.42 8.82
N GLY D 119 -10.89 21.85 9.48
CA GLY D 119 -10.65 20.86 10.52
C GLY D 119 -10.14 19.53 9.98
N SER D 120 -10.84 18.99 8.99
CA SER D 120 -10.44 17.72 8.38
C SER D 120 -9.06 17.78 7.72
N PRO D 121 -8.70 18.91 7.09
CA PRO D 121 -7.38 18.98 6.47
C PRO D 121 -6.29 18.94 7.53
N ALA D 122 -6.55 19.55 8.68
CA ALA D 122 -5.54 19.57 9.73
C ALA D 122 -5.23 18.16 10.21
N ASN D 123 -6.26 17.35 10.47
CA ASN D 123 -6.06 15.98 10.91
C ASN D 123 -5.28 15.17 9.89
N PHE D 124 -5.75 15.18 8.65
CA PHE D 124 -5.09 14.43 7.61
C PHE D 124 -3.62 14.83 7.45
N ALA D 125 -3.31 16.07 7.76
CA ALA D 125 -1.94 16.53 7.64
C ALA D 125 -1.09 15.88 8.73
N VAL D 126 -1.63 15.81 9.94
CA VAL D 126 -0.90 15.20 11.05
C VAL D 126 -0.71 13.70 10.79
N TYR D 127 -1.70 13.05 10.20
CA TYR D 127 -1.60 11.64 9.92
C TYR D 127 -0.49 11.39 8.91
N THR D 128 -0.42 12.25 7.90
CA THR D 128 0.58 12.12 6.83
C THR D 128 1.97 12.34 7.37
N ALA D 129 2.10 13.31 8.27
CA ALA D 129 3.39 13.63 8.85
C ALA D 129 3.92 12.61 9.85
N LEU D 130 3.04 12.07 10.69
CA LEU D 130 3.47 11.15 11.71
C LEU D 130 3.15 9.68 11.47
N VAL D 131 2.19 9.41 10.61
CA VAL D 131 1.84 8.04 10.32
C VAL D 131 2.01 7.83 8.83
N GLU D 132 3.05 7.13 8.43
CA GLU D 132 3.26 6.90 7.00
C GLU D 132 1.97 6.23 6.48
N PRO D 133 1.87 6.02 5.17
CA PRO D 133 0.68 5.37 4.61
C PRO D 133 0.51 3.96 5.19
N HIS D 134 -0.73 3.58 5.49
CA HIS D 134 -1.04 2.25 6.06
C HIS D 134 -0.69 2.16 7.55
N GLY D 135 -0.24 3.27 8.13
CA GLY D 135 0.07 3.28 9.54
C GLY D 135 -1.23 3.12 10.31
N ARG D 136 -1.16 2.55 11.50
CA ARG D 136 -2.36 2.30 12.27
C ARG D 136 -2.80 3.44 13.19
N ILE D 137 -4.07 3.82 13.07
CA ILE D 137 -4.65 4.90 13.87
C ILE D 137 -5.82 4.38 14.70
N MET D 138 -5.93 4.88 15.93
CA MET D 138 -7.04 4.47 16.77
C MET D 138 -7.84 5.68 17.22
N GLY D 139 -9.14 5.61 17.01
CA GLY D 139 -10.02 6.69 17.41
C GLY D 139 -11.39 6.16 17.77
N LEU D 140 -12.14 6.99 18.49
CA LEU D 140 -13.50 6.66 18.91
C LEU D 140 -14.36 6.27 17.71
N ASP D 141 -15.06 5.14 17.82
CA ASP D 141 -15.91 4.72 16.72
C ASP D 141 -16.91 5.85 16.51
N LEU D 142 -17.28 6.10 15.26
CA LEU D 142 -18.20 7.19 14.93
C LEU D 142 -19.56 7.06 15.64
N PRO D 143 -20.20 5.89 15.53
CA PRO D 143 -21.50 5.73 16.19
C PRO D 143 -21.44 6.05 17.67
N ASP D 144 -20.24 6.14 18.22
CA ASP D 144 -20.06 6.43 19.63
C ASP D 144 -19.62 7.86 19.83
N GLY D 145 -19.78 8.69 18.81
CA GLY D 145 -19.38 10.08 18.95
C GLY D 145 -18.06 10.46 18.32
N GLY D 146 -17.49 9.57 17.50
CA GLY D 146 -16.23 9.87 16.85
C GLY D 146 -16.45 10.69 15.59
N HIS D 147 -15.37 11.23 15.03
CA HIS D 147 -15.46 12.02 13.81
C HIS D 147 -14.95 11.21 12.64
N LEU D 148 -15.50 11.47 11.46
CA LEU D 148 -15.09 10.79 10.23
C LEU D 148 -13.56 10.75 10.11
N THR D 149 -12.94 11.90 10.30
CA THR D 149 -11.50 12.04 10.17
C THR D 149 -10.70 11.25 11.16
N HIS D 150 -11.36 10.50 12.03
CA HIS D 150 -10.68 9.66 13.00
C HIS D 150 -10.75 8.23 12.51
N GLY D 151 -11.07 8.08 11.22
CA GLY D 151 -11.19 6.78 10.62
C GLY D 151 -12.62 6.34 10.68
N PHE D 152 -13.08 5.64 9.65
CA PHE D 152 -14.45 5.15 9.64
C PHE D 152 -14.59 4.27 8.42
N MET D 153 -14.95 3.01 8.65
CA MET D 153 -15.11 2.04 7.57
C MET D 153 -16.15 0.97 7.92
N THR D 154 -16.38 0.06 6.97
CA THR D 154 -17.32 -1.03 7.16
C THR D 154 -16.71 -2.28 6.55
N ASP D 155 -17.55 -3.07 5.88
CA ASP D 155 -17.11 -4.27 5.21
C ASP D 155 -17.04 -4.00 3.71
N LYS D 156 -16.99 -2.72 3.37
CA LYS D 156 -16.94 -2.28 1.98
C LYS D 156 -16.19 -0.96 1.87
N LYS D 157 -16.56 -0.16 0.87
CA LYS D 157 -15.95 1.14 0.64
C LYS D 157 -15.79 1.93 1.94
N LYS D 158 -14.56 1.98 2.44
CA LYS D 158 -14.23 2.72 3.65
C LYS D 158 -14.65 4.17 3.40
N ILE D 159 -15.63 4.67 4.14
CA ILE D 159 -16.09 6.03 3.92
C ILE D 159 -15.00 7.08 3.98
N SER D 160 -14.35 7.22 5.14
CA SER D 160 -13.32 8.24 5.33
C SER D 160 -11.94 8.01 4.74
N ALA D 161 -11.35 9.09 4.23
CA ALA D 161 -10.03 9.05 3.63
C ALA D 161 -8.95 8.64 4.64
N THR D 162 -9.23 8.88 5.91
CA THR D 162 -8.30 8.51 6.96
C THR D 162 -8.32 7.00 7.02
N SER D 163 -9.43 6.44 6.54
CA SER D 163 -9.62 5.01 6.54
C SER D 163 -9.17 4.39 5.23
N ILE D 164 -8.87 5.22 4.23
CA ILE D 164 -8.42 4.72 2.95
C ILE D 164 -6.89 4.70 2.81
N PHE D 165 -6.23 5.77 3.21
CA PHE D 165 -4.79 5.83 3.10
C PHE D 165 -4.11 5.41 4.40
N PHE D 166 -4.90 4.97 5.37
CA PHE D 166 -4.36 4.52 6.63
C PHE D 166 -5.16 3.34 7.14
N GLU D 167 -4.60 2.61 8.10
CA GLU D 167 -5.29 1.46 8.67
C GLU D 167 -5.86 1.87 10.03
N SER D 168 -7.17 2.08 10.07
CA SER D 168 -7.82 2.51 11.29
C SER D 168 -8.65 1.45 11.98
N MET D 169 -8.60 1.47 13.31
CA MET D 169 -9.41 0.56 14.12
C MET D 169 -9.98 1.43 15.24
N ALA D 170 -11.28 1.33 15.45
CA ALA D 170 -11.91 2.16 16.46
C ALA D 170 -12.04 1.55 17.84
N TYR D 171 -12.20 2.42 18.84
CA TYR D 171 -12.45 1.99 20.21
C TYR D 171 -13.84 2.53 20.52
N LYS D 172 -14.62 1.72 21.24
CA LYS D 172 -15.98 2.09 21.55
C LYS D 172 -16.21 2.58 22.97
N VAL D 173 -17.43 3.07 23.21
CA VAL D 173 -17.83 3.52 24.53
C VAL D 173 -18.71 2.42 25.09
N ASN D 174 -18.72 2.30 26.42
CA ASN D 174 -19.53 1.29 27.10
C ASN D 174 -20.98 1.54 26.71
N PRO D 175 -21.68 0.52 26.20
CA PRO D 175 -23.07 0.75 25.82
C PRO D 175 -24.01 0.99 27.01
N ASP D 176 -23.55 0.64 28.22
CA ASP D 176 -24.37 0.79 29.41
C ASP D 176 -24.07 2.02 30.25
N THR D 177 -23.20 2.89 29.76
CA THR D 177 -22.85 4.09 30.50
C THR D 177 -22.62 5.29 29.60
N GLY D 178 -22.46 5.05 28.31
CA GLY D 178 -22.20 6.13 27.39
C GLY D 178 -20.79 6.66 27.58
N TYR D 179 -20.01 5.95 28.38
CA TYR D 179 -18.63 6.36 28.64
C TYR D 179 -17.65 5.53 27.83
N ILE D 180 -16.51 6.14 27.52
CA ILE D 180 -15.46 5.48 26.75
C ILE D 180 -14.90 4.35 27.59
N ASP D 181 -14.67 3.22 26.94
CA ASP D 181 -14.15 2.06 27.64
C ASP D 181 -12.62 2.06 27.57
N TYR D 182 -11.99 2.93 28.35
CA TYR D 182 -10.53 3.01 28.38
C TYR D 182 -9.84 1.67 28.65
N ASP D 183 -10.59 0.74 29.23
CA ASP D 183 -10.02 -0.56 29.54
C ASP D 183 -9.91 -1.40 28.28
N ARG D 184 -10.96 -1.42 27.48
CA ARG D 184 -10.94 -2.20 26.24
C ARG D 184 -10.01 -1.61 25.20
N LEU D 185 -9.72 -0.31 25.32
CA LEU D 185 -8.81 0.35 24.39
C LEU D 185 -7.38 -0.06 24.74
N GLU D 186 -7.08 -0.07 26.02
CA GLU D 186 -5.76 -0.43 26.52
C GLU D 186 -5.35 -1.83 26.08
N GLU D 187 -6.29 -2.77 26.13
CA GLU D 187 -6.07 -4.15 25.72
C GLU D 187 -5.93 -4.29 24.20
N ASN D 188 -6.87 -3.70 23.48
CA ASN D 188 -6.87 -3.76 22.02
C ASN D 188 -5.68 -3.04 21.39
N ALA D 189 -5.15 -2.04 22.09
CA ALA D 189 -3.99 -1.31 21.57
C ALA D 189 -2.77 -2.22 21.54
N ARG D 190 -2.80 -3.27 22.37
CA ARG D 190 -1.70 -4.22 22.44
C ARG D 190 -1.73 -5.21 21.28
N LEU D 191 -2.91 -5.40 20.72
CA LEU D 191 -3.08 -6.31 19.59
C LEU D 191 -2.92 -5.59 18.24
N PHE D 192 -3.43 -4.35 18.16
CA PHE D 192 -3.41 -3.53 16.95
C PHE D 192 -2.11 -2.77 16.68
N HIS D 193 -1.38 -2.40 17.73
CA HIS D 193 -0.13 -1.67 17.58
C HIS D 193 -0.34 -0.33 16.87
N PRO D 194 -1.16 0.55 17.46
CA PRO D 194 -1.40 1.85 16.83
C PRO D 194 -0.16 2.72 16.85
N LYS D 195 0.02 3.49 15.78
CA LYS D 195 1.16 4.39 15.72
C LYS D 195 0.65 5.71 16.28
N LEU D 196 -0.67 5.91 16.22
CA LEU D 196 -1.28 7.14 16.73
C LEU D 196 -2.69 6.92 17.29
N ILE D 197 -2.99 7.56 18.41
CA ILE D 197 -4.31 7.44 19.04
C ILE D 197 -4.91 8.83 19.14
N ILE D 198 -6.17 8.93 18.73
CA ILE D 198 -6.88 10.20 18.73
C ILE D 198 -7.70 10.46 19.99
N ALA D 199 -7.56 11.65 20.54
CA ALA D 199 -8.31 12.02 21.74
C ALA D 199 -9.19 13.18 21.34
N GLY D 200 -10.40 12.86 20.90
CA GLY D 200 -11.31 13.90 20.48
C GLY D 200 -12.67 13.38 20.05
N THR D 201 -13.70 14.19 20.30
CA THR D 201 -15.07 13.81 19.98
C THR D 201 -15.88 14.85 19.21
N SER D 202 -16.94 14.38 18.56
CA SER D 202 -17.86 15.23 17.81
C SER D 202 -19.19 15.22 18.55
N CYS D 203 -19.45 14.14 19.28
CA CYS D 203 -20.68 13.98 20.04
C CYS D 203 -20.45 13.16 21.31
N TYR D 204 -19.83 13.82 22.29
CA TYR D 204 -19.53 13.20 23.57
C TYR D 204 -19.63 14.30 24.63
N SER D 205 -20.62 14.20 25.51
CA SER D 205 -20.82 15.21 26.55
C SER D 205 -19.83 15.20 27.72
N ARG D 206 -18.84 14.32 27.70
CA ARG D 206 -17.92 14.24 28.83
C ARG D 206 -16.47 14.60 28.53
N ASN D 207 -15.70 14.75 29.60
CA ASN D 207 -14.28 15.04 29.49
C ASN D 207 -13.56 13.74 29.20
N LEU D 208 -12.51 13.83 28.40
CA LEU D 208 -11.75 12.65 28.05
C LEU D 208 -10.64 12.52 29.08
N ASP D 209 -10.26 11.29 29.37
CA ASP D 209 -9.20 11.05 30.32
C ASP D 209 -7.90 11.05 29.54
N TYR D 210 -7.37 12.24 29.27
CA TYR D 210 -6.13 12.33 28.52
C TYR D 210 -4.99 11.58 29.23
N GLY D 211 -4.87 11.78 30.54
CA GLY D 211 -3.84 11.13 31.32
C GLY D 211 -3.79 9.64 31.06
N ARG D 212 -4.94 8.99 31.08
CA ARG D 212 -5.01 7.57 30.82
C ARG D 212 -4.65 7.27 29.36
N LEU D 213 -5.18 8.07 28.43
CA LEU D 213 -4.89 7.88 27.02
C LEU D 213 -3.41 8.06 26.76
N ARG D 214 -2.77 8.93 27.54
CA ARG D 214 -1.35 9.16 27.38
C ARG D 214 -0.60 7.93 27.86
N LYS D 215 -1.02 7.40 29.00
CA LYS D 215 -0.38 6.22 29.55
C LYS D 215 -0.50 5.02 28.61
N ILE D 216 -1.56 5.00 27.80
CA ILE D 216 -1.78 3.90 26.85
C ILE D 216 -0.94 4.08 25.59
N ALA D 217 -0.79 5.33 25.16
CA ALA D 217 -0.01 5.61 23.97
C ALA D 217 1.43 5.18 24.25
N ASP D 218 2.03 5.76 25.27
CA ASP D 218 3.39 5.42 25.64
C ASP D 218 3.62 3.91 25.73
N GLU D 219 2.63 3.16 26.21
CA GLU D 219 2.77 1.72 26.35
C GLU D 219 3.02 1.08 24.98
N ASN D 220 2.55 1.73 23.92
CA ASN D 220 2.72 1.20 22.57
C ASN D 220 3.60 2.08 21.69
N GLY D 221 4.33 3.02 22.31
CA GLY D 221 5.22 3.89 21.54
C GLY D 221 4.49 4.83 20.60
N ALA D 222 3.17 4.80 20.65
CA ALA D 222 2.33 5.63 19.78
C ALA D 222 2.24 7.10 20.22
N TYR D 223 1.83 7.94 19.28
CA TYR D 223 1.65 9.36 19.55
C TYR D 223 0.22 9.53 20.06
N LEU D 224 0.02 10.51 20.93
CA LEU D 224 -1.32 10.78 21.44
C LEU D 224 -1.77 12.10 20.86
N MET D 225 -2.57 12.05 19.80
CA MET D 225 -3.08 13.26 19.15
C MET D 225 -4.48 13.63 19.62
N ALA D 226 -4.61 14.89 20.08
CA ALA D 226 -5.89 15.38 20.55
C ALA D 226 -6.54 16.22 19.46
N ASP D 227 -7.84 16.04 19.32
CA ASP D 227 -8.62 16.79 18.35
C ASP D 227 -9.66 17.55 19.16
N MET D 228 -9.31 18.75 19.60
CA MET D 228 -10.19 19.56 20.43
C MET D 228 -11.15 20.47 19.69
N ALA D 229 -11.41 20.18 18.41
CA ALA D 229 -12.31 21.01 17.61
C ALA D 229 -13.59 21.43 18.31
N HIS D 230 -14.28 20.49 18.96
CA HIS D 230 -15.53 20.80 19.63
C HIS D 230 -15.40 21.57 20.95
N ILE D 231 -14.30 21.38 21.67
CA ILE D 231 -14.13 22.05 22.96
C ILE D 231 -12.97 23.06 22.99
N SER D 232 -12.48 23.45 21.82
CA SER D 232 -11.38 24.40 21.72
C SER D 232 -11.67 25.67 22.52
N GLY D 233 -12.88 26.20 22.39
CA GLY D 233 -13.25 27.42 23.08
C GLY D 233 -13.37 27.16 24.57
N LEU D 234 -13.91 26.00 24.91
CA LEU D 234 -14.06 25.64 26.32
C LEU D 234 -12.70 25.60 26.97
N VAL D 235 -11.73 25.03 26.26
CA VAL D 235 -10.37 24.91 26.76
C VAL D 235 -9.65 26.23 26.99
N VAL D 236 -9.77 27.17 26.05
CA VAL D 236 -9.10 28.47 26.20
C VAL D 236 -9.63 29.21 27.44
N ALA D 237 -10.93 29.07 27.71
CA ALA D 237 -11.56 29.73 28.85
C ALA D 237 -11.50 28.89 30.14
N GLY D 238 -10.77 27.80 30.11
CA GLY D 238 -10.65 26.95 31.29
C GLY D 238 -11.91 26.38 31.90
N VAL D 239 -12.93 26.05 31.09
CA VAL D 239 -14.15 25.47 31.64
C VAL D 239 -14.10 23.96 31.52
N VAL D 240 -13.01 23.45 30.94
CA VAL D 240 -12.76 22.02 30.81
C VAL D 240 -11.24 21.78 30.84
N PRO D 241 -10.80 20.64 31.39
CA PRO D 241 -9.36 20.39 31.44
C PRO D 241 -8.74 20.54 30.04
N SER D 242 -7.47 20.92 30.00
CA SER D 242 -6.72 21.14 28.77
C SER D 242 -6.10 19.85 28.22
N PRO D 243 -6.13 19.66 26.89
CA PRO D 243 -5.55 18.45 26.31
C PRO D 243 -4.05 18.63 26.12
N PHE D 244 -3.60 19.88 26.13
CA PHE D 244 -2.19 20.21 25.95
C PHE D 244 -1.35 19.78 27.16
N GLU D 245 -2.00 19.24 28.17
CA GLU D 245 -1.29 18.81 29.36
C GLU D 245 -0.69 17.41 29.20
N HIS D 246 -1.31 16.60 28.34
CA HIS D 246 -0.88 15.22 28.12
C HIS D 246 -0.51 14.84 26.69
N CYS D 247 -1.13 15.49 25.72
CA CYS D 247 -0.92 15.13 24.32
C CYS D 247 0.32 15.69 23.63
N HIS D 248 0.82 14.91 22.66
CA HIS D 248 2.00 15.28 21.88
C HIS D 248 1.57 16.27 20.82
N VAL D 249 0.38 16.04 20.28
CA VAL D 249 -0.14 16.92 19.25
C VAL D 249 -1.62 17.22 19.46
N VAL D 250 -2.00 18.47 19.20
CA VAL D 250 -3.39 18.86 19.33
C VAL D 250 -3.83 19.64 18.10
N THR D 251 -4.86 19.12 17.43
CA THR D 251 -5.37 19.77 16.23
C THR D 251 -6.76 20.34 16.52
N THR D 252 -7.23 21.27 15.70
CA THR D 252 -8.54 21.84 15.97
C THR D 252 -9.07 22.74 14.86
N THR D 253 -10.39 22.94 14.88
CA THR D 253 -11.02 23.84 13.92
C THR D 253 -10.84 25.21 14.53
N THR D 254 -11.24 26.27 13.84
CA THR D 254 -11.10 27.60 14.41
C THR D 254 -12.49 28.19 14.53
N HIS D 255 -13.48 27.42 14.09
CA HIS D 255 -14.85 27.87 14.21
C HIS D 255 -15.45 27.17 15.43
N LYS D 256 -16.69 26.74 15.33
CA LYS D 256 -17.34 26.07 16.45
C LYS D 256 -17.24 26.88 17.74
N THR D 257 -16.81 26.28 18.84
CA THR D 257 -16.75 27.02 20.10
C THR D 257 -15.65 28.03 20.25
N LEU D 258 -14.78 28.13 19.26
CA LEU D 258 -13.72 29.11 19.30
C LEU D 258 -14.26 30.38 18.64
N ARG D 259 -15.38 30.21 17.92
CA ARG D 259 -16.11 31.28 17.24
C ARG D 259 -15.38 32.13 16.19
N GLY D 260 -14.49 31.51 15.42
CA GLY D 260 -13.78 32.24 14.39
C GLY D 260 -14.27 31.78 13.02
N CYS D 261 -13.53 32.14 11.97
CA CYS D 261 -13.92 31.71 10.63
C CYS D 261 -13.48 30.26 10.45
N ARG D 262 -13.96 29.58 9.41
CA ARG D 262 -13.57 28.20 9.21
C ARG D 262 -12.10 28.04 8.82
N ALA D 263 -11.39 27.23 9.59
CA ALA D 263 -9.97 26.96 9.36
C ALA D 263 -9.47 26.02 10.45
N GLY D 264 -8.24 25.53 10.32
CA GLY D 264 -7.73 24.62 11.34
C GLY D 264 -6.33 24.96 11.79
N MET D 265 -5.91 24.42 12.93
CA MET D 265 -4.57 24.65 13.45
C MET D 265 -4.00 23.34 13.96
N ILE D 266 -2.68 23.25 13.99
CA ILE D 266 -2.00 22.06 14.48
C ILE D 266 -0.92 22.46 15.48
N PHE D 267 -1.14 22.13 16.75
CA PHE D 267 -0.17 22.43 17.79
C PHE D 267 0.70 21.18 17.94
N TYR D 268 1.97 21.38 18.28
CA TYR D 268 2.89 20.25 18.43
C TYR D 268 3.95 20.53 19.48
N ARG D 269 4.48 19.46 20.06
CA ARG D 269 5.50 19.57 21.09
C ARG D 269 6.87 19.93 20.50
N ARG D 270 7.68 20.62 21.31
CA ARG D 270 9.03 21.00 20.91
C ARG D 270 9.93 20.66 22.11
N GLY D 271 11.17 20.24 21.83
CA GLY D 271 12.08 19.88 22.91
C GLY D 271 12.49 18.41 22.80
N VAL D 272 12.48 17.66 23.91
CA VAL D 272 12.86 16.25 23.84
C VAL D 272 12.25 15.41 24.99
N TYR D 285 12.33 14.66 19.46
CA TYR D 285 11.19 15.54 19.16
C TYR D 285 11.39 16.42 17.92
N ASN D 286 10.90 15.94 16.79
CA ASN D 286 11.00 16.65 15.53
C ASN D 286 9.64 16.68 14.85
N LEU D 287 8.60 16.83 15.66
CA LEU D 287 7.23 16.89 15.15
C LEU D 287 7.06 18.13 14.29
N GLU D 288 7.76 19.20 14.64
CA GLU D 288 7.67 20.44 13.89
C GLU D 288 8.00 20.28 12.40
N SER D 289 9.19 19.76 12.12
CA SER D 289 9.64 19.57 10.74
C SER D 289 8.61 18.79 9.92
N LEU D 290 8.23 17.63 10.42
CA LEU D 290 7.27 16.76 9.74
C LEU D 290 5.92 17.42 9.47
N ILE D 291 5.26 17.87 10.54
CA ILE D 291 3.96 18.53 10.41
C ILE D 291 4.08 19.63 9.38
N ASN D 292 4.99 20.57 9.62
CA ASN D 292 5.16 21.65 8.68
C ASN D 292 5.35 21.17 7.23
N SER D 293 6.25 20.20 7.01
CA SER D 293 6.47 19.71 5.66
C SER D 293 5.24 18.99 5.12
N ALA D 294 4.46 18.40 5.99
CA ALA D 294 3.25 17.70 5.59
C ALA D 294 2.21 18.70 5.03
N VAL D 295 2.03 19.81 5.73
CA VAL D 295 1.07 20.80 5.28
C VAL D 295 1.56 21.42 3.98
N PHE D 296 2.87 21.52 3.85
CA PHE D 296 3.48 22.09 2.65
C PHE D 296 4.97 21.79 2.61
N PRO D 297 5.49 21.39 1.45
CA PRO D 297 4.87 21.17 0.13
C PRO D 297 4.07 19.88 0.06
N GLY D 298 3.70 19.33 1.20
CA GLY D 298 2.98 18.08 1.18
C GLY D 298 1.55 18.06 0.67
N LEU D 299 0.62 18.59 1.46
CA LEU D 299 -0.78 18.54 1.08
C LEU D 299 -1.42 19.83 0.58
N GLN D 300 -0.97 20.98 1.08
CA GLN D 300 -1.57 22.23 0.67
C GLN D 300 -0.76 23.08 -0.31
N GLY D 301 -1.40 24.13 -0.79
CA GLY D 301 -0.76 25.04 -1.71
C GLY D 301 -0.67 26.39 -1.05
N GLY D 302 -1.24 27.39 -1.70
CA GLY D 302 -1.21 28.74 -1.17
C GLY D 302 -1.98 28.89 0.14
N PRO D 303 -1.35 29.47 1.17
CA PRO D 303 -2.09 29.62 2.43
C PRO D 303 -3.23 30.61 2.18
N HIS D 304 -4.30 30.52 2.97
CA HIS D 304 -5.43 31.45 2.85
C HIS D 304 -5.27 32.52 3.90
N ASN D 305 -4.37 33.46 3.62
CA ASN D 305 -4.05 34.54 4.53
C ASN D 305 -5.23 35.30 5.13
N HIS D 306 -6.26 35.55 4.33
CA HIS D 306 -7.43 36.25 4.81
C HIS D 306 -8.13 35.45 5.91
N ALA D 307 -8.03 34.13 5.83
CA ALA D 307 -8.64 33.28 6.84
C ALA D 307 -7.72 33.24 8.06
N ILE D 308 -6.42 33.25 7.84
CA ILE D 308 -5.45 33.23 8.94
C ILE D 308 -5.72 34.48 9.77
N ALA D 309 -5.92 35.59 9.09
CA ALA D 309 -6.22 36.86 9.76
C ALA D 309 -7.48 36.68 10.63
N GLY D 310 -8.52 36.11 10.03
CA GLY D 310 -9.76 35.88 10.75
C GLY D 310 -9.58 35.04 12.02
N VAL D 311 -8.69 34.05 11.96
CA VAL D 311 -8.39 33.18 13.08
C VAL D 311 -7.63 33.96 14.13
N ALA D 312 -6.77 34.86 13.65
CA ALA D 312 -5.98 35.69 14.54
C ALA D 312 -6.94 36.56 15.32
N VAL D 313 -7.81 37.27 14.60
CA VAL D 313 -8.78 38.14 15.24
C VAL D 313 -9.60 37.41 16.29
N ALA D 314 -10.02 36.18 15.96
CA ALA D 314 -10.81 35.38 16.88
C ALA D 314 -10.02 34.97 18.12
N LEU D 315 -8.73 34.73 17.94
CA LEU D 315 -7.85 34.32 19.04
C LEU D 315 -7.71 35.45 20.04
N LYS D 316 -7.61 36.67 19.54
CA LYS D 316 -7.47 37.83 20.42
C LYS D 316 -8.75 38.02 21.24
N GLN D 317 -9.89 37.74 20.62
CA GLN D 317 -11.17 37.89 21.31
C GLN D 317 -11.36 36.72 22.24
N ALA D 318 -10.71 35.60 21.94
CA ALA D 318 -10.84 34.41 22.77
C ALA D 318 -10.14 34.55 24.10
N MET D 319 -9.21 35.51 24.18
CA MET D 319 -8.46 35.74 25.42
C MET D 319 -9.04 36.87 26.27
N THR D 320 -10.15 37.45 25.84
CA THR D 320 -10.77 38.52 26.61
C THR D 320 -11.60 37.91 27.73
N PRO D 321 -11.91 38.70 28.77
CA PRO D 321 -12.71 38.16 29.88
C PRO D 321 -14.13 37.86 29.41
N GLU D 322 -14.62 38.67 28.46
CA GLU D 322 -15.94 38.49 27.88
C GLU D 322 -16.09 37.08 27.25
N PHE D 323 -15.00 36.58 26.69
CA PHE D 323 -15.02 35.26 26.10
C PHE D 323 -15.12 34.23 27.21
N LYS D 324 -14.27 34.40 28.23
CA LYS D 324 -14.22 33.50 29.38
C LYS D 324 -15.59 33.33 30.01
N GLU D 325 -16.32 34.43 30.18
CA GLU D 325 -17.66 34.35 30.77
C GLU D 325 -18.60 33.67 29.79
N TYR D 326 -18.50 34.04 28.51
CA TYR D 326 -19.33 33.43 27.47
C TYR D 326 -19.25 31.91 27.58
N GLN D 327 -18.04 31.36 27.64
CA GLN D 327 -17.86 29.91 27.74
C GLN D 327 -18.50 29.34 29.02
N ARG D 328 -18.30 30.02 30.15
CA ARG D 328 -18.90 29.53 31.38
C ARG D 328 -20.41 29.46 31.18
N GLN D 329 -20.97 30.49 30.54
CA GLN D 329 -22.39 30.55 30.26
C GLN D 329 -22.80 29.41 29.29
N VAL D 330 -21.99 29.20 28.25
CA VAL D 330 -22.28 28.13 27.30
C VAL D 330 -22.48 26.84 28.08
N VAL D 331 -21.56 26.54 28.99
CA VAL D 331 -21.69 25.32 29.79
C VAL D 331 -22.86 25.38 30.78
N ALA D 332 -23.11 26.57 31.32
CA ALA D 332 -24.22 26.72 32.27
C ALA D 332 -25.51 26.40 31.53
N ASN D 333 -25.63 26.98 30.33
CA ASN D 333 -26.82 26.76 29.52
C ASN D 333 -27.02 25.29 29.20
N CYS D 334 -25.95 24.60 28.82
CA CYS D 334 -26.07 23.18 28.49
C CYS D 334 -26.64 22.39 29.66
N ARG D 335 -26.12 22.63 30.87
CA ARG D 335 -26.64 21.93 32.03
C ARG D 335 -28.12 22.26 32.23
N ALA D 336 -28.48 23.55 32.18
CA ALA D 336 -29.87 23.97 32.34
C ALA D 336 -30.76 23.26 31.32
N LEU D 337 -30.34 23.29 30.06
CA LEU D 337 -31.09 22.63 28.99
C LEU D 337 -31.23 21.14 29.28
N SER D 338 -30.10 20.51 29.58
CA SER D 338 -30.06 19.09 29.88
C SER D 338 -31.01 18.81 31.03
N ALA D 339 -30.88 19.59 32.09
CA ALA D 339 -31.73 19.44 33.26
C ALA D 339 -33.20 19.56 32.86
N ALA D 340 -33.55 20.60 32.12
CA ALA D 340 -34.93 20.82 31.70
C ALA D 340 -35.52 19.63 30.95
N LEU D 341 -34.79 19.13 29.97
CA LEU D 341 -35.30 18.00 29.21
C LEU D 341 -35.42 16.78 30.11
N VAL D 342 -34.55 16.71 31.12
CA VAL D 342 -34.59 15.60 32.08
C VAL D 342 -35.85 15.73 32.91
N GLU D 343 -36.07 16.93 33.46
CA GLU D 343 -37.26 17.19 34.28
C GLU D 343 -38.49 16.89 33.43
N LEU D 344 -38.30 16.88 32.11
CA LEU D 344 -39.39 16.57 31.19
C LEU D 344 -39.37 15.11 30.76
N GLY D 345 -38.55 14.31 31.45
CA GLY D 345 -38.47 12.89 31.18
C GLY D 345 -37.65 12.38 30.00
N TYR D 346 -36.77 13.21 29.45
CA TYR D 346 -35.94 12.80 28.32
C TYR D 346 -34.64 12.14 28.76
N LYS D 347 -34.20 11.15 27.97
CA LYS D 347 -32.98 10.41 28.25
C LYS D 347 -31.71 11.07 27.72
N ILE D 348 -30.84 11.50 28.64
CA ILE D 348 -29.59 12.13 28.26
C ILE D 348 -28.47 11.13 28.47
N VAL D 349 -27.77 10.79 27.38
CA VAL D 349 -26.68 9.84 27.43
C VAL D 349 -25.65 10.22 28.50
N THR D 350 -25.33 9.25 29.35
CA THR D 350 -24.40 9.38 30.47
C THR D 350 -25.00 10.29 31.55
N GLY D 351 -26.29 10.56 31.43
CA GLY D 351 -26.98 11.37 32.43
C GLY D 351 -26.90 12.88 32.30
N GLY D 352 -25.87 13.39 31.62
CA GLY D 352 -25.73 14.82 31.47
C GLY D 352 -24.52 15.24 30.65
N SER D 353 -23.98 16.42 30.95
CA SER D 353 -22.82 16.92 30.22
C SER D 353 -21.84 17.74 31.04
N ASP D 354 -20.59 17.79 30.59
CA ASP D 354 -19.55 18.57 31.25
C ASP D 354 -19.21 19.70 30.30
N ASN D 355 -19.82 19.68 29.12
CA ASN D 355 -19.53 20.70 28.13
C ASN D 355 -20.74 21.41 27.52
N HIS D 356 -20.57 21.81 26.26
CA HIS D 356 -21.56 22.55 25.48
C HIS D 356 -22.65 21.72 24.80
N LEU D 357 -22.57 20.40 24.87
CA LEU D 357 -23.58 19.58 24.19
C LEU D 357 -24.10 18.42 24.99
N ILE D 358 -25.19 17.83 24.49
CA ILE D 358 -25.80 16.67 25.11
C ILE D 358 -26.44 15.79 24.03
N LEU D 359 -26.35 14.48 24.23
CA LEU D 359 -26.95 13.55 23.30
C LEU D 359 -28.27 13.06 23.90
N VAL D 360 -29.37 13.43 23.28
CA VAL D 360 -30.66 13.02 23.80
C VAL D 360 -31.07 11.70 23.19
N ASP D 361 -31.36 10.74 24.05
CA ASP D 361 -31.76 9.43 23.56
C ASP D 361 -33.24 9.40 23.25
N LEU D 362 -33.54 9.51 21.96
CA LEU D 362 -34.93 9.44 21.52
C LEU D 362 -35.38 8.06 21.97
N ARG D 363 -36.47 7.54 21.42
CA ARG D 363 -36.90 6.21 21.85
C ARG D 363 -37.29 6.28 23.33
N SER D 364 -36.84 7.33 24.01
CA SER D 364 -37.13 7.56 25.43
C SER D 364 -38.49 8.21 25.52
N LYS D 365 -39.06 8.48 24.35
CA LYS D 365 -40.37 9.07 24.19
C LYS D 365 -41.06 8.25 23.10
N GLY D 366 -40.33 7.27 22.59
CA GLY D 366 -40.86 6.40 21.57
C GLY D 366 -40.68 6.85 20.15
N THR D 367 -39.52 7.42 19.83
CA THR D 367 -39.25 7.88 18.48
C THR D 367 -37.75 7.99 18.26
N ASP D 368 -37.37 8.53 17.10
CA ASP D 368 -35.96 8.66 16.76
C ASP D 368 -35.57 10.04 16.21
N GLY D 369 -34.27 10.37 16.33
CA GLY D 369 -33.75 11.63 15.86
C GLY D 369 -33.78 11.77 14.36
N GLY D 370 -33.97 10.66 13.68
CA GLY D 370 -34.03 10.68 12.23
C GLY D 370 -35.20 11.50 11.75
N ARG D 371 -36.36 11.25 12.33
CA ARG D 371 -37.56 11.97 11.93
C ARG D 371 -37.62 13.30 12.69
N ALA D 372 -37.23 13.28 13.98
CA ALA D 372 -37.25 14.48 14.82
C ALA D 372 -36.50 15.64 14.16
N GLU D 373 -35.30 15.37 13.67
CA GLU D 373 -34.52 16.41 13.02
C GLU D 373 -35.35 17.09 11.93
N LYS D 374 -36.19 16.31 11.24
CA LYS D 374 -36.99 16.86 10.14
C LYS D 374 -38.12 17.77 10.58
N VAL D 375 -38.82 17.41 11.64
CA VAL D 375 -39.90 18.24 12.10
C VAL D 375 -39.35 19.47 12.80
N LEU D 376 -38.50 19.26 13.81
CA LEU D 376 -37.89 20.39 14.53
C LEU D 376 -37.38 21.40 13.51
N GLU D 377 -36.79 20.89 12.43
CA GLU D 377 -36.28 21.75 11.38
C GLU D 377 -37.40 22.57 10.75
N ALA D 378 -38.58 21.95 10.59
CA ALA D 378 -39.72 22.63 10.01
C ALA D 378 -40.25 23.71 10.95
N CYS D 379 -39.96 23.56 12.23
CA CYS D 379 -40.41 24.51 13.24
C CYS D 379 -39.36 25.60 13.47
N SER D 380 -38.26 25.52 12.72
CA SER D 380 -37.16 26.48 12.79
C SER D 380 -36.23 26.31 13.99
N ILE D 381 -36.22 25.07 14.49
CA ILE D 381 -35.37 24.67 15.60
C ILE D 381 -34.34 23.74 14.94
N ALA D 382 -33.12 24.22 14.77
CA ALA D 382 -32.09 23.43 14.12
C ALA D 382 -31.25 22.61 15.08
N CYS D 383 -31.09 21.35 14.73
CA CYS D 383 -30.31 20.41 15.51
C CYS D 383 -30.31 19.18 14.64
N ASN D 384 -29.30 18.32 14.81
CA ASN D 384 -29.20 17.12 13.97
C ASN D 384 -29.31 15.83 14.77
N LYS D 385 -29.70 14.76 14.07
CA LYS D 385 -29.81 13.45 14.69
C LYS D 385 -28.39 12.93 14.88
N ASN D 386 -28.21 11.96 15.75
CA ASN D 386 -26.86 11.45 15.94
C ASN D 386 -26.82 9.97 16.26
N THR D 387 -25.93 9.28 15.54
CA THR D 387 -25.72 7.84 15.67
C THR D 387 -26.07 7.24 17.03
N CYS D 388 -25.65 7.91 18.10
CA CYS D 388 -25.94 7.41 19.45
C CYS D 388 -25.24 6.06 19.68
N PRO D 389 -24.84 5.76 20.93
CA PRO D 389 -24.16 4.51 21.28
C PRO D 389 -24.78 3.25 20.70
N GLY D 390 -24.13 2.71 19.67
CA GLY D 390 -24.61 1.49 19.03
C GLY D 390 -25.89 1.65 18.25
N ASP D 391 -27.02 1.60 18.95
CA ASP D 391 -28.33 1.74 18.33
C ASP D 391 -28.45 0.98 17.02
N LYS D 392 -29.34 1.45 16.15
CA LYS D 392 -29.56 0.82 14.85
C LYS D 392 -28.64 1.44 13.78
N SER D 393 -27.56 2.06 14.24
CA SER D 393 -26.58 2.71 13.38
C SER D 393 -27.04 3.09 11.98
N ALA D 394 -27.21 4.40 11.75
CA ALA D 394 -27.62 4.93 10.46
C ALA D 394 -29.05 4.59 10.08
N LEU D 395 -29.53 3.42 10.50
CA LEU D 395 -30.89 3.01 10.19
C LEU D 395 -31.93 3.74 11.02
N ARG D 396 -31.59 3.98 12.30
CA ARG D 396 -32.49 4.68 13.20
C ARG D 396 -31.74 5.35 14.35
N PRO D 397 -31.11 6.51 14.07
CA PRO D 397 -30.36 7.24 15.09
C PRO D 397 -31.22 7.49 16.33
N SER D 398 -31.04 6.68 17.36
CA SER D 398 -31.81 6.83 18.58
C SER D 398 -31.36 8.02 19.41
N GLY D 399 -31.16 9.15 18.76
CA GLY D 399 -30.74 10.34 19.49
C GLY D 399 -30.68 11.66 18.73
N LEU D 400 -30.63 12.75 19.49
CA LEU D 400 -30.55 14.12 18.97
C LEU D 400 -29.40 14.82 19.70
N ARG D 401 -28.50 15.44 18.96
CA ARG D 401 -27.42 16.15 19.59
C ARG D 401 -27.78 17.62 19.69
N LEU D 402 -27.62 18.19 20.88
CA LEU D 402 -27.95 19.59 21.10
C LEU D 402 -26.76 20.33 21.71
N GLY D 403 -26.44 21.49 21.12
CA GLY D 403 -25.34 22.28 21.59
C GLY D 403 -25.82 23.68 21.91
N THR D 404 -25.10 24.37 22.78
CA THR D 404 -25.48 25.71 23.20
C THR D 404 -24.62 26.89 22.74
N PRO D 405 -23.44 26.66 22.14
CA PRO D 405 -22.60 27.79 21.70
C PRO D 405 -23.34 28.85 20.89
N ALA D 406 -23.90 28.43 19.77
CA ALA D 406 -24.60 29.33 18.89
C ALA D 406 -25.64 30.22 19.59
N LEU D 407 -26.62 29.62 20.26
CA LEU D 407 -27.63 30.41 20.93
C LEU D 407 -27.06 31.26 22.08
N THR D 408 -26.03 30.76 22.76
CA THR D 408 -25.43 31.50 23.86
C THR D 408 -24.69 32.74 23.36
N SER D 409 -24.11 32.64 22.17
CA SER D 409 -23.42 33.78 21.59
C SER D 409 -24.50 34.83 21.35
N ARG D 410 -25.75 34.36 21.29
CA ARG D 410 -26.88 35.22 21.05
C ARG D 410 -27.34 35.88 22.35
N GLY D 411 -26.75 35.46 23.47
CA GLY D 411 -27.10 36.02 24.76
C GLY D 411 -28.06 35.23 25.64
N LEU D 412 -28.65 34.17 25.09
CA LEU D 412 -29.59 33.39 25.88
C LEU D 412 -29.00 32.90 27.19
N LEU D 413 -29.77 33.03 28.25
CA LEU D 413 -29.31 32.59 29.56
C LEU D 413 -30.13 31.36 29.94
N GLU D 414 -29.94 30.85 31.15
CA GLU D 414 -30.66 29.66 31.61
C GLU D 414 -32.17 29.65 31.43
N LYS D 415 -32.86 30.67 31.96
CA LYS D 415 -34.30 30.77 31.82
C LYS D 415 -34.72 30.59 30.36
N ASP D 416 -33.99 31.27 29.48
CA ASP D 416 -34.24 31.22 28.04
C ASP D 416 -34.09 29.79 27.50
N PHE D 417 -33.01 29.12 27.88
CA PHE D 417 -32.77 27.75 27.44
C PHE D 417 -33.80 26.81 28.03
N GLN D 418 -34.43 27.24 29.11
CA GLN D 418 -35.47 26.43 29.71
C GLN D 418 -36.65 26.48 28.73
N LYS D 419 -36.96 27.67 28.21
CA LYS D 419 -38.05 27.80 27.24
C LYS D 419 -37.73 27.07 25.93
N VAL D 420 -36.46 26.96 25.61
CA VAL D 420 -36.03 26.27 24.40
C VAL D 420 -36.28 24.78 24.54
N ALA D 421 -35.98 24.27 25.73
CA ALA D 421 -36.20 22.87 26.01
C ALA D 421 -37.66 22.53 25.78
N HIS D 422 -38.54 23.46 26.13
CA HIS D 422 -39.97 23.24 25.94
C HIS D 422 -40.32 23.28 24.47
N PHE D 423 -39.69 24.19 23.73
CA PHE D 423 -40.02 24.27 22.32
C PHE D 423 -39.62 22.96 21.64
N ILE D 424 -38.45 22.44 22.02
CA ILE D 424 -37.96 21.18 21.46
C ILE D 424 -38.93 20.08 21.86
N HIS D 425 -39.31 20.08 23.14
CA HIS D 425 -40.25 19.08 23.68
C HIS D 425 -41.49 19.00 22.79
N ARG D 426 -42.16 20.13 22.61
CA ARG D 426 -43.35 20.16 21.78
C ARG D 426 -43.02 19.62 20.39
N GLY D 427 -41.84 19.95 19.89
CA GLY D 427 -41.46 19.46 18.58
C GLY D 427 -41.49 17.95 18.55
N ILE D 428 -40.98 17.33 19.61
CA ILE D 428 -40.94 15.86 19.72
C ILE D 428 -42.33 15.25 19.80
N GLU D 429 -43.25 15.91 20.52
CA GLU D 429 -44.63 15.41 20.64
C GLU D 429 -45.28 15.43 19.26
N LEU D 430 -44.93 16.43 18.46
CA LEU D 430 -45.45 16.57 17.10
C LEU D 430 -44.74 15.60 16.17
N THR D 431 -43.74 14.92 16.72
CA THR D 431 -42.96 13.95 15.97
C THR D 431 -43.50 12.55 16.22
N VAL D 432 -43.65 12.19 17.49
CA VAL D 432 -44.20 10.88 17.85
C VAL D 432 -45.56 10.82 17.19
N GLN D 433 -46.08 12.01 16.91
CA GLN D 433 -47.39 12.21 16.28
C GLN D 433 -47.34 11.71 14.85
N ILE D 434 -46.74 12.50 13.97
CA ILE D 434 -46.62 12.13 12.57
C ILE D 434 -46.09 10.69 12.40
N GLN D 435 -45.34 10.20 13.38
CA GLN D 435 -44.81 8.86 13.31
C GLN D 435 -45.95 7.84 13.44
N ASP D 436 -46.68 7.90 14.55
CA ASP D 436 -47.82 6.99 14.79
C ASP D 436 -48.78 7.08 13.62
N ASP D 437 -48.76 8.24 12.96
CA ASP D 437 -49.60 8.54 11.81
C ASP D 437 -48.94 8.06 10.53
N THR D 438 -47.75 7.48 10.68
CA THR D 438 -46.97 6.96 9.58
C THR D 438 -46.86 5.44 9.76
N GLY D 439 -47.18 4.68 8.72
CA GLY D 439 -47.11 3.22 8.81
C GLY D 439 -45.81 2.74 9.43
N PRO D 440 -45.86 1.89 10.47
CA PRO D 440 -44.67 1.35 11.15
C PRO D 440 -43.64 0.72 10.21
N ARG D 441 -44.03 0.53 8.94
CA ARG D 441 -43.11 -0.01 7.95
C ARG D 441 -42.10 1.11 7.85
N ALA D 442 -42.57 2.28 8.29
CA ALA D 442 -41.81 3.51 8.34
C ALA D 442 -41.10 3.91 7.06
N THR D 443 -41.88 4.21 6.02
CA THR D 443 -41.32 4.66 4.77
C THR D 443 -40.89 6.11 5.03
N LEU D 444 -40.07 6.27 6.07
CA LEU D 444 -39.56 7.58 6.50
C LEU D 444 -38.90 8.37 5.37
N LYS D 445 -38.89 7.78 4.18
CA LYS D 445 -38.31 8.44 3.02
C LYS D 445 -39.47 9.09 2.29
N GLU D 446 -40.61 9.16 2.98
CA GLU D 446 -41.83 9.76 2.48
C GLU D 446 -42.46 10.50 3.66
N PHE D 447 -41.98 10.12 4.86
CA PHE D 447 -42.40 10.76 6.11
C PHE D 447 -42.12 12.21 5.83
N LYS D 448 -40.99 12.45 5.18
CA LYS D 448 -40.55 13.79 4.79
C LYS D 448 -41.61 14.40 3.89
N GLU D 449 -42.33 13.55 3.17
CA GLU D 449 -43.37 13.98 2.26
C GLU D 449 -44.72 14.05 2.99
N LYS D 450 -44.86 13.28 4.06
CA LYS D 450 -46.09 13.28 4.85
C LYS D 450 -46.11 14.55 5.68
N LEU D 451 -44.94 15.16 5.86
CA LEU D 451 -44.86 16.41 6.59
C LEU D 451 -45.26 17.45 5.56
N ALA D 452 -44.87 17.19 4.32
CA ALA D 452 -45.16 18.07 3.20
C ALA D 452 -46.60 17.95 2.71
N GLY D 453 -47.16 19.08 2.28
CA GLY D 453 -48.52 19.10 1.77
C GLY D 453 -49.60 18.93 2.83
N ASP D 454 -49.50 17.86 3.61
CA ASP D 454 -50.49 17.56 4.65
C ASP D 454 -50.84 18.72 5.58
N GLU D 455 -51.82 19.51 5.16
CA GLU D 455 -52.30 20.63 5.96
C GLU D 455 -53.02 19.98 7.13
N LYS D 456 -52.42 20.09 8.32
CA LYS D 456 -52.94 19.50 9.54
C LYS D 456 -51.69 19.49 10.39
N HIS D 457 -50.62 18.98 9.77
CA HIS D 457 -49.31 18.89 10.38
C HIS D 457 -48.61 20.20 10.05
N GLN D 458 -48.76 20.60 8.79
CA GLN D 458 -48.16 21.85 8.33
C GLN D 458 -48.74 22.98 9.17
N ARG D 459 -49.98 22.77 9.65
CA ARG D 459 -50.69 23.74 10.49
C ARG D 459 -49.97 23.86 11.82
N ALA D 460 -49.69 22.70 12.41
CA ALA D 460 -49.00 22.63 13.69
C ALA D 460 -47.59 23.19 13.53
N VAL D 461 -46.93 22.78 12.46
CA VAL D 461 -45.59 23.24 12.17
C VAL D 461 -45.54 24.76 12.24
N ARG D 462 -46.53 25.40 11.61
CA ARG D 462 -46.61 26.85 11.59
C ARG D 462 -46.87 27.44 12.97
N ALA D 463 -47.81 26.84 13.70
CA ALA D 463 -48.14 27.31 15.03
C ALA D 463 -46.89 27.33 15.90
N LEU D 464 -46.11 26.24 15.88
CA LEU D 464 -44.89 26.16 16.68
C LEU D 464 -43.80 27.06 16.13
N ARG D 465 -43.56 26.94 14.83
CA ARG D 465 -42.55 27.74 14.17
C ARG D 465 -42.77 29.21 14.50
N GLN D 466 -44.02 29.63 14.50
CA GLN D 466 -44.32 31.02 14.82
C GLN D 466 -43.71 31.38 16.18
N GLU D 467 -44.17 30.71 17.24
CA GLU D 467 -43.69 30.98 18.59
C GLU D 467 -42.16 30.92 18.76
N VAL D 468 -41.51 30.01 18.05
CA VAL D 468 -40.08 29.88 18.14
C VAL D 468 -39.37 31.09 17.52
N GLU D 469 -39.86 31.57 16.38
CA GLU D 469 -39.24 32.71 15.73
C GLU D 469 -39.51 34.02 16.49
N SER D 470 -40.68 34.14 17.09
CA SER D 470 -40.98 35.33 17.86
C SER D 470 -40.02 35.37 19.03
N PHE D 471 -39.80 34.23 19.66
CA PHE D 471 -38.89 34.15 20.79
C PHE D 471 -37.42 34.39 20.44
N ALA D 472 -36.97 33.84 19.32
CA ALA D 472 -35.58 34.02 18.95
C ALA D 472 -35.24 35.44 18.51
N ALA D 473 -36.23 36.16 17.96
CA ALA D 473 -35.97 37.52 17.51
C ALA D 473 -35.65 38.45 18.68
N LEU D 474 -35.98 38.00 19.90
CA LEU D 474 -35.72 38.77 21.13
C LEU D 474 -34.23 38.99 21.40
N PHE D 475 -33.39 38.18 20.74
CA PHE D 475 -31.95 38.25 20.95
C PHE D 475 -31.17 38.70 19.71
N PRO D 476 -30.02 39.35 19.92
CA PRO D 476 -29.11 39.87 18.90
C PRO D 476 -28.45 38.81 18.03
N LEU D 477 -28.27 39.15 16.76
CA LEU D 477 -27.63 38.26 15.80
C LEU D 477 -26.24 38.76 15.46
N PRO D 478 -25.20 38.24 16.14
CA PRO D 478 -23.81 38.65 15.88
C PRO D 478 -23.50 38.64 14.38
N GLY D 479 -22.40 39.27 14.01
CA GLY D 479 -22.03 39.32 12.61
C GLY D 479 -22.27 40.71 12.09
N LEU D 480 -22.16 40.87 10.78
CA LEU D 480 -22.36 42.16 10.14
C LEU D 480 -23.78 42.68 10.42
N PRO D 481 -24.25 43.70 9.69
CA PRO D 481 -25.61 44.17 9.96
C PRO D 481 -26.64 43.05 9.71
N GLY D 482 -27.66 43.34 8.91
CA GLY D 482 -28.64 42.32 8.59
C GLY D 482 -28.07 41.52 7.43
N PHE D 483 -26.76 41.39 7.45
CA PHE D 483 -25.99 40.68 6.42
C PHE D 483 -25.28 39.45 7.02
#